data_7E8P
#
_entry.id   7E8P
#
_cell.length_a   97.817
_cell.length_b   161.855
_cell.length_c   168.647
_cell.angle_alpha   90.000
_cell.angle_beta   90.000
_cell.angle_gamma   90.000
#
_symmetry.space_group_name_H-M   'P 21 21 21'
#
loop_
_entity.id
_entity.type
_entity.pdbx_description
1 polymer 'Chlorophenol monooxygenase'
2 non-polymer 'DIHYDROFLAVINE-ADENINE DINUCLEOTIDE'
3 non-polymer P-NITROPHENOL
4 water water
#
_entity_poly.entity_id   1
_entity_poly.type   'polypeptide(L)'
_entity_poly.pdbx_seq_one_letter_code
;MIRTGTQYLESLNDGRNVWVGNEKIDNVATHPKTRDYAQRHADFYDLHHRPDLQDVMTYIDEGGQRRAMQWFGHRDKEQL
RRKRKYHETVMREMAGASFPRTPDVNNYVLTTYIDDPAPWETQSIGDDGHIKAGKIVDFIRYAREHDLNCAPQFVDPQMD
RSNPDAQERSPGLRVVEKNEKGIVVNGVKAIGTGVAFADWIHIGVFFRPGIPGDQVIFAATPVNTPGVTIVCRESLVKDD
KVEHPLAAQGDELDGMTVFENVFIPWSHVFHIGNPNHAKLYPQRVFDWLHYHALIRQMVRAELVAGLAVLITEHIGTNKI
PAVQTRVAKLIGFHQAMLAHLIASEELGFHTPGGHYKPNILIYDFGRALYLENFSQMIYELVDLSGRSALIFASEDQWND
DKLNGWFERMNNGPVGRPHDRVKIGRVIRDLFLTDWGSRLFVFENFNGTPLQGIRMLTMQRAEFSGSGPYGKLARQVCGI
DSAVTDDTEYRKTADYAKALDAARHQEEVALAGAMAI
;
_entity_poly.pdbx_strand_id   A,B,C,D
#
loop_
_chem_comp.id
_chem_comp.type
_chem_comp.name
_chem_comp.formula
FDA non-polymer 'DIHYDROFLAVINE-ADENINE DINUCLEOTIDE' 'C27 H35 N9 O15 P2'
NPO non-polymer P-NITROPHENOL 'C6 H5 N O3'
#
# COMPACT_ATOMS: atom_id res chain seq x y z
N MET A 1 0.60 42.81 -31.82
CA MET A 1 1.55 41.66 -31.61
C MET A 1 1.09 40.83 -30.40
N ILE A 2 1.91 39.85 -30.01
CA ILE A 2 1.72 38.98 -28.81
C ILE A 2 2.13 39.77 -27.56
N ARG A 3 1.32 39.69 -26.51
CA ARG A 3 1.55 40.46 -25.26
C ARG A 3 2.96 40.17 -24.76
N THR A 4 3.63 41.20 -24.23
CA THR A 4 4.97 41.12 -23.58
C THR A 4 4.78 41.15 -22.06
N GLY A 5 5.79 40.72 -21.31
CA GLY A 5 5.79 40.74 -19.83
C GLY A 5 5.57 42.13 -19.23
N THR A 6 6.24 43.14 -19.79
CA THR A 6 6.14 44.56 -19.36
C THR A 6 4.69 45.03 -19.50
N GLN A 7 4.02 44.70 -20.60
CA GLN A 7 2.59 45.07 -20.84
C GLN A 7 1.73 44.39 -19.75
N TYR A 8 1.98 43.11 -19.49
CA TYR A 8 1.32 42.35 -18.41
C TYR A 8 1.49 43.09 -17.07
N LEU A 9 2.73 43.25 -16.58
CA LEU A 9 2.96 43.84 -15.23
C LEU A 9 2.34 45.24 -15.18
N GLU A 10 2.35 46.00 -16.27
CA GLU A 10 1.78 47.38 -16.26
C GLU A 10 0.27 47.27 -16.02
N SER A 11 -0.39 46.27 -16.62
CA SER A 11 -1.87 46.14 -16.65
C SER A 11 -2.41 45.71 -15.28
N LEU A 12 -1.54 45.23 -14.37
CA LEU A 12 -1.93 44.81 -13.00
C LEU A 12 -2.24 46.06 -12.16
N ASN A 13 -1.76 47.24 -12.54
CA ASN A 13 -2.03 48.51 -11.82
C ASN A 13 -3.34 49.11 -12.35
N ASP A 14 -4.46 48.51 -11.95
CA ASP A 14 -5.78 48.66 -12.59
C ASP A 14 -6.88 48.95 -11.54
N GLY A 15 -6.52 49.13 -10.28
CA GLY A 15 -7.51 49.40 -9.22
C GLY A 15 -7.94 48.17 -8.45
N ARG A 16 -7.50 46.97 -8.83
CA ARG A 16 -8.05 45.70 -8.28
C ARG A 16 -7.92 45.69 -6.75
N ASN A 17 -8.96 45.18 -6.08
CA ASN A 17 -9.05 45.12 -4.60
C ASN A 17 -8.66 43.71 -4.14
N VAL A 18 -7.48 43.60 -3.54
CA VAL A 18 -6.78 42.31 -3.28
C VAL A 18 -6.28 42.28 -1.83
N TRP A 19 -6.70 41.27 -1.07
CA TRP A 19 -6.00 40.88 0.18
C TRP A 19 -5.01 39.77 -0.14
N VAL A 20 -3.84 39.84 0.51
CA VAL A 20 -2.96 38.66 0.70
C VAL A 20 -2.68 38.56 2.19
N GLY A 21 -3.19 37.51 2.83
CA GLY A 21 -3.22 37.42 4.30
C GLY A 21 -3.77 38.70 4.94
N ASN A 22 -3.11 39.22 5.99
CA ASN A 22 -3.63 40.35 6.81
C ASN A 22 -3.46 41.68 6.05
N GLU A 23 -2.86 41.63 4.85
CA GLU A 23 -2.41 42.82 4.06
C GLU A 23 -3.29 43.07 2.82
N LYS A 24 -3.33 44.35 2.44
CA LYS A 24 -3.99 44.90 1.25
C LYS A 24 -2.93 45.22 0.20
N ILE A 25 -3.10 44.81 -1.06
CA ILE A 25 -2.05 44.96 -2.10
C ILE A 25 -2.28 46.21 -2.96
N ASP A 26 -1.35 47.16 -2.85
CA ASP A 26 -1.36 48.44 -3.60
C ASP A 26 -1.34 48.13 -5.09
N ASN A 27 -0.36 47.30 -5.51
CA ASN A 27 -0.07 46.94 -6.93
C ASN A 27 0.53 45.52 -6.93
N VAL A 28 -0.22 44.54 -7.43
CA VAL A 28 0.25 43.13 -7.47
C VAL A 28 1.65 43.05 -8.12
N ALA A 29 1.97 43.87 -9.13
CA ALA A 29 3.22 43.74 -9.93
C ALA A 29 4.46 44.11 -9.11
N THR A 30 4.35 44.90 -8.04
CA THR A 30 5.50 45.51 -7.31
C THR A 30 5.52 45.16 -5.81
N HIS A 31 4.40 44.70 -5.23
CA HIS A 31 4.34 44.35 -3.78
C HIS A 31 5.28 43.19 -3.46
N PRO A 32 6.08 43.27 -2.37
CA PRO A 32 6.92 42.15 -1.91
C PRO A 32 6.30 40.74 -1.97
N LYS A 33 5.04 40.61 -1.58
CA LYS A 33 4.40 39.30 -1.32
C LYS A 33 3.93 38.67 -2.63
N THR A 34 3.85 39.46 -3.70
CA THR A 34 3.22 39.06 -4.98
C THR A 34 4.12 39.32 -6.20
N ARG A 35 5.19 40.11 -6.09
CA ARG A 35 5.92 40.57 -7.30
C ARG A 35 6.63 39.39 -7.97
N ASP A 36 7.09 38.42 -7.18
CA ASP A 36 7.91 37.30 -7.69
C ASP A 36 7.02 36.46 -8.61
N TYR A 37 5.82 36.08 -8.18
CA TYR A 37 4.90 35.28 -9.01
C TYR A 37 4.34 36.13 -10.15
N ALA A 38 4.28 37.46 -9.97
CA ALA A 38 3.85 38.34 -11.07
C ALA A 38 4.92 38.32 -12.18
N GLN A 39 6.19 38.25 -11.79
CA GLN A 39 7.33 38.20 -12.73
C GLN A 39 7.36 36.84 -13.42
N ARG A 40 6.87 35.80 -12.76
CA ARG A 40 6.77 34.45 -13.36
C ARG A 40 5.78 34.53 -14.53
N HIS A 41 4.61 35.16 -14.35
CA HIS A 41 3.66 35.39 -15.47
C HIS A 41 4.32 36.27 -16.53
N ALA A 42 5.06 37.30 -16.13
CA ALA A 42 5.80 38.13 -17.10
C ALA A 42 6.70 37.21 -17.92
N ASP A 43 7.50 36.35 -17.26
CA ASP A 43 8.43 35.38 -17.90
C ASP A 43 7.64 34.53 -18.90
N PHE A 44 6.52 33.93 -18.47
CA PHE A 44 5.61 33.16 -19.36
C PHE A 44 5.40 33.95 -20.66
N TYR A 45 5.00 35.22 -20.57
CA TYR A 45 4.64 36.03 -21.77
C TYR A 45 5.89 36.19 -22.63
N ASP A 46 7.02 36.49 -21.96
CA ASP A 46 8.36 36.71 -22.57
C ASP A 46 8.90 35.45 -23.28
N LEU A 47 8.43 34.25 -22.94
CA LEU A 47 8.92 33.01 -23.61
C LEU A 47 8.41 32.97 -25.06
N HIS A 48 7.32 33.67 -25.35
CA HIS A 48 6.70 33.72 -26.70
C HIS A 48 7.48 34.69 -27.60
N HIS A 49 8.41 35.47 -27.05
CA HIS A 49 9.26 36.43 -27.83
C HIS A 49 10.69 35.89 -28.03
N ARG A 50 11.03 34.76 -27.39
CA ARG A 50 12.39 34.13 -27.44
C ARG A 50 12.58 33.43 -28.79
N PRO A 51 13.45 33.94 -29.70
CA PRO A 51 13.60 33.34 -31.03
C PRO A 51 13.96 31.85 -31.09
N ASP A 52 14.70 31.33 -30.11
CA ASP A 52 15.05 29.88 -30.08
C ASP A 52 13.80 29.02 -29.80
N LEU A 53 12.68 29.65 -29.42
CA LEU A 53 11.46 28.94 -28.96
C LEU A 53 10.24 29.34 -29.79
N GLN A 54 10.40 30.02 -30.93
CA GLN A 54 9.24 30.54 -31.72
C GLN A 54 8.48 29.38 -32.36
N ASP A 55 9.19 28.36 -32.85
CA ASP A 55 8.61 27.14 -33.49
C ASP A 55 7.63 26.42 -32.55
N VAL A 56 7.94 26.41 -31.25
CA VAL A 56 7.23 25.62 -30.21
C VAL A 56 6.16 26.49 -29.55
N MET A 57 6.45 27.79 -29.36
CA MET A 57 5.65 28.70 -28.49
C MET A 57 4.56 29.42 -29.28
N THR A 58 4.70 29.51 -30.60
CA THR A 58 3.86 30.38 -31.46
C THR A 58 3.43 29.58 -32.69
N TYR A 59 2.44 30.10 -33.40
CA TYR A 59 1.91 29.52 -34.65
C TYR A 59 1.35 30.66 -35.52
N ILE A 60 1.30 30.45 -36.83
CA ILE A 60 0.66 31.39 -37.79
C ILE A 60 -0.80 30.95 -37.92
N ASP A 61 -1.76 31.84 -37.61
CA ASP A 61 -3.22 31.59 -37.74
C ASP A 61 -3.62 31.82 -39.21
N GLU A 62 -4.81 31.38 -39.63
CA GLU A 62 -5.19 31.41 -41.07
C GLU A 62 -5.18 32.87 -41.59
N GLY A 63 -5.47 33.84 -40.73
CA GLY A 63 -5.41 35.29 -41.05
C GLY A 63 -4.01 35.79 -41.39
N GLY A 64 -2.97 35.02 -41.07
CA GLY A 64 -1.55 35.36 -41.33
C GLY A 64 -0.83 35.87 -40.09
N GLN A 65 -1.57 36.07 -38.98
CA GLN A 65 -1.06 36.62 -37.70
C GLN A 65 -0.43 35.50 -36.84
N ARG A 66 0.76 35.79 -36.30
CA ARG A 66 1.50 34.95 -35.33
C ARG A 66 0.86 35.10 -33.94
N ARG A 67 0.52 33.98 -33.30
CA ARG A 67 -0.19 33.96 -31.99
C ARG A 67 0.55 33.03 -31.02
N ALA A 68 0.34 33.24 -29.72
CA ALA A 68 0.80 32.31 -28.66
C ALA A 68 0.13 30.95 -28.88
N MET A 69 0.83 29.85 -28.61
CA MET A 69 0.24 28.52 -28.79
C MET A 69 -0.91 28.29 -27.79
N GLN A 70 -1.01 29.06 -26.69
CA GLN A 70 -2.10 28.85 -25.69
C GLN A 70 -3.46 29.08 -26.34
N TRP A 71 -3.51 29.66 -27.53
CA TRP A 71 -4.75 29.90 -28.34
C TRP A 71 -4.93 28.86 -29.45
N PHE A 72 -3.98 27.95 -29.62
CA PHE A 72 -3.95 26.96 -30.72
C PHE A 72 -5.01 25.90 -30.40
N GLY A 73 -6.02 25.77 -31.27
CA GLY A 73 -6.96 24.63 -31.33
C GLY A 73 -6.28 23.44 -31.99
N HIS A 74 -6.60 22.21 -31.55
CA HIS A 74 -6.10 20.96 -32.18
C HIS A 74 -7.27 20.11 -32.73
N ARG A 75 -7.17 19.73 -34.01
CA ARG A 75 -8.23 18.98 -34.75
C ARG A 75 -7.76 17.57 -35.12
N ASP A 76 -6.54 17.17 -34.74
CA ASP A 76 -6.04 15.79 -34.94
C ASP A 76 -4.97 15.50 -33.88
N LYS A 77 -4.41 14.30 -33.91
CA LYS A 77 -3.43 13.82 -32.93
C LYS A 77 -2.13 14.64 -33.06
N GLU A 78 -1.65 14.91 -34.26
CA GLU A 78 -0.38 15.68 -34.48
C GLU A 78 -0.51 17.06 -33.85
N GLN A 79 -1.66 17.72 -34.05
CA GLN A 79 -1.96 19.07 -33.49
C GLN A 79 -2.00 18.97 -31.95
N LEU A 80 -2.60 17.92 -31.39
CA LEU A 80 -2.56 17.68 -29.92
C LEU A 80 -1.11 17.63 -29.41
N ARG A 81 -0.22 16.91 -30.09
CA ARG A 81 1.19 16.70 -29.64
C ARG A 81 1.93 18.05 -29.62
N ARG A 82 1.68 18.89 -30.61
CA ARG A 82 2.24 20.26 -30.71
C ARG A 82 1.80 21.11 -29.51
N LYS A 83 0.51 21.07 -29.15
CA LYS A 83 -0.03 21.72 -27.92
C LYS A 83 0.68 21.15 -26.68
N ARG A 84 0.81 19.84 -26.59
CA ARG A 84 1.39 19.19 -25.38
C ARG A 84 2.87 19.59 -25.28
N LYS A 85 3.56 19.64 -26.42
CA LYS A 85 4.96 20.09 -26.53
C LYS A 85 5.06 21.53 -26.00
N TYR A 86 4.07 22.38 -26.28
CA TYR A 86 4.03 23.78 -25.78
C TYR A 86 3.82 23.80 -24.26
N HIS A 87 2.82 23.07 -23.76
CA HIS A 87 2.54 23.04 -22.31
C HIS A 87 3.77 22.50 -21.57
N GLU A 88 4.36 21.42 -22.10
CA GLU A 88 5.54 20.74 -21.49
C GLU A 88 6.71 21.73 -21.43
N THR A 89 7.01 22.42 -22.52
CA THR A 89 8.12 23.40 -22.59
C THR A 89 7.88 24.50 -21.54
N VAL A 90 6.66 25.03 -21.43
CA VAL A 90 6.36 26.11 -20.45
C VAL A 90 6.63 25.62 -19.03
N MET A 91 6.18 24.43 -18.64
CA MET A 91 6.37 23.97 -17.24
C MET A 91 7.84 23.59 -17.01
N ARG A 92 8.57 23.11 -18.02
CA ARG A 92 10.02 22.80 -17.87
C ARG A 92 10.79 24.11 -17.73
N GLU A 93 10.41 25.11 -18.52
CA GLU A 93 11.08 26.44 -18.51
C GLU A 93 10.81 27.11 -17.16
N MET A 94 9.70 26.79 -16.50
CA MET A 94 9.30 27.47 -15.25
C MET A 94 9.40 26.53 -14.04
N ALA A 95 10.64 26.38 -13.53
CA ALA A 95 11.00 25.72 -12.26
C ALA A 95 10.33 24.34 -12.13
N GLY A 96 10.33 23.56 -13.20
CA GLY A 96 10.05 22.12 -13.13
C GLY A 96 8.62 21.86 -12.75
N ALA A 97 7.70 22.52 -13.48
CA ALA A 97 6.25 22.43 -13.27
C ALA A 97 5.90 22.89 -11.84
N SER A 98 6.66 23.80 -11.27
CA SER A 98 6.41 24.32 -9.91
C SER A 98 5.31 25.39 -9.94
N PHE A 99 4.88 25.88 -11.11
CA PHE A 99 3.81 26.90 -11.24
C PHE A 99 2.68 26.37 -12.13
N PRO A 100 1.75 25.57 -11.58
CA PRO A 100 0.78 24.86 -12.41
C PRO A 100 -0.38 25.65 -13.04
N ARG A 101 -0.55 26.92 -12.74
CA ARG A 101 -1.64 27.73 -13.33
C ARG A 101 -1.05 28.97 -14.02
N THR A 102 -0.18 28.73 -14.99
CA THR A 102 0.25 29.72 -16.01
C THR A 102 -0.94 29.92 -16.95
N PRO A 103 -1.04 31.08 -17.64
CA PRO A 103 -2.24 31.42 -18.39
C PRO A 103 -2.58 30.33 -19.40
N ASP A 104 -1.56 29.64 -19.92
CA ASP A 104 -1.79 28.56 -20.92
C ASP A 104 -2.76 27.52 -20.35
N VAL A 105 -2.72 27.25 -19.04
CA VAL A 105 -3.62 26.23 -18.41
C VAL A 105 -5.01 26.82 -18.22
N ASN A 106 -5.09 28.00 -17.63
CA ASN A 106 -6.34 28.75 -17.34
C ASN A 106 -7.16 28.79 -18.62
N ASN A 107 -6.56 29.19 -19.73
CA ASN A 107 -7.30 29.56 -20.96
C ASN A 107 -7.62 28.29 -21.78
N TYR A 108 -6.87 27.20 -21.57
CA TYR A 108 -7.10 25.92 -22.28
C TYR A 108 -8.59 25.54 -22.21
N VAL A 109 -9.26 25.74 -21.08
CA VAL A 109 -10.67 25.27 -20.88
C VAL A 109 -11.64 26.04 -21.78
N LEU A 110 -11.25 27.22 -22.30
CA LEU A 110 -12.18 28.07 -23.08
C LEU A 110 -12.55 27.37 -24.39
N THR A 111 -11.72 26.42 -24.83
CA THR A 111 -11.87 25.73 -26.14
C THR A 111 -13.19 24.95 -26.21
N THR A 112 -13.74 24.47 -25.09
CA THR A 112 -15.08 23.80 -25.03
C THR A 112 -16.21 24.75 -25.50
N TYR A 113 -16.16 26.03 -25.15
CA TYR A 113 -17.20 26.99 -25.63
C TYR A 113 -17.12 27.14 -27.17
N ILE A 114 -15.90 27.27 -27.71
CA ILE A 114 -15.58 27.43 -29.17
C ILE A 114 -16.08 26.19 -29.93
N ASP A 115 -15.83 25.02 -29.38
CA ASP A 115 -16.18 23.73 -30.00
C ASP A 115 -17.68 23.61 -30.23
N ASP A 116 -18.53 24.07 -29.30
CA ASP A 116 -20.01 23.92 -29.38
C ASP A 116 -20.64 24.97 -28.46
N PRO A 117 -20.82 26.22 -28.94
CA PRO A 117 -21.34 27.29 -28.09
C PRO A 117 -22.87 27.32 -27.91
N ALA A 118 -23.63 26.87 -28.90
CA ALA A 118 -25.10 26.97 -28.93
C ALA A 118 -25.72 26.40 -27.64
N PRO A 119 -25.37 25.16 -27.20
CA PRO A 119 -26.11 24.58 -26.08
C PRO A 119 -26.08 25.48 -24.84
N TRP A 120 -25.04 26.28 -24.67
CA TRP A 120 -24.90 27.21 -23.52
C TRP A 120 -26.06 28.22 -23.53
N GLU A 121 -26.36 28.75 -24.71
CA GLU A 121 -27.48 29.69 -25.01
C GLU A 121 -28.79 28.93 -24.88
N THR A 122 -28.98 27.84 -25.62
CA THR A 122 -30.34 27.26 -25.85
C THR A 122 -30.83 26.60 -24.56
N GLN A 123 -29.93 26.08 -23.72
CA GLN A 123 -30.33 25.42 -22.44
C GLN A 123 -30.48 26.46 -21.34
N SER A 124 -30.15 27.73 -21.56
CA SER A 124 -30.29 28.79 -20.53
C SER A 124 -31.76 28.89 -20.11
N ILE A 125 -32.01 29.34 -18.89
CA ILE A 125 -33.34 29.65 -18.32
C ILE A 125 -33.30 31.03 -17.67
N GLY A 126 -34.22 31.91 -18.10
CA GLY A 126 -34.51 33.18 -17.42
C GLY A 126 -33.64 34.31 -17.93
N ASP A 127 -32.96 34.13 -19.06
CA ASP A 127 -32.13 35.18 -19.72
C ASP A 127 -33.00 36.05 -20.62
N ASP A 128 -34.27 35.70 -20.83
CA ASP A 128 -35.24 36.38 -21.73
C ASP A 128 -34.60 36.60 -23.11
N GLY A 129 -33.86 35.60 -23.59
CA GLY A 129 -33.23 35.51 -24.92
C GLY A 129 -32.16 36.56 -25.20
N HIS A 130 -31.38 36.94 -24.18
CA HIS A 130 -30.28 37.94 -24.26
C HIS A 130 -28.90 37.24 -24.37
N ILE A 131 -28.77 36.01 -23.89
CA ILE A 131 -27.51 35.22 -24.03
C ILE A 131 -27.40 34.78 -25.49
N LYS A 132 -26.24 34.98 -26.11
CA LYS A 132 -26.01 34.75 -27.56
C LYS A 132 -24.72 33.92 -27.75
N ALA A 133 -24.82 32.76 -28.41
CA ALA A 133 -23.68 31.89 -28.73
C ALA A 133 -22.56 32.73 -29.38
N GLY A 134 -22.91 33.60 -30.33
CA GLY A 134 -21.99 34.53 -31.00
C GLY A 134 -21.20 35.41 -30.03
N LYS A 135 -21.82 35.83 -28.92
CA LYS A 135 -21.16 36.70 -27.92
C LYS A 135 -20.15 35.87 -27.11
N ILE A 136 -20.41 34.58 -26.91
CA ILE A 136 -19.50 33.67 -26.17
C ILE A 136 -18.21 33.57 -26.98
N VAL A 137 -18.36 33.18 -28.24
CA VAL A 137 -17.24 33.08 -29.21
C VAL A 137 -16.55 34.44 -29.27
N ASP A 138 -17.30 35.54 -29.26
CA ASP A 138 -16.72 36.91 -29.32
C ASP A 138 -15.86 37.16 -28.08
N PHE A 139 -16.35 36.87 -26.87
CA PHE A 139 -15.54 37.07 -25.65
C PHE A 139 -14.22 36.31 -25.79
N ILE A 140 -14.27 35.05 -26.21
CA ILE A 140 -13.05 34.20 -26.28
C ILE A 140 -12.08 34.76 -27.32
N ARG A 141 -12.57 35.18 -28.49
CA ARG A 141 -11.78 35.82 -29.58
C ARG A 141 -11.09 37.08 -29.05
N TYR A 142 -11.77 37.83 -28.19
CA TYR A 142 -11.27 39.04 -27.49
C TYR A 142 -10.12 38.64 -26.57
N ALA A 143 -10.25 37.52 -25.85
CA ALA A 143 -9.21 37.01 -24.92
C ALA A 143 -7.95 36.69 -25.73
N ARG A 144 -8.13 35.92 -26.81
CA ARG A 144 -7.07 35.57 -27.76
C ARG A 144 -6.36 36.84 -28.26
N GLU A 145 -7.11 37.83 -28.75
CA GLU A 145 -6.53 39.02 -29.43
C GLU A 145 -5.63 39.78 -28.46
N HIS A 146 -5.97 39.77 -27.17
CA HIS A 146 -5.27 40.56 -26.12
C HIS A 146 -4.43 39.66 -25.20
N ASP A 147 -4.32 38.36 -25.47
CA ASP A 147 -3.54 37.41 -24.64
C ASP A 147 -3.93 37.58 -23.18
N LEU A 148 -5.24 37.57 -22.91
CA LEU A 148 -5.81 37.77 -21.54
C LEU A 148 -5.85 36.46 -20.78
N ASN A 149 -5.56 36.56 -19.49
CA ASN A 149 -5.52 35.46 -18.50
C ASN A 149 -6.91 35.37 -17.87
N CYS A 150 -7.72 34.41 -18.31
CA CYS A 150 -9.07 34.07 -17.77
C CYS A 150 -8.95 32.97 -16.70
N ALA A 151 -8.90 33.34 -15.42
CA ALA A 151 -8.77 32.42 -14.28
C ALA A 151 -10.13 31.77 -14.00
N PRO A 152 -10.23 30.43 -14.10
CA PRO A 152 -11.48 29.73 -13.79
C PRO A 152 -11.80 29.55 -12.30
N GLN A 153 -12.96 30.05 -11.87
CA GLN A 153 -13.53 29.82 -10.51
C GLN A 153 -14.86 29.12 -10.67
N PHE A 154 -14.94 27.81 -10.41
CA PHE A 154 -16.17 27.02 -10.62
C PHE A 154 -16.69 26.47 -9.31
N VAL A 155 -15.78 26.02 -8.45
CA VAL A 155 -16.10 25.12 -7.31
C VAL A 155 -16.85 25.87 -6.21
N ASP A 156 -17.72 25.13 -5.52
CA ASP A 156 -18.69 25.60 -4.49
C ASP A 156 -17.97 26.00 -3.19
N PRO A 157 -18.66 26.69 -2.26
CA PRO A 157 -18.19 26.81 -0.88
C PRO A 157 -18.13 25.43 -0.21
N GLN A 158 -17.12 25.18 0.62
CA GLN A 158 -17.05 23.99 1.52
C GLN A 158 -17.80 24.31 2.81
N MET A 159 -19.14 24.32 2.79
CA MET A 159 -19.95 24.82 3.93
C MET A 159 -20.40 23.66 4.82
N ASP A 160 -21.09 22.67 4.25
CA ASP A 160 -21.73 21.62 5.06
C ASP A 160 -22.09 20.47 4.13
N ARG A 161 -21.32 19.38 4.16
CA ARG A 161 -21.50 18.21 3.26
C ARG A 161 -22.49 17.22 3.89
N SER A 162 -23.03 17.52 5.09
CA SER A 162 -24.03 16.68 5.82
C SER A 162 -25.37 16.74 5.09
N ASN A 163 -25.76 17.93 4.60
CA ASN A 163 -27.07 18.22 3.96
C ASN A 163 -26.96 18.10 2.45
N PRO A 164 -27.98 17.52 1.77
CA PRO A 164 -28.27 17.83 0.37
C PRO A 164 -29.09 19.13 0.29
N ASP A 165 -29.67 19.54 1.42
CA ASP A 165 -30.51 20.75 1.61
C ASP A 165 -29.60 21.97 1.90
N ALA A 166 -28.28 21.77 1.85
CA ALA A 166 -27.22 22.76 2.20
C ALA A 166 -27.28 23.97 1.26
N GLN A 167 -27.69 23.77 -0.01
CA GLN A 167 -27.49 24.73 -1.12
C GLN A 167 -28.60 25.80 -1.17
N GLU A 168 -29.53 25.78 -0.21
CA GLU A 168 -30.55 26.87 -0.01
C GLU A 168 -29.93 28.00 0.82
N ARG A 169 -28.93 27.68 1.67
CA ARG A 169 -28.27 28.61 2.63
C ARG A 169 -26.97 29.18 2.04
N SER A 170 -26.51 28.63 0.89
CA SER A 170 -25.16 28.81 0.29
C SER A 170 -24.86 30.29 0.10
N PRO A 171 -23.69 30.75 0.59
CA PRO A 171 -23.14 32.06 0.21
C PRO A 171 -22.54 32.06 -1.20
N GLY A 172 -22.64 30.95 -1.92
CA GLY A 172 -22.25 30.89 -3.34
C GLY A 172 -22.92 31.97 -4.16
N LEU A 173 -22.19 32.48 -5.15
CA LEU A 173 -22.59 33.60 -6.05
C LEU A 173 -23.96 33.33 -6.64
N ARG A 174 -24.91 34.25 -6.48
CA ARG A 174 -26.25 34.14 -7.12
C ARG A 174 -26.63 35.42 -7.87
N VAL A 175 -27.54 35.24 -8.81
CA VAL A 175 -28.19 36.33 -9.58
C VAL A 175 -29.23 37.00 -8.68
N VAL A 176 -29.02 38.24 -8.29
CA VAL A 176 -30.01 39.02 -7.48
C VAL A 176 -30.84 39.97 -8.35
N GLU A 177 -30.49 40.20 -9.61
CA GLU A 177 -31.19 41.18 -10.49
C GLU A 177 -30.92 40.80 -11.94
N LYS A 178 -31.92 40.91 -12.81
CA LYS A 178 -31.77 40.75 -14.28
C LYS A 178 -32.52 41.90 -14.93
N ASN A 179 -31.91 42.57 -15.89
CA ASN A 179 -32.50 43.76 -16.56
C ASN A 179 -32.18 43.63 -18.05
N GLU A 180 -32.35 44.71 -18.80
CA GLU A 180 -32.20 44.70 -20.27
C GLU A 180 -30.70 44.65 -20.59
N LYS A 181 -29.86 45.12 -19.66
CA LYS A 181 -28.41 45.35 -19.89
C LYS A 181 -27.60 44.13 -19.43
N GLY A 182 -28.07 43.40 -18.41
CA GLY A 182 -27.36 42.21 -17.90
C GLY A 182 -27.90 41.68 -16.59
N ILE A 183 -27.04 40.97 -15.85
CA ILE A 183 -27.35 40.41 -14.51
C ILE A 183 -26.50 41.16 -13.48
N VAL A 184 -26.98 41.23 -12.23
CA VAL A 184 -26.22 41.59 -11.01
C VAL A 184 -26.08 40.32 -10.17
N VAL A 185 -24.86 40.04 -9.72
CA VAL A 185 -24.51 38.80 -8.98
C VAL A 185 -23.97 39.24 -7.62
N ASN A 186 -24.25 38.44 -6.61
CA ASN A 186 -23.88 38.69 -5.20
C ASN A 186 -23.53 37.38 -4.50
N GLY A 187 -22.35 37.37 -3.87
CA GLY A 187 -21.87 36.27 -3.04
C GLY A 187 -20.45 35.92 -3.40
N VAL A 188 -20.12 34.63 -3.31
CA VAL A 188 -18.71 34.18 -3.29
C VAL A 188 -18.50 33.18 -4.42
N LYS A 189 -17.41 33.29 -5.18
CA LYS A 189 -16.74 32.14 -5.83
C LYS A 189 -15.64 31.70 -4.86
N ALA A 190 -15.86 30.57 -4.20
CA ALA A 190 -15.24 30.25 -2.90
C ALA A 190 -13.76 29.93 -3.10
N ILE A 191 -13.34 29.54 -4.29
CA ILE A 191 -11.93 29.12 -4.47
C ILE A 191 -11.46 29.37 -5.91
N GLY A 192 -10.25 29.90 -6.04
CA GLY A 192 -9.55 30.01 -7.33
C GLY A 192 -8.07 30.15 -7.09
N THR A 193 -7.28 29.76 -8.09
CA THR A 193 -5.80 29.86 -8.08
C THR A 193 -5.44 31.06 -8.95
N GLY A 194 -4.57 31.96 -8.49
CA GLY A 194 -3.91 32.96 -9.37
C GLY A 194 -4.81 34.10 -9.84
N VAL A 195 -6.01 34.24 -9.30
CA VAL A 195 -7.00 35.28 -9.70
C VAL A 195 -6.42 36.68 -9.49
N ALA A 196 -5.68 36.94 -8.41
CA ALA A 196 -5.03 38.26 -8.17
C ALA A 196 -4.04 38.61 -9.29
N PHE A 197 -3.61 37.64 -10.10
CA PHE A 197 -2.61 37.82 -11.19
C PHE A 197 -3.27 37.73 -12.55
N ALA A 198 -4.58 37.49 -12.64
CA ALA A 198 -5.31 37.30 -13.92
C ALA A 198 -5.92 38.64 -14.38
N ASP A 199 -6.57 38.61 -15.55
CA ASP A 199 -7.20 39.79 -16.20
C ASP A 199 -8.72 39.73 -16.01
N TRP A 200 -9.26 38.53 -16.20
CA TRP A 200 -10.70 38.21 -16.20
C TRP A 200 -10.89 36.96 -15.35
N ILE A 201 -12.01 36.90 -14.61
CA ILE A 201 -12.49 35.71 -13.87
C ILE A 201 -13.45 34.95 -14.80
N HIS A 202 -13.17 33.67 -15.06
CA HIS A 202 -14.08 32.71 -15.72
C HIS A 202 -14.94 32.06 -14.62
N ILE A 203 -16.18 32.56 -14.50
CA ILE A 203 -17.21 32.11 -13.52
C ILE A 203 -17.96 30.91 -14.13
N GLY A 204 -18.25 29.93 -13.29
CA GLY A 204 -18.90 28.67 -13.68
C GLY A 204 -19.22 27.87 -12.45
N VAL A 205 -19.90 26.76 -12.61
CA VAL A 205 -20.39 25.93 -11.47
C VAL A 205 -20.50 24.47 -11.94
N PHE A 206 -20.39 23.54 -11.00
CA PHE A 206 -20.69 22.10 -11.17
C PHE A 206 -22.07 21.83 -10.56
N PHE A 207 -22.81 20.88 -11.10
CA PHE A 207 -24.12 20.50 -10.53
C PHE A 207 -23.88 19.95 -9.13
N ARG A 208 -24.71 20.32 -8.16
CA ARG A 208 -24.91 19.57 -6.89
C ARG A 208 -26.41 19.41 -6.73
N PRO A 209 -26.88 18.30 -6.14
CA PRO A 209 -28.32 18.12 -5.92
C PRO A 209 -28.98 19.33 -5.24
N GLY A 210 -30.16 19.69 -5.76
CA GLY A 210 -30.96 20.86 -5.33
C GLY A 210 -30.41 22.21 -5.76
N ILE A 211 -29.37 22.32 -6.62
CA ILE A 211 -28.75 23.64 -6.94
C ILE A 211 -29.80 24.52 -7.59
N PRO A 212 -30.13 25.69 -6.99
CA PRO A 212 -31.08 26.61 -7.60
C PRO A 212 -30.51 27.28 -8.85
N GLY A 213 -31.40 27.60 -9.80
CA GLY A 213 -31.05 28.23 -11.08
C GLY A 213 -30.32 29.54 -10.93
N ASP A 214 -30.54 30.23 -9.82
CA ASP A 214 -29.97 31.58 -9.61
C ASP A 214 -28.51 31.45 -9.15
N GLN A 215 -28.03 30.22 -8.96
CA GLN A 215 -26.60 29.92 -8.67
C GLN A 215 -25.97 29.13 -9.83
N VAL A 216 -26.72 28.89 -10.91
CA VAL A 216 -26.13 28.33 -12.16
C VAL A 216 -25.75 29.53 -13.02
N ILE A 217 -24.48 29.91 -12.95
CA ILE A 217 -23.94 31.12 -13.63
C ILE A 217 -22.62 30.71 -14.27
N PHE A 218 -22.51 30.81 -15.59
CA PHE A 218 -21.22 30.78 -16.31
C PHE A 218 -21.06 32.15 -16.96
N ALA A 219 -20.00 32.87 -16.64
CA ALA A 219 -19.80 34.23 -17.16
C ALA A 219 -18.34 34.63 -17.02
N ALA A 220 -18.00 35.81 -17.50
CA ALA A 220 -16.65 36.39 -17.31
C ALA A 220 -16.78 37.84 -16.91
N THR A 221 -15.94 38.28 -15.97
CA THR A 221 -15.84 39.70 -15.53
C THR A 221 -14.38 39.97 -15.21
N PRO A 222 -13.89 41.20 -15.47
CA PRO A 222 -12.51 41.56 -15.12
C PRO A 222 -12.24 41.45 -13.61
N VAL A 223 -11.00 41.11 -13.27
CA VAL A 223 -10.53 41.02 -11.86
C VAL A 223 -10.78 42.37 -11.18
N ASN A 224 -10.75 43.49 -11.91
CA ASN A 224 -10.85 44.85 -11.31
C ASN A 224 -12.30 45.33 -11.35
N THR A 225 -13.28 44.46 -11.64
CA THR A 225 -14.71 44.86 -11.67
C THR A 225 -15.12 45.52 -10.35
N PRO A 226 -15.89 46.63 -10.37
CA PRO A 226 -16.40 47.26 -9.15
C PRO A 226 -17.36 46.30 -8.42
N GLY A 227 -17.10 46.05 -7.13
CA GLY A 227 -17.76 45.02 -6.32
C GLY A 227 -16.92 43.75 -6.14
N VAL A 228 -15.79 43.61 -6.87
CA VAL A 228 -14.96 42.37 -6.80
C VAL A 228 -13.81 42.56 -5.79
N THR A 229 -13.71 41.67 -4.80
CA THR A 229 -12.60 41.63 -3.81
C THR A 229 -11.90 40.25 -3.87
N ILE A 230 -10.61 40.24 -4.20
CA ILE A 230 -9.80 38.99 -4.18
C ILE A 230 -9.25 38.80 -2.77
N VAL A 231 -9.48 37.64 -2.17
CA VAL A 231 -9.09 37.36 -0.76
C VAL A 231 -8.14 36.15 -0.72
N CYS A 232 -6.83 36.38 -0.53
CA CYS A 232 -5.77 35.35 -0.74
C CYS A 232 -5.11 34.99 0.59
N ARG A 233 -4.75 33.69 0.71
CA ARG A 233 -3.90 33.11 1.77
C ARG A 233 -2.59 33.86 1.78
N GLU A 234 -1.89 33.79 2.91
CA GLU A 234 -0.61 34.52 3.07
C GLU A 234 0.34 33.99 2.00
N SER A 235 1.24 34.85 1.53
CA SER A 235 2.29 34.50 0.56
C SER A 235 3.40 33.70 1.26
N LEU A 236 3.88 32.64 0.61
CA LEU A 236 4.90 31.69 1.14
C LEU A 236 6.27 31.97 0.50
N VAL A 237 6.33 32.91 -0.44
CA VAL A 237 7.58 33.33 -1.13
C VAL A 237 8.64 33.62 -0.05
N LYS A 238 9.90 33.33 -0.37
CA LYS A 238 11.03 33.29 0.58
C LYS A 238 12.07 34.33 0.15
N ASP A 239 12.73 34.99 1.10
CA ASP A 239 13.52 36.22 0.81
C ASP A 239 14.91 35.85 0.30
N ASP A 240 15.39 34.65 0.62
CA ASP A 240 16.79 34.24 0.28
C ASP A 240 16.78 33.19 -0.83
N LYS A 241 17.02 33.62 -2.07
CA LYS A 241 17.06 32.76 -3.29
C LYS A 241 18.22 31.75 -3.24
N VAL A 242 19.29 32.01 -2.47
CA VAL A 242 20.45 31.07 -2.39
C VAL A 242 20.00 29.87 -1.56
N GLU A 243 19.34 30.12 -0.42
CA GLU A 243 18.84 29.06 0.49
C GLU A 243 17.59 28.40 -0.11
N HIS A 244 16.79 29.13 -0.88
CA HIS A 244 15.48 28.66 -1.42
C HIS A 244 15.37 29.03 -2.89
N PRO A 245 16.11 28.35 -3.80
CA PRO A 245 16.13 28.73 -5.21
C PRO A 245 14.79 28.57 -5.94
N LEU A 246 13.86 27.76 -5.42
CA LEU A 246 12.48 27.58 -5.97
C LEU A 246 11.49 28.51 -5.28
N ALA A 247 11.45 28.50 -3.95
CA ALA A 247 10.48 29.25 -3.13
C ALA A 247 10.76 30.77 -3.20
N ALA A 248 11.92 31.21 -3.67
CA ALA A 248 12.22 32.65 -3.80
C ALA A 248 11.65 33.15 -5.12
N GLN A 249 11.19 32.26 -5.99
CA GLN A 249 10.66 32.62 -7.34
C GLN A 249 9.20 33.06 -7.27
N GLY A 250 8.54 32.94 -6.12
CA GLY A 250 7.18 33.47 -5.91
C GLY A 250 6.16 32.42 -5.49
N ASP A 251 5.03 32.87 -4.99
CA ASP A 251 3.94 31.98 -4.51
C ASP A 251 2.69 32.18 -5.37
N GLU A 252 2.22 31.10 -5.99
CA GLU A 252 0.96 31.05 -6.78
C GLU A 252 -0.23 31.02 -5.82
N LEU A 253 -0.67 32.20 -5.40
CA LEU A 253 -1.71 32.39 -4.37
C LEU A 253 -3.00 31.69 -4.79
N ASP A 254 -3.71 31.13 -3.82
CA ASP A 254 -5.11 30.67 -3.97
C ASP A 254 -5.95 31.48 -2.99
N GLY A 255 -7.27 31.47 -3.16
CA GLY A 255 -8.15 32.29 -2.32
C GLY A 255 -9.53 32.33 -2.89
N MET A 256 -10.34 33.26 -2.44
CA MET A 256 -11.75 33.35 -2.89
C MET A 256 -12.00 34.71 -3.50
N THR A 257 -13.14 34.82 -4.16
CA THR A 257 -13.59 36.08 -4.78
C THR A 257 -14.96 36.41 -4.15
N VAL A 258 -15.02 37.57 -3.51
CA VAL A 258 -16.27 38.18 -3.00
C VAL A 258 -16.80 39.07 -4.11
N PHE A 259 -18.06 38.89 -4.46
CA PHE A 259 -18.81 39.75 -5.39
C PHE A 259 -19.90 40.47 -4.58
N GLU A 260 -19.86 41.80 -4.55
CA GLU A 260 -20.86 42.68 -3.91
C GLU A 260 -21.68 43.41 -4.99
N ASN A 261 -22.85 42.88 -5.33
CA ASN A 261 -23.80 43.47 -6.30
C ASN A 261 -23.03 43.86 -7.57
N VAL A 262 -22.31 42.91 -8.15
CA VAL A 262 -21.41 43.08 -9.33
C VAL A 262 -22.28 42.96 -10.58
N PHE A 263 -22.16 43.92 -11.49
CA PHE A 263 -22.86 43.96 -12.79
C PHE A 263 -22.02 43.23 -13.86
N ILE A 264 -22.69 42.40 -14.66
CA ILE A 264 -22.10 41.60 -15.77
C ILE A 264 -23.01 41.77 -16.98
N PRO A 265 -22.56 42.45 -18.06
CA PRO A 265 -23.39 42.61 -19.23
C PRO A 265 -23.69 41.23 -19.85
N TRP A 266 -24.82 41.11 -20.53
CA TRP A 266 -25.26 39.87 -21.19
C TRP A 266 -24.19 39.40 -22.16
N SER A 267 -23.46 40.34 -22.80
CA SER A 267 -22.38 40.05 -23.78
C SER A 267 -21.29 39.17 -23.16
N HIS A 268 -21.22 39.10 -21.81
CA HIS A 268 -20.18 38.32 -21.08
C HIS A 268 -20.82 37.26 -20.16
N VAL A 269 -22.10 36.94 -20.34
CA VAL A 269 -22.79 35.77 -19.71
C VAL A 269 -22.91 34.67 -20.76
N PHE A 270 -22.45 33.47 -20.41
CA PHE A 270 -22.39 32.28 -21.29
C PHE A 270 -23.62 31.42 -21.08
N HIS A 271 -24.13 31.34 -19.84
CA HIS A 271 -25.33 30.54 -19.51
C HIS A 271 -25.83 30.85 -18.10
N ILE A 272 -27.14 30.88 -17.86
CA ILE A 272 -27.72 30.90 -16.49
C ILE A 272 -28.91 29.93 -16.39
N GLY A 273 -29.19 29.43 -15.18
CA GLY A 273 -30.55 29.01 -14.80
C GLY A 273 -30.82 27.51 -14.84
N ASN A 274 -30.11 26.70 -15.63
CA ASN A 274 -30.48 25.27 -15.87
C ASN A 274 -29.54 24.33 -15.13
N PRO A 275 -29.93 23.82 -13.94
CA PRO A 275 -29.23 22.73 -13.27
C PRO A 275 -28.81 21.56 -14.18
N ASN A 276 -29.63 21.17 -15.12
CA ASN A 276 -29.33 20.00 -15.98
C ASN A 276 -28.08 20.31 -16.82
N HIS A 277 -27.98 21.54 -17.31
CA HIS A 277 -26.86 21.98 -18.18
C HIS A 277 -25.54 21.96 -17.38
N ALA A 278 -25.63 22.21 -16.08
CA ALA A 278 -24.51 22.17 -15.14
C ALA A 278 -24.04 20.74 -14.87
N LYS A 279 -24.68 19.72 -15.44
CA LYS A 279 -24.28 18.32 -15.12
C LYS A 279 -23.05 17.95 -15.95
N LEU A 280 -23.18 17.89 -17.28
CA LEU A 280 -22.11 17.34 -18.17
C LEU A 280 -21.25 18.48 -18.77
N TYR A 281 -21.81 19.66 -19.06
CA TYR A 281 -21.05 20.72 -19.77
C TYR A 281 -19.89 21.22 -18.91
N PRO A 282 -20.03 21.46 -17.59
CA PRO A 282 -18.89 21.85 -16.77
C PRO A 282 -17.75 20.83 -16.79
N GLN A 283 -18.07 19.54 -16.80
CA GLN A 283 -17.07 18.44 -16.90
C GLN A 283 -16.30 18.55 -18.22
N ARG A 284 -16.97 18.95 -19.31
CA ARG A 284 -16.40 19.09 -20.67
C ARG A 284 -15.43 20.28 -20.71
N VAL A 285 -15.61 21.28 -19.83
CA VAL A 285 -14.79 22.52 -19.75
C VAL A 285 -13.47 22.12 -19.08
N PHE A 286 -13.57 21.42 -17.95
CA PHE A 286 -12.43 21.01 -17.11
C PHE A 286 -11.73 19.76 -17.67
N ASP A 287 -12.26 19.12 -18.69
CA ASP A 287 -11.53 17.98 -19.31
C ASP A 287 -10.12 18.43 -19.69
N TRP A 288 -9.96 19.62 -20.28
CA TRP A 288 -8.69 20.12 -20.86
C TRP A 288 -7.65 20.31 -19.76
N LEU A 289 -8.10 20.71 -18.58
CA LEU A 289 -7.27 20.85 -17.36
C LEU A 289 -6.85 19.46 -16.89
N HIS A 290 -7.70 18.45 -17.03
CA HIS A 290 -7.40 17.07 -16.57
C HIS A 290 -6.29 16.52 -17.47
N TYR A 291 -6.44 16.67 -18.79
CA TYR A 291 -5.42 16.23 -19.77
C TYR A 291 -4.12 16.95 -19.41
N HIS A 292 -4.16 18.26 -19.28
CA HIS A 292 -2.94 19.06 -18.97
C HIS A 292 -2.25 18.51 -17.70
N ALA A 293 -3.01 18.11 -16.69
CA ALA A 293 -2.44 17.67 -15.38
C ALA A 293 -1.58 16.42 -15.59
N LEU A 294 -1.88 15.62 -16.60
CA LEU A 294 -1.07 14.45 -17.02
C LEU A 294 0.29 14.93 -17.49
N ILE A 295 0.32 16.02 -18.25
CA ILE A 295 1.61 16.56 -18.74
C ILE A 295 2.42 16.93 -17.50
N ARG A 296 1.80 17.61 -16.53
CA ARG A 296 2.43 18.06 -15.27
C ARG A 296 2.91 16.87 -14.43
N GLN A 297 2.02 15.91 -14.20
CA GLN A 297 2.29 14.66 -13.46
C GLN A 297 3.50 13.94 -14.06
N MET A 298 3.67 13.98 -15.37
CA MET A 298 4.84 13.37 -16.04
C MET A 298 6.10 14.19 -15.72
N VAL A 299 6.06 15.51 -15.87
CA VAL A 299 7.26 16.36 -15.61
C VAL A 299 7.63 16.22 -14.12
N ARG A 300 6.64 16.26 -13.23
CA ARG A 300 6.81 16.14 -11.76
C ARG A 300 7.47 14.78 -11.41
N ALA A 301 6.91 13.66 -11.84
CA ALA A 301 7.52 12.30 -11.69
C ALA A 301 8.97 12.29 -12.18
N GLU A 302 9.22 12.84 -13.37
CA GLU A 302 10.56 12.89 -14.00
C GLU A 302 11.53 13.64 -13.09
N LEU A 303 11.06 14.70 -12.44
CA LEU A 303 11.86 15.53 -11.50
C LEU A 303 12.20 14.69 -10.27
N VAL A 304 11.19 13.98 -9.74
CA VAL A 304 11.36 13.21 -8.47
C VAL A 304 12.35 12.08 -8.73
N ALA A 305 12.15 11.28 -9.79
CA ALA A 305 13.10 10.22 -10.21
C ALA A 305 14.50 10.82 -10.39
N GLY A 306 14.63 11.87 -11.22
CA GLY A 306 15.90 12.60 -11.39
C GLY A 306 16.58 12.89 -10.07
N LEU A 307 15.86 13.52 -9.14
CA LEU A 307 16.41 13.97 -7.84
C LEU A 307 16.84 12.71 -7.06
N ALA A 308 16.13 11.58 -7.21
CA ALA A 308 16.49 10.31 -6.55
C ALA A 308 17.83 9.79 -7.10
N VAL A 309 18.00 9.82 -8.41
CA VAL A 309 19.26 9.40 -9.08
C VAL A 309 20.39 10.31 -8.56
N LEU A 310 20.24 11.63 -8.63
CA LEU A 310 21.29 12.60 -8.21
C LEU A 310 21.73 12.34 -6.76
N ILE A 311 20.78 12.35 -5.82
CA ILE A 311 21.12 12.28 -4.38
C ILE A 311 21.71 10.90 -4.04
N THR A 312 21.17 9.78 -4.55
CA THR A 312 21.74 8.44 -4.24
C THR A 312 23.15 8.32 -4.86
N GLU A 313 23.35 8.90 -6.05
CA GLU A 313 24.69 8.91 -6.69
C GLU A 313 25.65 9.70 -5.81
N HIS A 314 25.22 10.81 -5.21
CA HIS A 314 26.11 11.75 -4.49
C HIS A 314 26.44 11.25 -3.07
N ILE A 315 25.55 10.53 -2.41
CA ILE A 315 25.84 9.96 -1.06
C ILE A 315 26.46 8.58 -1.24
N GLY A 316 26.42 8.02 -2.46
CA GLY A 316 27.03 6.74 -2.81
C GLY A 316 26.21 5.54 -2.38
N THR A 317 24.87 5.64 -2.43
CA THR A 317 23.96 4.51 -2.16
C THR A 317 23.45 3.90 -3.46
N ASN A 318 23.78 4.51 -4.60
CA ASN A 318 23.12 4.24 -5.90
C ASN A 318 23.38 2.79 -6.35
N LYS A 319 24.52 2.21 -5.98
CA LYS A 319 24.92 0.83 -6.36
C LYS A 319 24.55 -0.17 -5.26
N ILE A 320 23.98 0.25 -4.13
CA ILE A 320 23.46 -0.68 -3.06
C ILE A 320 22.21 -1.34 -3.61
N PRO A 321 22.21 -2.68 -3.84
CA PRO A 321 21.08 -3.35 -4.52
C PRO A 321 19.69 -2.93 -4.03
N ALA A 322 19.46 -2.94 -2.72
CA ALA A 322 18.18 -2.56 -2.08
C ALA A 322 17.78 -1.11 -2.42
N VAL A 323 18.75 -0.20 -2.58
CA VAL A 323 18.48 1.21 -3.00
C VAL A 323 18.16 1.24 -4.50
N GLN A 324 18.86 0.44 -5.31
CA GLN A 324 18.62 0.37 -6.76
C GLN A 324 17.13 0.07 -7.03
N THR A 325 16.54 -0.88 -6.29
CA THR A 325 15.13 -1.28 -6.49
C THR A 325 14.18 -0.20 -5.96
N ARG A 326 14.59 0.58 -4.99
CA ARG A 326 13.78 1.73 -4.52
C ARG A 326 13.84 2.83 -5.58
N VAL A 327 15.01 3.15 -6.13
CA VAL A 327 15.10 4.17 -7.22
C VAL A 327 14.26 3.67 -8.39
N ALA A 328 14.25 2.36 -8.68
CA ALA A 328 13.42 1.78 -9.77
C ALA A 328 11.92 2.07 -9.58
N LYS A 329 11.44 2.22 -8.34
CA LYS A 329 10.03 2.58 -8.07
C LYS A 329 9.74 3.97 -8.64
N LEU A 330 10.60 4.95 -8.35
CA LEU A 330 10.37 6.36 -8.71
C LEU A 330 10.47 6.46 -10.23
N ILE A 331 11.44 5.76 -10.81
CA ILE A 331 11.59 5.74 -12.30
C ILE A 331 10.36 5.09 -12.92
N GLY A 332 9.85 3.97 -12.36
CA GLY A 332 8.66 3.27 -12.89
C GLY A 332 7.43 4.16 -12.84
N PHE A 333 7.31 4.95 -11.79
CA PHE A 333 6.22 5.93 -11.65
C PHE A 333 6.23 6.89 -12.84
N HIS A 334 7.39 7.49 -13.13
CA HIS A 334 7.57 8.45 -14.25
C HIS A 334 7.17 7.78 -15.55
N GLN A 335 7.63 6.56 -15.82
CA GLN A 335 7.32 5.84 -17.08
C GLN A 335 5.80 5.58 -17.15
N ALA A 336 5.18 5.21 -16.01
CA ALA A 336 3.72 5.08 -15.90
C ALA A 336 3.05 6.39 -16.32
N MET A 337 3.51 7.53 -15.82
CA MET A 337 2.80 8.78 -16.17
C MET A 337 3.02 9.06 -17.66
N LEU A 338 4.22 8.75 -18.16
CA LEU A 338 4.56 8.92 -19.59
C LEU A 338 3.63 8.04 -20.41
N ALA A 339 3.48 6.77 -20.01
CA ALA A 339 2.65 5.79 -20.76
C ALA A 339 1.23 6.37 -20.90
N HIS A 340 0.66 6.88 -19.81
CA HIS A 340 -0.75 7.37 -19.78
C HIS A 340 -0.86 8.60 -20.68
N LEU A 341 0.10 9.52 -20.61
CA LEU A 341 0.09 10.71 -21.48
C LEU A 341 0.03 10.25 -22.94
N ILE A 342 0.95 9.36 -23.36
CA ILE A 342 1.02 8.96 -24.78
C ILE A 342 -0.20 8.13 -25.14
N ALA A 343 -0.64 7.25 -24.25
CA ALA A 343 -1.83 6.42 -24.53
C ALA A 343 -3.06 7.33 -24.67
N SER A 344 -3.20 8.37 -23.85
CA SER A 344 -4.39 9.25 -23.93
C SER A 344 -4.43 9.92 -25.31
N GLU A 345 -3.28 10.30 -25.85
CA GLU A 345 -3.19 10.97 -27.17
C GLU A 345 -3.50 9.99 -28.31
N GLU A 346 -3.01 8.75 -28.23
CA GLU A 346 -3.26 7.70 -29.26
C GLU A 346 -4.77 7.37 -29.37
N LEU A 347 -5.48 7.31 -28.25
CA LEU A 347 -6.83 6.69 -28.16
C LEU A 347 -7.89 7.78 -28.05
N GLY A 348 -7.69 8.88 -28.77
CA GLY A 348 -8.54 10.08 -28.73
C GLY A 348 -9.69 10.00 -29.72
N PHE A 349 -10.53 11.03 -29.74
CA PHE A 349 -11.75 11.10 -30.59
C PHE A 349 -12.02 12.57 -30.95
N HIS A 350 -12.92 12.81 -31.92
CA HIS A 350 -13.32 14.18 -32.36
C HIS A 350 -14.61 14.58 -31.64
N THR A 351 -14.68 15.81 -31.14
CA THR A 351 -15.85 16.39 -30.43
C THR A 351 -16.93 16.78 -31.44
N PRO A 352 -18.09 17.34 -31.00
CA PRO A 352 -19.08 17.90 -31.93
C PRO A 352 -18.50 18.89 -32.95
N GLY A 353 -17.68 19.85 -32.49
CA GLY A 353 -17.06 20.88 -33.33
C GLY A 353 -15.84 20.36 -34.10
N GLY A 354 -15.50 19.07 -33.96
CA GLY A 354 -14.40 18.44 -34.72
C GLY A 354 -13.03 18.75 -34.15
N HIS A 355 -12.95 19.12 -32.86
CA HIS A 355 -11.68 19.17 -32.08
C HIS A 355 -11.27 17.75 -31.69
N TYR A 356 -9.97 17.48 -31.57
CA TYR A 356 -9.43 16.15 -31.18
C TYR A 356 -9.19 16.19 -29.66
N LYS A 357 -9.90 15.32 -28.94
CA LYS A 357 -9.78 15.23 -27.47
C LYS A 357 -9.09 13.91 -27.13
N PRO A 358 -8.11 13.87 -26.21
CA PRO A 358 -7.51 12.62 -25.79
C PRO A 358 -8.47 11.78 -24.93
N ASN A 359 -8.14 10.49 -24.78
CA ASN A 359 -8.98 9.45 -24.14
C ASN A 359 -9.29 9.85 -22.69
N ILE A 360 -10.56 10.11 -22.40
CA ILE A 360 -11.01 10.65 -21.08
C ILE A 360 -10.61 9.64 -20.01
N LEU A 361 -10.81 8.35 -20.30
CA LEU A 361 -10.73 7.27 -19.29
C LEU A 361 -9.26 7.13 -18.89
N ILE A 362 -8.36 7.31 -19.86
CA ILE A 362 -6.91 7.11 -19.63
C ILE A 362 -6.35 8.30 -18.84
N TYR A 363 -6.73 9.54 -19.16
CA TYR A 363 -6.13 10.70 -18.45
C TYR A 363 -6.75 10.78 -17.05
N ASP A 364 -8.06 10.54 -16.90
CA ASP A 364 -8.69 10.60 -15.57
C ASP A 364 -8.12 9.49 -14.67
N PHE A 365 -8.04 8.24 -15.10
CA PHE A 365 -7.44 7.17 -14.27
C PHE A 365 -5.94 7.39 -14.10
N GLY A 366 -5.27 8.09 -15.02
CA GLY A 366 -3.87 8.53 -14.86
C GLY A 366 -3.74 9.48 -13.70
N ARG A 367 -4.71 10.38 -13.55
CA ARG A 367 -4.70 11.34 -12.42
C ARG A 367 -4.96 10.61 -11.09
N ALA A 368 -5.89 9.65 -11.09
CA ALA A 368 -6.20 8.86 -9.88
C ALA A 368 -4.91 8.16 -9.44
N LEU A 369 -4.18 7.54 -10.38
CA LEU A 369 -2.92 6.78 -10.09
C LEU A 369 -1.85 7.72 -9.51
N TYR A 370 -1.73 8.92 -10.05
CA TYR A 370 -0.81 9.96 -9.51
C TYR A 370 -1.16 10.27 -8.05
N LEU A 371 -2.43 10.49 -7.72
CA LEU A 371 -2.84 10.93 -6.36
C LEU A 371 -2.74 9.77 -5.37
N GLU A 372 -2.97 8.54 -5.83
CA GLU A 372 -2.86 7.34 -4.98
C GLU A 372 -1.40 7.19 -4.54
N ASN A 373 -0.43 7.55 -5.39
CA ASN A 373 0.99 7.14 -5.24
C ASN A 373 1.87 8.31 -4.83
N PHE A 374 1.48 9.54 -5.13
CA PHE A 374 2.40 10.72 -5.10
C PHE A 374 3.09 10.81 -3.72
N SER A 375 2.35 10.90 -2.63
CA SER A 375 2.92 11.02 -1.26
C SER A 375 3.86 9.84 -0.94
N GLN A 376 3.59 8.62 -1.41
CA GLN A 376 4.54 7.48 -1.23
C GLN A 376 5.84 7.74 -1.99
N MET A 377 5.74 8.32 -3.19
CA MET A 377 6.91 8.66 -4.03
C MET A 377 7.75 9.74 -3.33
N ILE A 378 7.13 10.75 -2.69
CA ILE A 378 7.86 11.83 -1.96
C ILE A 378 8.49 11.22 -0.69
N TYR A 379 7.73 10.42 0.06
CA TYR A 379 8.29 9.65 1.20
C TYR A 379 9.57 8.97 0.72
N GLU A 380 9.49 8.21 -0.38
CA GLU A 380 10.64 7.46 -0.95
C GLU A 380 11.79 8.43 -1.29
N LEU A 381 11.55 9.57 -1.93
CA LEU A 381 12.68 10.45 -2.35
C LEU A 381 13.36 10.95 -1.07
N VAL A 382 12.56 11.45 -0.13
CA VAL A 382 13.07 11.98 1.16
C VAL A 382 13.80 10.86 1.90
N ASP A 383 13.25 9.66 1.95
CA ASP A 383 13.82 8.53 2.73
C ASP A 383 15.16 8.11 2.12
N LEU A 384 15.26 8.10 0.79
CA LEU A 384 16.53 7.76 0.07
C LEU A 384 17.61 8.82 0.32
N SER A 385 17.24 10.06 0.61
CA SER A 385 18.20 11.18 0.78
C SER A 385 18.90 11.07 2.13
N GLY A 386 18.29 10.40 3.11
CA GLY A 386 18.68 10.53 4.52
C GLY A 386 18.76 12.00 4.91
N ARG A 387 19.74 12.35 5.73
CA ARG A 387 19.81 13.69 6.37
C ARG A 387 20.03 14.78 5.32
N SER A 388 20.59 14.47 4.15
CA SER A 388 21.00 15.47 3.13
C SER A 388 19.78 16.23 2.61
N ALA A 389 18.58 15.77 2.96
CA ALA A 389 17.31 16.36 2.47
C ALA A 389 16.97 17.57 3.31
N LEU A 390 17.58 17.73 4.48
CA LEU A 390 17.22 18.82 5.44
C LEU A 390 18.44 19.40 6.16
N ILE A 391 19.34 18.55 6.66
CA ILE A 391 20.48 18.97 7.52
C ILE A 391 21.71 19.20 6.64
N PHE A 392 21.69 20.26 5.85
CA PHE A 392 22.84 20.71 5.03
C PHE A 392 23.23 22.12 5.46
N ALA A 393 24.46 22.49 5.13
CA ALA A 393 25.05 23.82 5.41
C ALA A 393 24.18 24.93 4.81
N SER A 394 23.98 26.01 5.54
CA SER A 394 23.68 27.33 4.93
C SER A 394 24.95 27.77 4.18
N GLU A 395 24.78 28.51 3.10
CA GLU A 395 25.87 29.00 2.22
C GLU A 395 26.97 29.68 3.07
N ASP A 396 26.64 30.44 4.12
CA ASP A 396 27.65 31.15 4.94
C ASP A 396 28.38 30.18 5.89
N GLN A 397 27.70 29.13 6.39
CA GLN A 397 28.34 28.06 7.18
C GLN A 397 29.36 27.38 6.25
N TRP A 398 28.90 27.01 5.05
CA TRP A 398 29.72 26.33 4.01
C TRP A 398 31.01 27.13 3.69
N ASN A 399 30.91 28.44 3.48
CA ASN A 399 32.06 29.28 3.00
C ASN A 399 32.90 29.81 4.17
N ASP A 400 32.49 29.57 5.43
CA ASP A 400 33.25 30.03 6.62
C ASP A 400 34.61 29.32 6.64
N ASP A 401 35.64 30.03 7.11
CA ASP A 401 37.07 29.60 7.17
C ASP A 401 37.19 28.26 7.89
N LYS A 402 36.65 28.18 9.11
CA LYS A 402 36.76 27.03 10.03
C LYS A 402 35.92 25.85 9.50
N LEU A 403 34.71 26.12 9.01
CA LEU A 403 33.66 25.10 8.74
C LEU A 403 33.81 24.52 7.34
N ASN A 404 34.34 25.29 6.38
CA ASN A 404 34.43 24.90 4.95
C ASN A 404 35.10 23.55 4.84
N GLY A 405 36.28 23.43 5.45
CA GLY A 405 37.11 22.20 5.49
C GLY A 405 36.31 21.00 5.95
N TRP A 406 35.46 21.13 6.98
CA TRP A 406 34.68 19.99 7.55
C TRP A 406 33.51 19.67 6.62
N PHE A 407 32.81 20.71 6.19
CA PHE A 407 31.67 20.58 5.24
C PHE A 407 32.13 19.80 4.01
N GLU A 408 33.21 20.25 3.34
CA GLU A 408 33.74 19.65 2.09
C GLU A 408 34.09 18.16 2.27
N ARG A 409 34.55 17.74 3.44
CA ARG A 409 34.96 16.32 3.69
C ARG A 409 33.72 15.45 3.93
N MET A 410 32.72 15.99 4.63
CA MET A 410 31.46 15.30 4.99
C MET A 410 30.60 15.07 3.73
N ASN A 411 30.82 15.87 2.70
CA ASN A 411 30.06 15.81 1.42
C ASN A 411 30.97 15.26 0.32
N ASN A 412 32.02 14.53 0.68
CA ASN A 412 32.96 14.00 -0.33
C ASN A 412 32.57 12.56 -0.65
N GLY A 413 31.46 12.41 -1.39
CA GLY A 413 30.97 11.13 -1.96
C GLY A 413 31.70 10.77 -3.26
N PRO A 414 31.22 9.72 -3.96
CA PRO A 414 31.87 9.22 -5.17
C PRO A 414 31.91 10.05 -6.46
N VAL A 415 31.06 11.08 -6.61
CA VAL A 415 31.04 11.91 -7.84
C VAL A 415 31.50 13.33 -7.47
N GLY A 416 32.47 13.40 -6.55
CA GLY A 416 33.26 14.60 -6.18
C GLY A 416 32.40 15.76 -5.68
N ARG A 417 32.58 16.94 -6.30
CA ARG A 417 31.65 18.11 -6.30
C ARG A 417 30.86 18.18 -5.00
N PRO A 418 31.53 18.35 -3.83
CA PRO A 418 30.85 18.25 -2.54
C PRO A 418 29.68 19.22 -2.34
N HIS A 419 29.85 20.50 -2.72
CA HIS A 419 28.81 21.56 -2.60
C HIS A 419 27.54 21.14 -3.36
N ASP A 420 27.63 20.23 -4.35
CA ASP A 420 26.47 19.87 -5.22
C ASP A 420 25.40 19.16 -4.38
N ARG A 421 25.76 18.50 -3.30
CA ARG A 421 24.76 17.83 -2.43
C ARG A 421 23.91 18.91 -1.77
N VAL A 422 24.48 20.07 -1.47
CA VAL A 422 23.73 21.20 -0.85
C VAL A 422 22.71 21.71 -1.88
N LYS A 423 23.07 21.68 -3.16
CA LYS A 423 22.23 22.14 -4.28
C LYS A 423 21.02 21.22 -4.44
N ILE A 424 21.26 19.91 -4.36
CA ILE A 424 20.20 18.88 -4.47
C ILE A 424 19.35 19.00 -3.20
N GLY A 425 19.99 19.10 -2.03
CA GLY A 425 19.30 19.33 -0.74
C GLY A 425 18.31 20.49 -0.85
N ARG A 426 18.76 21.64 -1.34
CA ARG A 426 17.95 22.88 -1.41
C ARG A 426 16.65 22.62 -2.20
N VAL A 427 16.76 21.88 -3.30
CA VAL A 427 15.63 21.64 -4.22
C VAL A 427 14.70 20.63 -3.58
N ILE A 428 15.26 19.53 -3.06
CA ILE A 428 14.41 18.57 -2.31
C ILE A 428 13.71 19.31 -1.18
N ARG A 429 14.41 20.15 -0.42
CA ARG A 429 13.81 20.83 0.75
C ARG A 429 12.71 21.81 0.29
N ASP A 430 12.97 22.62 -0.73
CA ASP A 430 11.92 23.55 -1.27
C ASP A 430 10.75 22.71 -1.76
N LEU A 431 11.00 21.69 -2.59
CA LEU A 431 9.88 20.99 -3.28
C LEU A 431 8.99 20.28 -2.28
N PHE A 432 9.49 19.76 -1.17
CA PHE A 432 8.63 18.88 -0.33
C PHE A 432 8.86 19.02 1.17
N LEU A 433 9.61 20.01 1.64
CA LEU A 433 9.84 20.13 3.11
C LEU A 433 9.65 21.58 3.55
N THR A 434 8.95 22.38 2.75
CA THR A 434 8.63 23.80 3.02
C THR A 434 7.14 24.03 2.84
N ASP A 435 6.65 25.13 3.41
CA ASP A 435 5.26 25.62 3.24
C ASP A 435 4.97 25.76 1.74
N TRP A 436 5.92 26.35 0.99
CA TRP A 436 5.78 26.63 -0.46
C TRP A 436 5.54 25.34 -1.25
N GLY A 437 6.25 24.24 -0.95
CA GLY A 437 6.08 22.98 -1.70
C GLY A 437 4.85 22.20 -1.24
N SER A 438 4.58 22.25 0.05
CA SER A 438 3.35 21.70 0.66
C SER A 438 2.10 22.27 -0.01
N ARG A 439 2.09 23.55 -0.36
CA ARG A 439 0.94 24.15 -1.07
C ARG A 439 0.80 23.46 -2.42
N LEU A 440 1.93 23.20 -3.09
CA LEU A 440 1.88 22.56 -4.41
C LEU A 440 1.30 21.14 -4.30
N PHE A 441 1.63 20.40 -3.26
CA PHE A 441 1.08 19.05 -3.07
C PHE A 441 -0.42 19.20 -2.81
N VAL A 442 -0.86 20.20 -2.04
CA VAL A 442 -2.30 20.41 -1.74
C VAL A 442 -3.03 20.77 -3.03
N PHE A 443 -2.48 21.73 -3.78
CA PHE A 443 -3.02 22.12 -5.10
C PHE A 443 -3.18 20.84 -5.91
N GLU A 444 -2.16 20.01 -5.96
CA GLU A 444 -2.18 18.82 -6.87
C GLU A 444 -3.27 17.87 -6.41
N ASN A 445 -3.35 17.67 -5.10
CA ASN A 445 -4.30 16.73 -4.46
C ASN A 445 -5.75 17.19 -4.70
N PHE A 446 -6.03 18.49 -4.78
CA PHE A 446 -7.44 18.96 -4.71
C PHE A 446 -7.93 19.64 -5.99
N ASN A 447 -7.05 20.24 -6.81
CA ASN A 447 -7.47 21.25 -7.84
C ASN A 447 -8.44 20.60 -8.84
N GLY A 448 -8.19 19.36 -9.25
CA GLY A 448 -9.03 18.56 -10.16
C GLY A 448 -9.88 17.56 -9.42
N THR A 449 -10.25 17.86 -8.17
CA THR A 449 -10.92 16.97 -7.15
C THR A 449 -9.94 15.89 -6.68
N PRO A 450 -10.07 15.45 -5.41
CA PRO A 450 -9.18 14.46 -4.84
C PRO A 450 -9.53 13.05 -5.30
N LEU A 451 -8.74 12.08 -4.85
CA LEU A 451 -8.74 10.69 -5.34
C LEU A 451 -10.15 10.10 -5.33
N GLN A 452 -10.87 10.09 -4.20
CA GLN A 452 -12.20 9.42 -4.14
C GLN A 452 -13.17 10.11 -5.13
N GLY A 453 -13.10 11.45 -5.24
CA GLY A 453 -13.92 12.29 -6.15
C GLY A 453 -13.63 11.98 -7.61
N ILE A 454 -12.36 11.91 -8.01
CA ILE A 454 -11.97 11.47 -9.38
C ILE A 454 -12.64 10.13 -9.70
N ARG A 455 -12.57 9.16 -8.80
CA ARG A 455 -13.09 7.79 -9.08
C ARG A 455 -14.61 7.82 -9.24
N MET A 456 -15.29 8.54 -8.37
CA MET A 456 -16.77 8.61 -8.29
C MET A 456 -17.30 9.26 -9.58
N LEU A 457 -16.71 10.37 -10.00
CA LEU A 457 -17.21 11.15 -11.17
C LEU A 457 -16.93 10.36 -12.45
N THR A 458 -15.75 9.76 -12.53
CA THR A 458 -15.37 8.96 -13.72
C THR A 458 -16.37 7.82 -13.91
N MET A 459 -16.80 7.16 -12.83
CA MET A 459 -17.73 6.01 -12.92
C MET A 459 -19.13 6.53 -13.24
N GLN A 460 -19.52 7.66 -12.65
CA GLN A 460 -20.88 8.24 -12.84
C GLN A 460 -21.03 8.66 -14.31
N ARG A 461 -19.93 9.11 -14.91
CA ARG A 461 -19.90 9.70 -16.28
C ARG A 461 -19.75 8.56 -17.29
N ALA A 462 -18.98 7.53 -16.96
CA ALA A 462 -18.73 6.38 -17.86
C ALA A 462 -19.98 5.49 -17.97
N GLU A 463 -20.75 5.31 -16.89
CA GLU A 463 -21.96 4.42 -16.88
C GLU A 463 -21.53 3.05 -17.43
N PHE A 464 -20.51 2.46 -16.79
CA PHE A 464 -20.02 1.10 -17.08
C PHE A 464 -21.11 0.10 -16.68
N SER A 465 -21.34 -0.88 -17.54
CA SER A 465 -22.49 -1.82 -17.45
C SER A 465 -22.00 -3.24 -17.70
N GLY A 466 -22.58 -4.22 -17.02
CA GLY A 466 -22.33 -5.66 -17.23
C GLY A 466 -22.53 -6.04 -18.69
N SER A 467 -23.51 -5.43 -19.36
CA SER A 467 -23.89 -5.69 -20.78
C SER A 467 -23.16 -4.72 -21.72
N GLY A 468 -22.33 -3.80 -21.21
CA GLY A 468 -21.58 -2.83 -22.02
C GLY A 468 -20.34 -3.49 -22.63
N PRO A 469 -19.63 -2.83 -23.58
CA PRO A 469 -18.42 -3.41 -24.15
C PRO A 469 -17.33 -3.71 -23.11
N TYR A 470 -17.39 -3.07 -21.93
CA TYR A 470 -16.48 -3.35 -20.79
C TYR A 470 -16.52 -4.84 -20.42
N GLY A 471 -17.71 -5.42 -20.31
CA GLY A 471 -17.93 -6.76 -19.73
C GLY A 471 -17.85 -7.90 -20.74
N LYS A 472 -17.70 -7.60 -22.03
CA LYS A 472 -17.77 -8.63 -23.11
C LYS A 472 -16.82 -9.80 -22.80
N LEU A 473 -15.60 -9.54 -22.35
CA LEU A 473 -14.64 -10.64 -22.07
C LEU A 473 -15.15 -11.45 -20.90
N ALA A 474 -15.55 -10.80 -19.81
CA ALA A 474 -16.06 -11.44 -18.57
C ALA A 474 -17.28 -12.30 -18.90
N ARG A 475 -18.21 -11.73 -19.69
CA ARG A 475 -19.48 -12.39 -20.09
C ARG A 475 -19.17 -13.67 -20.88
N GLN A 476 -18.18 -13.62 -21.78
CA GLN A 476 -17.80 -14.77 -22.65
C GLN A 476 -17.19 -15.86 -21.77
N VAL A 477 -16.32 -15.48 -20.84
CA VAL A 477 -15.59 -16.44 -19.97
C VAL A 477 -16.59 -17.14 -19.03
N CYS A 478 -17.57 -16.41 -18.50
CA CYS A 478 -18.66 -16.94 -17.62
C CYS A 478 -19.75 -17.71 -18.42
N GLY A 479 -19.79 -17.54 -19.74
CA GLY A 479 -20.78 -18.21 -20.62
C GLY A 479 -22.17 -17.63 -20.43
N ILE A 480 -22.26 -16.29 -20.38
CA ILE A 480 -23.53 -15.50 -20.28
C ILE A 480 -23.90 -15.00 -21.69
N ASP A 481 -23.10 -14.10 -22.27
CA ASP A 481 -23.17 -13.61 -23.68
C ASP A 481 -22.69 -12.14 -23.76
N MET B 1 17.16 21.27 45.39
CA MET B 1 15.86 21.65 44.78
C MET B 1 15.93 21.48 43.25
N ILE B 2 14.78 21.16 42.64
CA ILE B 2 14.64 20.98 41.17
C ILE B 2 14.89 22.31 40.48
N ARG B 3 15.59 22.24 39.35
CA ARG B 3 16.02 23.44 38.58
C ARG B 3 14.77 24.18 38.09
N THR B 4 14.81 25.50 38.00
CA THR B 4 13.71 26.35 37.46
C THR B 4 14.00 26.69 35.99
N GLY B 5 12.99 27.15 35.27
CA GLY B 5 13.13 27.67 33.89
C GLY B 5 14.08 28.85 33.85
N THR B 6 13.84 29.85 34.71
CA THR B 6 14.69 31.05 34.90
C THR B 6 16.16 30.63 35.02
N GLN B 7 16.47 29.75 35.98
CA GLN B 7 17.85 29.24 36.22
C GLN B 7 18.42 28.71 34.89
N TYR B 8 17.61 28.00 34.10
CA TYR B 8 18.05 27.33 32.85
C TYR B 8 18.30 28.40 31.77
N LEU B 9 17.41 29.37 31.67
CA LEU B 9 17.57 30.45 30.66
C LEU B 9 18.86 31.23 30.94
N GLU B 10 19.11 31.58 32.20
CA GLU B 10 20.34 32.29 32.67
C GLU B 10 21.58 31.52 32.21
N SER B 11 21.60 30.20 32.41
CA SER B 11 22.77 29.30 32.21
C SER B 11 23.06 29.09 30.71
N LEU B 12 22.16 29.49 29.82
CA LEU B 12 22.40 29.35 28.35
C LEU B 12 23.44 30.38 27.91
N ASN B 13 23.59 31.47 28.66
CA ASN B 13 24.49 32.60 28.34
C ASN B 13 25.87 32.33 28.95
N ASP B 14 26.53 31.29 28.45
CA ASP B 14 27.76 30.69 29.01
C ASP B 14 28.87 30.75 27.95
N GLY B 15 28.69 31.54 26.89
CA GLY B 15 29.69 31.73 25.82
C GLY B 15 29.69 30.65 24.76
N ARG B 16 28.80 29.65 24.84
CA ARG B 16 28.74 28.54 23.85
C ARG B 16 28.79 29.13 22.43
N ASN B 17 29.62 28.57 21.56
CA ASN B 17 29.81 29.02 20.15
C ASN B 17 28.78 28.31 19.29
N VAL B 18 27.81 29.06 18.73
CA VAL B 18 26.64 28.49 17.99
C VAL B 18 26.41 29.25 16.70
N TRP B 19 26.32 28.56 15.56
CA TRP B 19 25.69 29.04 14.31
C TRP B 19 24.23 28.56 14.29
N VAL B 20 23.30 29.47 13.97
CA VAL B 20 21.94 29.12 13.45
C VAL B 20 21.86 29.71 12.02
N GLY B 21 21.84 28.85 11.01
CA GLY B 21 21.97 29.26 9.60
C GLY B 21 23.18 30.18 9.42
N ASN B 22 22.95 31.37 8.83
CA ASN B 22 24.04 32.30 8.43
C ASN B 22 24.47 33.16 9.63
N GLU B 23 23.75 33.09 10.75
CA GLU B 23 23.93 34.01 11.91
C GLU B 23 24.72 33.33 13.03
N LYS B 24 25.49 34.11 13.77
CA LYS B 24 26.07 33.75 15.09
C LYS B 24 25.08 34.17 16.19
N ILE B 25 24.94 33.35 17.23
CA ILE B 25 24.04 33.61 18.39
C ILE B 25 24.89 34.06 19.59
N ASP B 26 24.71 35.30 20.06
CA ASP B 26 25.36 35.86 21.28
C ASP B 26 24.74 35.24 22.55
N ASN B 27 23.45 34.90 22.52
CA ASN B 27 22.68 34.37 23.69
C ASN B 27 21.47 33.57 23.17
N VAL B 28 21.53 32.25 23.32
CA VAL B 28 20.51 31.29 22.83
C VAL B 28 19.17 31.60 23.49
N ALA B 29 19.17 31.97 24.76
CA ALA B 29 17.94 32.27 25.53
C ALA B 29 17.18 33.50 24.96
N THR B 30 17.83 34.45 24.26
CA THR B 30 17.22 35.77 23.94
C THR B 30 17.19 36.10 22.44
N HIS B 31 17.96 35.39 21.60
CA HIS B 31 18.00 35.59 20.12
C HIS B 31 16.67 35.16 19.50
N PRO B 32 16.16 35.94 18.52
CA PRO B 32 14.87 35.68 17.91
C PRO B 32 14.73 34.30 17.24
N LYS B 33 15.83 33.72 16.78
CA LYS B 33 15.82 32.40 16.09
C LYS B 33 15.72 31.26 17.12
N THR B 34 16.02 31.53 18.40
CA THR B 34 16.24 30.46 19.41
C THR B 34 15.42 30.67 20.69
N ARG B 35 14.95 31.88 20.98
CA ARG B 35 14.38 32.21 22.32
C ARG B 35 13.10 31.43 22.59
N ASP B 36 12.28 31.18 21.57
CA ASP B 36 10.98 30.48 21.73
C ASP B 36 11.26 29.03 22.10
N TYR B 37 12.09 28.31 21.36
CA TYR B 37 12.33 26.90 21.72
C TYR B 37 13.00 26.88 23.09
N ALA B 38 13.96 27.78 23.35
CA ALA B 38 14.66 27.87 24.65
C ALA B 38 13.64 27.96 25.79
N GLN B 39 12.57 28.74 25.57
CA GLN B 39 11.49 28.99 26.54
C GLN B 39 10.68 27.70 26.71
N ARG B 40 10.66 26.85 25.69
CA ARG B 40 9.97 25.52 25.74
C ARG B 40 10.73 24.64 26.73
N HIS B 41 12.07 24.71 26.73
CA HIS B 41 12.91 24.02 27.74
C HIS B 41 12.65 24.67 29.12
N ALA B 42 12.56 26.00 29.18
CA ALA B 42 12.24 26.75 30.42
C ALA B 42 10.86 26.33 30.95
N ASP B 43 9.88 26.16 30.06
CA ASP B 43 8.56 25.60 30.40
C ASP B 43 8.75 24.20 30.99
N PHE B 44 9.51 23.35 30.32
CA PHE B 44 9.73 21.95 30.76
C PHE B 44 10.12 21.96 32.25
N TYR B 45 11.15 22.74 32.61
CA TYR B 45 11.69 22.75 34.00
C TYR B 45 10.60 23.25 34.98
N ASP B 46 9.75 24.18 34.57
CA ASP B 46 8.72 24.82 35.44
C ASP B 46 7.54 23.86 35.68
N LEU B 47 7.30 22.88 34.80
CA LEU B 47 6.20 21.89 34.99
C LEU B 47 6.42 21.05 36.25
N HIS B 48 7.66 21.00 36.75
CA HIS B 48 8.05 20.14 37.88
C HIS B 48 7.75 20.86 39.22
N HIS B 49 7.58 22.19 39.18
CA HIS B 49 7.29 23.04 40.38
C HIS B 49 5.78 23.25 40.54
N ARG B 50 4.99 22.90 39.53
CA ARG B 50 3.50 23.00 39.59
C ARG B 50 2.98 22.05 40.67
N PRO B 51 2.28 22.58 41.71
CA PRO B 51 1.75 21.75 42.77
C PRO B 51 0.57 20.89 42.29
N ASP B 52 -0.11 21.31 41.23
CA ASP B 52 -1.22 20.53 40.65
C ASP B 52 -0.71 19.35 39.79
N LEU B 53 0.56 19.35 39.35
CA LEU B 53 1.17 18.23 38.53
C LEU B 53 2.25 17.45 39.32
N GLN B 54 2.46 17.75 40.61
CA GLN B 54 3.58 17.22 41.44
C GLN B 54 3.60 15.68 41.48
N ASP B 55 2.43 15.06 41.61
CA ASP B 55 2.28 13.59 41.80
C ASP B 55 2.65 12.85 40.49
N VAL B 56 2.65 13.55 39.36
CA VAL B 56 3.00 12.97 38.01
C VAL B 56 4.45 13.32 37.68
N MET B 57 4.90 14.53 38.00
CA MET B 57 6.13 15.13 37.44
C MET B 57 7.35 14.86 38.34
N THR B 58 7.15 14.56 39.63
CA THR B 58 8.25 14.45 40.64
C THR B 58 8.12 13.16 41.44
N TYR B 59 9.20 12.78 42.11
CA TYR B 59 9.22 11.69 43.13
C TYR B 59 10.09 12.11 44.32
N ILE B 60 9.84 11.43 45.43
CA ILE B 60 10.61 11.53 46.69
C ILE B 60 11.64 10.39 46.65
N ASP B 61 12.93 10.73 46.70
CA ASP B 61 14.06 9.73 46.74
C ASP B 61 14.27 9.25 48.18
N GLU B 62 15.19 8.31 48.36
CA GLU B 62 15.54 7.67 49.67
C GLU B 62 15.93 8.74 50.69
N GLY B 63 16.67 9.79 50.26
CA GLY B 63 17.10 10.91 51.12
C GLY B 63 15.96 11.83 51.55
N GLY B 64 14.78 11.71 50.92
CA GLY B 64 13.59 12.56 51.15
C GLY B 64 13.53 13.77 50.23
N GLN B 65 14.41 13.84 49.20
CA GLN B 65 14.52 14.97 48.23
C GLN B 65 13.51 14.78 47.10
N ARG B 66 12.67 15.79 46.85
CA ARG B 66 11.80 15.86 45.66
C ARG B 66 12.70 16.02 44.44
N ARG B 67 12.67 15.06 43.51
CA ARG B 67 13.49 15.04 42.27
C ARG B 67 12.56 14.89 41.06
N ALA B 68 12.99 15.39 39.90
CA ALA B 68 12.23 15.31 38.63
C ALA B 68 12.18 13.87 38.14
N MET B 69 11.05 13.47 37.56
CA MET B 69 10.76 12.07 37.16
C MET B 69 11.67 11.67 36.00
N GLN B 70 12.32 12.62 35.35
CA GLN B 70 13.30 12.30 34.29
C GLN B 70 14.47 11.51 34.90
N TRP B 71 14.67 11.55 36.23
CA TRP B 71 15.79 10.83 36.91
C TRP B 71 15.29 9.54 37.58
N PHE B 72 14.00 9.22 37.48
CA PHE B 72 13.34 8.08 38.17
C PHE B 72 13.73 6.75 37.49
N GLY B 73 14.32 5.81 38.24
CA GLY B 73 14.70 4.47 37.74
C GLY B 73 13.61 3.43 37.99
N HIS B 74 13.16 2.70 36.95
CA HIS B 74 12.04 1.72 37.06
C HIS B 74 12.57 0.30 37.17
N ARG B 75 12.20 -0.43 38.23
CA ARG B 75 12.68 -1.81 38.54
C ARG B 75 11.56 -2.85 38.39
N ASP B 76 10.31 -2.41 38.13
CA ASP B 76 9.14 -3.28 37.86
C ASP B 76 8.23 -2.61 36.83
N LYS B 77 7.24 -3.34 36.34
CA LYS B 77 6.23 -2.89 35.34
C LYS B 77 5.51 -1.63 35.86
N GLU B 78 4.94 -1.67 37.08
CA GLU B 78 4.22 -0.54 37.72
C GLU B 78 5.04 0.74 37.54
N GLN B 79 6.33 0.68 37.89
CA GLN B 79 7.26 1.83 37.88
C GLN B 79 7.52 2.28 36.45
N LEU B 80 7.64 1.37 35.49
CA LEU B 80 7.80 1.72 34.05
C LEU B 80 6.59 2.54 33.59
N ARG B 81 5.37 2.15 33.98
CA ARG B 81 4.10 2.86 33.60
C ARG B 81 4.09 4.27 34.21
N ARG B 82 4.62 4.44 35.41
CA ARG B 82 4.68 5.76 36.09
C ARG B 82 5.64 6.68 35.32
N LYS B 83 6.77 6.15 34.87
CA LYS B 83 7.75 6.92 34.07
C LYS B 83 7.08 7.32 32.75
N ARG B 84 6.37 6.37 32.13
CA ARG B 84 5.77 6.57 30.80
C ARG B 84 4.68 7.64 30.89
N LYS B 85 3.86 7.59 31.94
CA LYS B 85 2.77 8.56 32.22
C LYS B 85 3.35 9.97 32.31
N TYR B 86 4.52 10.09 32.93
CA TYR B 86 5.36 11.31 33.00
C TYR B 86 5.71 11.77 31.57
N HIS B 87 6.25 10.87 30.76
CA HIS B 87 6.70 11.20 29.38
C HIS B 87 5.46 11.60 28.57
N GLU B 88 4.35 10.91 28.78
CA GLU B 88 3.05 11.19 28.12
C GLU B 88 2.59 12.61 28.53
N THR B 89 2.46 12.93 29.82
CA THR B 89 2.00 14.24 30.35
C THR B 89 2.93 15.36 29.86
N VAL B 90 4.24 15.12 29.82
CA VAL B 90 5.21 16.11 29.30
C VAL B 90 4.86 16.39 27.83
N MET B 91 4.57 15.38 27.02
CA MET B 91 4.38 15.61 25.56
C MET B 91 2.97 16.20 25.30
N ARG B 92 1.96 15.90 26.12
CA ARG B 92 0.63 16.55 26.02
C ARG B 92 0.73 18.03 26.39
N GLU B 93 1.54 18.37 27.40
CA GLU B 93 1.72 19.77 27.91
C GLU B 93 2.49 20.64 26.89
N MET B 94 3.18 20.04 25.92
CA MET B 94 4.09 20.78 25.02
C MET B 94 3.65 20.58 23.56
N ALA B 95 2.50 21.18 23.19
CA ALA B 95 1.96 21.32 21.81
C ALA B 95 1.89 19.96 21.12
N GLY B 96 1.26 18.98 21.77
CA GLY B 96 0.90 17.67 21.19
C GLY B 96 2.09 16.93 20.62
N ALA B 97 3.12 16.68 21.44
CA ALA B 97 4.32 15.89 21.09
C ALA B 97 5.11 16.55 19.96
N SER B 98 5.03 17.88 19.83
CA SER B 98 5.64 18.64 18.71
C SER B 98 7.13 18.88 18.96
N PHE B 99 7.62 18.65 20.19
CA PHE B 99 9.04 18.83 20.60
C PHE B 99 9.54 17.51 21.16
N PRO B 100 10.05 16.62 20.27
CA PRO B 100 10.41 15.26 20.65
C PRO B 100 11.68 15.06 21.49
N ARG B 101 12.47 16.12 21.74
CA ARG B 101 13.77 16.00 22.44
C ARG B 101 13.85 17.02 23.58
N THR B 102 12.83 17.01 24.44
CA THR B 102 12.87 17.64 25.78
C THR B 102 13.90 16.87 26.61
N PRO B 103 14.42 17.47 27.70
CA PRO B 103 15.51 16.87 28.46
C PRO B 103 15.23 15.46 28.97
N ASP B 104 13.96 15.18 29.31
CA ASP B 104 13.48 13.87 29.80
C ASP B 104 13.85 12.77 28.83
N VAL B 105 13.90 13.06 27.53
CA VAL B 105 14.19 12.04 26.47
C VAL B 105 15.70 11.93 26.33
N ASN B 106 16.37 13.08 26.13
CA ASN B 106 17.83 13.23 26.08
C ASN B 106 18.46 12.42 27.23
N ASN B 107 18.02 12.62 28.46
CA ASN B 107 18.72 12.08 29.66
C ASN B 107 18.32 10.62 29.93
N TYR B 108 17.37 10.07 29.18
CA TYR B 108 16.76 8.75 29.47
C TYR B 108 17.78 7.64 29.22
N VAL B 109 18.61 7.83 28.19
CA VAL B 109 19.61 6.85 27.67
C VAL B 109 20.74 6.64 28.70
N LEU B 110 20.97 7.61 29.58
CA LEU B 110 22.06 7.55 30.59
C LEU B 110 21.82 6.38 31.55
N THR B 111 20.58 5.90 31.69
CA THR B 111 20.21 4.83 32.68
C THR B 111 20.85 3.49 32.29
N THR B 112 21.21 3.29 31.02
CA THR B 112 21.98 2.12 30.53
C THR B 112 23.35 2.07 31.22
N TYR B 113 24.01 3.23 31.36
CA TYR B 113 25.30 3.36 32.08
C TYR B 113 25.08 3.00 33.55
N ILE B 114 24.13 3.66 34.23
CA ILE B 114 23.84 3.44 35.69
C ILE B 114 23.65 1.94 35.95
N ASP B 115 22.96 1.26 35.03
CA ASP B 115 22.54 -0.16 35.17
C ASP B 115 23.74 -1.14 35.22
N ASP B 116 24.66 -1.03 34.25
CA ASP B 116 25.81 -1.96 34.10
C ASP B 116 27.05 -1.15 33.74
N PRO B 117 27.61 -0.35 34.68
CA PRO B 117 28.73 0.55 34.36
C PRO B 117 30.08 -0.11 34.04
N ALA B 118 30.33 -1.32 34.56
CA ALA B 118 31.63 -2.03 34.51
C ALA B 118 32.11 -2.19 33.06
N PRO B 119 31.39 -2.94 32.18
CA PRO B 119 31.90 -3.22 30.84
C PRO B 119 32.53 -2.00 30.16
N TRP B 120 31.87 -0.84 30.22
CA TRP B 120 32.35 0.43 29.62
C TRP B 120 33.84 0.59 29.96
N GLU B 121 34.18 0.39 31.24
CA GLU B 121 35.58 0.38 31.73
C GLU B 121 36.31 -0.85 31.19
N THR B 122 35.88 -2.05 31.60
CA THR B 122 36.62 -3.33 31.44
C THR B 122 36.92 -3.61 29.96
N GLN B 123 36.08 -3.14 29.02
CA GLN B 123 36.27 -3.37 27.56
C GLN B 123 37.04 -2.20 26.89
N SER B 124 37.35 -1.13 27.62
CA SER B 124 38.10 0.03 27.06
C SER B 124 39.53 -0.42 26.70
N ILE B 125 40.13 0.19 25.66
CA ILE B 125 41.45 -0.22 25.08
C ILE B 125 42.32 1.02 24.85
N GLY B 126 43.51 1.02 25.44
CA GLY B 126 44.52 2.09 25.32
C GLY B 126 44.23 3.26 26.23
N ASP B 127 43.57 3.03 27.37
CA ASP B 127 43.22 4.08 28.37
C ASP B 127 44.21 4.08 29.56
N ASP B 128 44.97 2.99 29.73
CA ASP B 128 46.01 2.79 30.78
C ASP B 128 45.34 2.82 32.16
N GLY B 129 44.18 2.17 32.28
CA GLY B 129 43.41 2.01 33.52
C GLY B 129 42.91 3.31 34.12
N HIS B 130 42.78 4.38 33.32
CA HIS B 130 42.34 5.73 33.78
C HIS B 130 40.83 5.83 33.89
N ILE B 131 40.08 4.98 33.17
CA ILE B 131 38.58 5.03 33.16
C ILE B 131 38.07 4.11 34.26
N LYS B 132 37.27 4.67 35.18
CA LYS B 132 36.64 3.95 36.31
C LYS B 132 35.12 3.92 36.09
N ALA B 133 34.50 2.75 36.24
CA ALA B 133 33.03 2.55 36.27
C ALA B 133 32.44 3.38 37.41
N GLY B 134 33.26 3.76 38.39
CA GLY B 134 32.91 4.73 39.45
C GLY B 134 32.60 6.11 38.89
N LYS B 135 33.38 6.55 37.90
CA LYS B 135 33.39 7.96 37.38
C LYS B 135 32.22 8.20 36.40
N ILE B 136 31.64 7.16 35.80
CA ILE B 136 30.47 7.24 34.88
C ILE B 136 29.22 7.52 35.72
N VAL B 137 29.07 6.76 36.80
CA VAL B 137 27.95 6.88 37.77
C VAL B 137 28.04 8.24 38.48
N ASP B 138 29.25 8.70 38.81
CA ASP B 138 29.46 10.02 39.47
C ASP B 138 28.93 11.13 38.56
N PHE B 139 29.20 11.04 37.26
CA PHE B 139 28.80 12.08 36.27
C PHE B 139 27.27 12.14 36.20
N ILE B 140 26.65 10.98 36.01
CA ILE B 140 25.18 10.90 35.79
C ILE B 140 24.48 11.37 37.07
N ARG B 141 25.04 11.08 38.25
CA ARG B 141 24.48 11.53 39.55
C ARG B 141 24.71 13.04 39.70
N TYR B 142 25.76 13.58 39.08
CA TYR B 142 26.04 15.04 39.06
C TYR B 142 24.97 15.72 38.20
N ALA B 143 24.67 15.14 37.03
CA ALA B 143 23.64 15.62 36.08
C ALA B 143 22.26 15.59 36.75
N ARG B 144 21.96 14.48 37.43
CA ARG B 144 20.71 14.29 38.20
C ARG B 144 20.57 15.45 39.18
N GLU B 145 21.58 15.63 40.03
CA GLU B 145 21.65 16.65 41.11
C GLU B 145 21.36 18.05 40.54
N HIS B 146 21.91 18.39 39.37
CA HIS B 146 21.78 19.75 38.75
C HIS B 146 20.85 19.73 37.53
N ASP B 147 19.93 18.75 37.43
CA ASP B 147 18.92 18.62 36.34
C ASP B 147 19.56 19.03 35.00
N LEU B 148 20.75 18.50 34.73
CA LEU B 148 21.51 18.85 33.50
C LEU B 148 20.95 18.06 32.32
N ASN B 149 20.77 18.74 31.20
CA ASN B 149 20.34 18.17 29.90
C ASN B 149 21.58 17.70 29.13
N CYS B 150 21.70 16.38 28.94
CA CYS B 150 22.81 15.72 28.19
C CYS B 150 22.27 15.21 26.84
N ALA B 151 22.61 15.91 25.75
CA ALA B 151 22.11 15.67 24.38
C ALA B 151 22.94 14.59 23.70
N PRO B 152 22.30 13.48 23.26
CA PRO B 152 23.00 12.40 22.57
C PRO B 152 23.37 12.73 21.12
N GLN B 153 24.67 12.62 20.82
CA GLN B 153 25.26 12.72 19.46
C GLN B 153 26.09 11.46 19.24
N PHE B 154 25.56 10.45 18.56
CA PHE B 154 26.30 9.18 18.29
C PHE B 154 26.55 8.95 16.80
N VAL B 155 25.68 9.45 15.90
CA VAL B 155 25.66 8.97 14.48
C VAL B 155 26.89 9.50 13.73
N ASP B 156 27.36 8.71 12.75
CA ASP B 156 28.46 8.97 11.80
C ASP B 156 28.15 10.14 10.88
N PRO B 157 29.16 10.70 10.20
CA PRO B 157 28.94 11.50 8.99
C PRO B 157 28.37 10.64 7.86
N GLN B 158 27.44 11.18 7.08
CA GLN B 158 26.92 10.59 5.82
C GLN B 158 27.84 11.02 4.68
N MET B 159 28.99 10.36 4.53
CA MET B 159 30.05 10.83 3.60
C MET B 159 29.90 10.06 2.29
N ASP B 160 30.04 8.73 2.33
CA ASP B 160 30.14 7.85 1.15
C ASP B 160 29.75 6.43 1.57
N ARG B 161 28.55 6.00 1.15
CA ARG B 161 27.95 4.69 1.52
C ARG B 161 28.37 3.59 0.54
N SER B 162 29.09 3.91 -0.55
CA SER B 162 29.61 2.91 -1.53
C SER B 162 30.76 2.11 -0.91
N ASN B 163 31.72 2.82 -0.32
CA ASN B 163 33.00 2.29 0.22
C ASN B 163 32.78 1.84 1.67
N PRO B 164 33.26 0.64 2.07
CA PRO B 164 33.43 0.32 3.50
C PRO B 164 34.70 0.91 4.12
N ASP B 165 35.73 1.21 3.30
CA ASP B 165 37.06 1.78 3.72
C ASP B 165 36.91 3.22 4.21
N ALA B 166 35.81 3.90 3.84
CA ALA B 166 35.58 5.35 4.06
C ALA B 166 35.25 5.66 5.53
N GLN B 167 35.84 4.93 6.48
CA GLN B 167 35.84 5.27 7.93
C GLN B 167 37.25 5.70 8.36
N GLU B 168 38.22 5.75 7.43
CA GLU B 168 39.60 6.26 7.69
C GLU B 168 39.68 7.75 7.33
N ARG B 169 39.21 8.13 6.12
CA ARG B 169 39.23 9.53 5.60
C ARG B 169 38.13 10.37 6.28
N SER B 170 37.15 9.72 6.93
CA SER B 170 35.96 10.34 7.56
C SER B 170 36.39 11.34 8.63
N PRO B 171 35.67 12.49 8.73
CA PRO B 171 35.95 13.48 9.77
C PRO B 171 35.28 13.15 11.11
N GLY B 172 34.82 11.92 11.27
CA GLY B 172 34.34 11.38 12.56
C GLY B 172 35.25 11.86 13.68
N LEU B 173 34.67 12.17 14.85
CA LEU B 173 35.45 12.57 16.04
C LEU B 173 36.48 11.47 16.31
N ARG B 174 37.78 11.79 16.34
CA ARG B 174 38.85 10.81 16.67
C ARG B 174 39.68 11.31 17.87
N VAL B 175 40.33 10.38 18.58
CA VAL B 175 41.24 10.69 19.72
C VAL B 175 42.62 10.94 19.12
N VAL B 176 43.15 12.16 19.22
CA VAL B 176 44.43 12.56 18.54
C VAL B 176 45.57 12.51 19.56
N GLU B 177 45.27 12.70 20.84
CA GLU B 177 46.23 12.71 21.98
C GLU B 177 45.58 12.04 23.19
N LYS B 178 46.27 11.07 23.81
CA LYS B 178 45.92 10.46 25.12
C LYS B 178 47.07 10.74 26.09
N ASN B 179 46.79 11.39 27.23
CA ASN B 179 47.85 11.78 28.20
C ASN B 179 47.44 11.26 29.59
N GLU B 180 47.78 12.00 30.65
CA GLU B 180 47.57 11.65 32.08
C GLU B 180 46.31 12.36 32.62
N LYS B 181 46.00 13.56 32.11
CA LYS B 181 44.85 14.39 32.56
C LYS B 181 43.55 13.88 31.92
N GLY B 182 43.64 13.33 30.69
CA GLY B 182 42.48 12.90 29.89
C GLY B 182 42.85 12.62 28.44
N ILE B 183 41.87 12.82 27.52
CA ILE B 183 42.02 12.63 26.05
C ILE B 183 41.80 13.98 25.36
N VAL B 184 42.29 14.10 24.12
CA VAL B 184 42.01 15.25 23.20
C VAL B 184 41.38 14.69 21.93
N VAL B 185 40.25 15.26 21.54
CA VAL B 185 39.44 14.76 20.39
C VAL B 185 39.38 15.89 19.37
N ASN B 186 39.42 15.49 18.10
CA ASN B 186 39.38 16.40 16.93
C ASN B 186 38.43 15.77 15.91
N GLY B 187 37.53 16.58 15.34
CA GLY B 187 36.65 16.16 14.25
C GLY B 187 35.21 16.54 14.49
N VAL B 188 34.30 15.72 13.98
CA VAL B 188 32.87 16.09 13.83
C VAL B 188 32.02 15.00 14.51
N LYS B 189 31.09 15.41 15.38
CA LYS B 189 29.81 14.68 15.62
C LYS B 189 28.75 15.28 14.66
N ALA B 190 28.40 14.53 13.63
CA ALA B 190 27.86 15.03 12.33
C ALA B 190 26.38 15.44 12.45
N ILE B 191 25.75 15.08 13.56
CA ILE B 191 24.27 15.22 13.67
C ILE B 191 23.86 15.13 15.14
N GLY B 192 23.12 16.13 15.60
CA GLY B 192 22.47 16.15 16.91
C GLY B 192 21.22 17.03 16.87
N THR B 193 20.30 16.77 17.78
CA THR B 193 19.08 17.58 17.97
C THR B 193 19.21 18.35 19.28
N GLY B 194 18.95 19.66 19.22
CA GLY B 194 18.81 20.57 20.37
C GLY B 194 20.09 20.76 21.17
N VAL B 195 21.27 20.63 20.57
CA VAL B 195 22.57 20.66 21.30
C VAL B 195 22.79 22.10 21.80
N ALA B 196 22.50 23.09 20.97
CA ALA B 196 22.58 24.53 21.31
C ALA B 196 21.76 24.83 22.57
N PHE B 197 20.79 23.98 22.95
CA PHE B 197 19.88 24.23 24.09
C PHE B 197 20.24 23.38 25.31
N ALA B 198 21.23 22.50 25.17
CA ALA B 198 21.59 21.50 26.21
C ALA B 198 22.72 22.05 27.09
N ASP B 199 23.04 21.32 28.17
CA ASP B 199 24.09 21.72 29.15
C ASP B 199 25.36 20.97 28.77
N TRP B 200 25.21 19.68 28.47
CA TRP B 200 26.32 18.76 28.12
C TRP B 200 26.01 18.04 26.79
N ILE B 201 27.06 17.71 26.05
CA ILE B 201 27.03 16.78 24.89
C ILE B 201 27.35 15.37 25.43
N HIS B 202 26.49 14.40 25.15
CA HIS B 202 26.73 12.95 25.38
C HIS B 202 27.31 12.37 24.09
N ILE B 203 28.62 12.16 24.04
CA ILE B 203 29.35 11.68 22.83
C ILE B 203 29.38 10.16 22.85
N GLY B 204 28.77 9.53 21.86
CA GLY B 204 28.80 8.06 21.71
C GLY B 204 29.14 7.70 20.29
N VAL B 205 29.18 6.41 20.00
CA VAL B 205 29.39 5.93 18.61
C VAL B 205 28.63 4.61 18.43
N PHE B 206 28.06 4.40 17.25
CA PHE B 206 27.58 3.07 16.78
C PHE B 206 28.67 2.45 15.91
N PHE B 207 28.70 1.11 15.81
CA PHE B 207 29.72 0.32 15.07
C PHE B 207 29.33 0.24 13.59
N ARG B 208 30.28 0.53 12.71
CA ARG B 208 30.23 0.17 11.27
C ARG B 208 31.45 -0.72 10.98
N PRO B 209 31.43 -1.54 9.91
CA PRO B 209 32.61 -2.34 9.54
C PRO B 209 33.91 -1.52 9.51
N GLY B 210 34.97 -2.05 10.13
CA GLY B 210 36.33 -1.48 10.10
C GLY B 210 36.42 -0.10 10.75
N ILE B 211 35.60 0.17 11.76
CA ILE B 211 35.71 1.41 12.58
C ILE B 211 37.03 1.33 13.35
N PRO B 212 37.95 2.30 13.17
CA PRO B 212 39.21 2.28 13.91
C PRO B 212 38.98 2.63 15.39
N GLY B 213 39.84 2.10 16.28
CA GLY B 213 39.76 2.29 17.73
C GLY B 213 39.77 3.76 18.12
N ASP B 214 40.52 4.61 17.42
CA ASP B 214 40.71 6.04 17.81
C ASP B 214 39.43 6.82 17.53
N GLN B 215 38.42 6.18 16.91
CA GLN B 215 37.08 6.73 16.59
C GLN B 215 35.99 6.13 17.49
N VAL B 216 36.36 5.25 18.42
CA VAL B 216 35.40 4.65 19.39
C VAL B 216 35.48 5.48 20.67
N ILE B 217 34.55 6.43 20.84
CA ILE B 217 34.59 7.47 21.91
C ILE B 217 33.24 7.55 22.62
N PHE B 218 33.17 7.11 23.88
CA PHE B 218 32.02 7.39 24.76
C PHE B 218 32.47 8.33 25.88
N ALA B 219 31.89 9.52 25.90
CA ALA B 219 32.32 10.65 26.74
C ALA B 219 31.18 11.66 26.91
N ALA B 220 31.44 12.67 27.74
CA ALA B 220 30.58 13.83 28.00
C ALA B 220 31.45 15.09 28.07
N THR B 221 30.99 16.19 27.49
CA THR B 221 31.65 17.51 27.61
C THR B 221 30.59 18.60 27.63
N PRO B 222 30.84 19.73 28.32
CA PRO B 222 29.92 20.87 28.26
C PRO B 222 29.82 21.44 26.84
N VAL B 223 28.70 22.08 26.55
CA VAL B 223 28.36 22.63 25.21
C VAL B 223 29.24 23.86 24.93
N ASN B 224 29.77 24.51 25.99
CA ASN B 224 30.64 25.72 25.94
C ASN B 224 32.11 25.36 26.21
N THR B 225 32.51 24.10 26.04
CA THR B 225 33.93 23.65 26.08
C THR B 225 34.74 24.38 25.00
N PRO B 226 35.95 24.92 25.29
CA PRO B 226 36.71 25.64 24.28
C PRO B 226 37.08 24.67 23.15
N GLY B 227 36.83 25.05 21.89
CA GLY B 227 37.07 24.21 20.69
C GLY B 227 35.83 23.48 20.20
N VAL B 228 34.72 23.53 20.95
CA VAL B 228 33.37 23.08 20.50
C VAL B 228 32.71 24.19 19.67
N THR B 229 32.24 23.88 18.46
CA THR B 229 31.31 24.74 17.67
C THR B 229 30.03 23.97 17.32
N ILE B 230 28.87 24.52 17.69
CA ILE B 230 27.53 23.98 17.32
C ILE B 230 27.09 24.66 16.02
N VAL B 231 26.82 23.87 14.97
CA VAL B 231 26.41 24.36 13.63
C VAL B 231 25.01 23.81 13.29
N CYS B 232 23.98 24.66 13.40
CA CYS B 232 22.55 24.32 13.24
C CYS B 232 22.00 24.87 11.93
N ARG B 233 21.13 24.08 11.29
CA ARG B 233 20.27 24.48 10.16
C ARG B 233 19.54 25.77 10.53
N GLU B 234 19.04 26.51 9.54
CA GLU B 234 18.27 27.76 9.76
C GLU B 234 17.03 27.42 10.61
N SER B 235 16.62 28.38 11.44
CA SER B 235 15.47 28.25 12.36
C SER B 235 14.17 28.52 11.59
N LEU B 236 13.16 27.68 11.83
CA LEU B 236 11.87 27.66 11.09
C LEU B 236 10.78 28.27 11.96
N VAL B 237 11.14 28.88 13.09
CA VAL B 237 10.14 29.51 14.01
C VAL B 237 9.35 30.56 13.25
N LYS B 238 8.05 30.67 13.54
CA LYS B 238 7.16 31.61 12.81
C LYS B 238 6.90 32.81 13.73
N ASP B 239 6.68 33.99 13.14
CA ASP B 239 6.55 35.30 13.84
C ASP B 239 5.20 35.42 14.58
N ASP B 240 4.12 35.02 13.91
CA ASP B 240 2.70 35.28 14.28
C ASP B 240 2.07 34.01 14.88
N LYS B 241 1.97 33.95 16.22
CA LYS B 241 1.38 32.83 17.00
C LYS B 241 -0.12 32.67 16.66
N VAL B 242 -0.80 33.75 16.25
CA VAL B 242 -2.23 33.71 15.87
C VAL B 242 -2.35 32.80 14.65
N GLU B 243 -1.54 33.06 13.61
CA GLU B 243 -1.61 32.28 12.34
C GLU B 243 -0.95 30.91 12.51
N HIS B 244 0.11 30.85 13.32
CA HIS B 244 0.97 29.65 13.52
C HIS B 244 1.07 29.31 15.01
N PRO B 245 0.01 28.76 15.64
CA PRO B 245 0.03 28.52 17.08
C PRO B 245 1.06 27.48 17.52
N LEU B 246 1.51 26.61 16.64
CA LEU B 246 2.55 25.62 17.02
C LEU B 246 3.91 26.09 16.53
N ALA B 247 4.01 26.59 15.31
CA ALA B 247 5.32 26.95 14.70
C ALA B 247 5.89 28.18 15.40
N ALA B 248 5.07 29.03 16.01
CA ALA B 248 5.54 30.23 16.73
C ALA B 248 6.11 29.87 18.12
N GLN B 249 5.86 28.64 18.60
CA GLN B 249 6.35 28.16 19.92
C GLN B 249 7.85 27.81 19.84
N GLY B 250 8.44 27.76 18.65
CA GLY B 250 9.90 27.63 18.47
C GLY B 250 10.30 26.38 17.70
N ASP B 251 11.54 26.37 17.24
CA ASP B 251 12.10 25.31 16.37
C ASP B 251 13.20 24.56 17.14
N GLU B 252 12.97 23.28 17.38
CA GLU B 252 13.93 22.30 17.95
C GLU B 252 15.01 22.02 16.91
N LEU B 253 16.13 22.74 17.00
CA LEU B 253 17.13 22.80 15.92
C LEU B 253 17.90 21.49 15.86
N ASP B 254 18.34 21.12 14.66
CA ASP B 254 19.25 19.99 14.40
C ASP B 254 20.55 20.57 13.83
N GLY B 255 21.67 19.89 14.05
CA GLY B 255 22.98 20.41 13.62
C GLY B 255 24.08 19.39 13.73
N MET B 256 25.32 19.83 13.52
CA MET B 256 26.54 19.06 13.83
C MET B 256 27.33 19.81 14.91
N THR B 257 28.17 19.07 15.63
CA THR B 257 29.17 19.62 16.58
C THR B 257 30.57 19.38 16.00
N VAL B 258 31.33 20.46 15.85
CA VAL B 258 32.77 20.43 15.47
C VAL B 258 33.58 20.50 16.75
N PHE B 259 34.49 19.55 16.92
CA PHE B 259 35.51 19.53 18.00
C PHE B 259 36.88 19.83 17.41
N GLU B 260 37.48 20.99 17.77
CA GLU B 260 38.87 21.39 17.41
C GLU B 260 39.80 21.22 18.62
N ASN B 261 40.57 20.13 18.65
CA ASN B 261 41.53 19.79 19.74
C ASN B 261 40.84 20.08 21.09
N VAL B 262 39.77 19.32 21.33
CA VAL B 262 38.90 19.47 22.52
C VAL B 262 39.39 18.50 23.60
N PHE B 263 39.72 19.04 24.77
CA PHE B 263 40.22 18.25 25.92
C PHE B 263 39.03 17.69 26.70
N ILE B 264 39.11 16.42 27.06
CA ILE B 264 38.08 15.72 27.88
C ILE B 264 38.81 14.98 29.00
N PRO B 265 38.63 15.39 30.27
CA PRO B 265 39.28 14.70 31.40
C PRO B 265 38.79 13.24 31.52
N TRP B 266 39.59 12.36 32.13
CA TRP B 266 39.30 10.90 32.24
C TRP B 266 38.01 10.66 33.02
N SER B 267 37.68 11.55 33.96
CA SER B 267 36.44 11.47 34.78
C SER B 267 35.19 11.59 33.89
N HIS B 268 35.30 12.25 32.73
CA HIS B 268 34.17 12.46 31.80
C HIS B 268 34.35 11.58 30.55
N VAL B 269 35.18 10.54 30.62
CA VAL B 269 35.29 9.51 29.54
C VAL B 269 34.67 8.20 30.06
N PHE B 270 33.83 7.58 29.23
CA PHE B 270 33.04 6.38 29.59
C PHE B 270 33.69 5.12 28.98
N HIS B 271 34.27 5.23 27.77
CA HIS B 271 34.87 4.11 27.01
C HIS B 271 35.58 4.62 25.76
N ILE B 272 36.70 3.99 25.39
CA ILE B 272 37.46 4.29 24.14
C ILE B 272 37.98 2.98 23.55
N GLY B 273 38.22 2.95 22.23
CA GLY B 273 39.23 2.10 21.58
C GLY B 273 38.76 0.71 21.20
N ASN B 274 37.53 0.31 21.52
CA ASN B 274 37.07 -1.10 21.28
C ASN B 274 35.89 -1.14 20.32
N PRO B 275 36.13 -1.38 19.01
CA PRO B 275 35.07 -1.59 18.03
C PRO B 275 34.06 -2.67 18.45
N ASN B 276 34.52 -3.74 19.09
CA ASN B 276 33.71 -4.88 19.58
C ASN B 276 32.62 -4.37 20.53
N HIS B 277 33.00 -3.55 21.53
CA HIS B 277 32.10 -2.97 22.56
C HIS B 277 31.03 -2.07 21.92
N ALA B 278 31.33 -1.50 20.76
CA ALA B 278 30.46 -0.57 20.02
C ALA B 278 29.39 -1.32 19.20
N LYS B 279 29.33 -2.66 19.25
CA LYS B 279 28.29 -3.48 18.53
C LYS B 279 26.99 -3.46 19.34
N LEU B 280 27.01 -4.01 20.55
CA LEU B 280 25.79 -4.23 21.36
C LEU B 280 25.51 -3.02 22.27
N TYR B 281 26.51 -2.51 23.00
CA TYR B 281 26.28 -1.59 24.16
C TYR B 281 25.73 -0.23 23.72
N PRO B 282 26.03 0.33 22.53
CA PRO B 282 25.41 1.58 22.11
C PRO B 282 23.91 1.42 21.78
N GLN B 283 23.52 0.31 21.15
CA GLN B 283 22.09 -0.05 20.93
C GLN B 283 21.36 -0.07 22.29
N ARG B 284 21.94 -0.67 23.33
CA ARG B 284 21.33 -0.80 24.69
C ARG B 284 21.12 0.61 25.28
N VAL B 285 21.94 1.58 24.88
CA VAL B 285 21.82 3.00 25.31
C VAL B 285 20.58 3.61 24.63
N PHE B 286 20.43 3.43 23.32
CA PHE B 286 19.36 4.13 22.54
C PHE B 286 18.04 3.34 22.63
N ASP B 287 18.02 2.11 23.15
CA ASP B 287 16.78 1.33 23.38
C ASP B 287 15.72 2.18 24.10
N TRP B 288 16.13 3.02 25.05
CA TRP B 288 15.19 3.84 25.87
C TRP B 288 14.59 4.97 25.01
N LEU B 289 15.39 5.57 24.12
CA LEU B 289 14.93 6.59 23.15
C LEU B 289 13.90 5.93 22.26
N HIS B 290 14.08 4.65 22.01
CA HIS B 290 13.24 3.85 21.09
C HIS B 290 11.88 3.61 21.76
N TYR B 291 11.88 3.14 23.00
CA TYR B 291 10.63 2.91 23.77
C TYR B 291 9.86 4.23 23.86
N HIS B 292 10.52 5.29 24.29
CA HIS B 292 9.92 6.65 24.36
C HIS B 292 9.28 6.98 23.00
N ALA B 293 9.96 6.70 21.88
CA ALA B 293 9.48 7.00 20.52
C ALA B 293 8.08 6.40 20.30
N LEU B 294 7.80 5.25 20.92
CA LEU B 294 6.47 4.58 20.85
C LEU B 294 5.44 5.35 21.69
N ILE B 295 5.84 5.94 22.83
CA ILE B 295 4.92 6.83 23.61
C ILE B 295 4.54 8.00 22.70
N ARG B 296 5.51 8.61 22.03
CA ARG B 296 5.26 9.76 21.10
C ARG B 296 4.37 9.32 19.93
N GLN B 297 4.68 8.17 19.34
CA GLN B 297 3.94 7.60 18.20
C GLN B 297 2.45 7.53 18.56
N MET B 298 2.16 7.01 19.74
CA MET B 298 0.78 6.91 20.27
C MET B 298 0.16 8.30 20.33
N VAL B 299 0.85 9.29 20.91
CA VAL B 299 0.21 10.61 21.15
C VAL B 299 0.03 11.29 19.79
N ARG B 300 1.03 11.21 18.92
CA ARG B 300 0.97 11.81 17.56
C ARG B 300 -0.19 11.17 16.78
N ALA B 301 -0.33 9.84 16.83
CA ALA B 301 -1.44 9.10 16.21
C ALA B 301 -2.77 9.61 16.78
N GLU B 302 -2.86 9.76 18.10
CA GLU B 302 -4.09 10.25 18.81
C GLU B 302 -4.43 11.65 18.33
N LEU B 303 -3.42 12.51 18.20
CA LEU B 303 -3.58 13.90 17.74
C LEU B 303 -4.16 13.86 16.33
N VAL B 304 -3.58 13.04 15.45
CA VAL B 304 -3.97 12.98 14.01
C VAL B 304 -5.42 12.47 13.92
N ALA B 305 -5.78 11.44 14.68
CA ALA B 305 -7.15 10.84 14.64
C ALA B 305 -8.17 11.85 15.14
N GLY B 306 -7.88 12.56 16.22
CA GLY B 306 -8.71 13.64 16.77
C GLY B 306 -8.91 14.81 15.82
N LEU B 307 -7.88 15.27 15.10
CA LEU B 307 -8.06 16.30 14.02
C LEU B 307 -8.96 15.74 12.92
N ALA B 308 -8.79 14.47 12.53
CA ALA B 308 -9.67 13.88 11.49
C ALA B 308 -11.12 13.98 11.98
N VAL B 309 -11.37 13.59 13.23
CA VAL B 309 -12.73 13.66 13.84
C VAL B 309 -13.15 15.14 13.87
N LEU B 310 -12.32 16.04 14.38
CA LEU B 310 -12.70 17.47 14.46
C LEU B 310 -13.04 18.00 13.05
N ILE B 311 -12.22 17.73 12.02
CA ILE B 311 -12.39 18.43 10.74
C ILE B 311 -13.54 17.80 9.95
N THR B 312 -13.68 16.47 9.95
CA THR B 312 -14.82 15.79 9.28
C THR B 312 -16.13 16.20 9.97
N GLU B 313 -16.12 16.50 11.26
CA GLU B 313 -17.38 16.97 11.91
C GLU B 313 -17.66 18.40 11.45
N HIS B 314 -16.66 19.25 11.39
CA HIS B 314 -16.88 20.69 11.16
C HIS B 314 -17.36 20.92 9.72
N ILE B 315 -16.83 20.19 8.72
CA ILE B 315 -17.24 20.32 7.30
C ILE B 315 -18.50 19.49 7.01
N GLY B 316 -18.87 18.59 7.92
CA GLY B 316 -20.10 17.81 7.82
C GLY B 316 -19.96 16.52 7.03
N THR B 317 -18.78 15.89 7.01
CA THR B 317 -18.56 14.64 6.23
C THR B 317 -18.55 13.42 7.13
N ASN B 318 -18.57 13.61 8.46
CA ASN B 318 -18.29 12.56 9.49
C ASN B 318 -19.32 11.43 9.38
N LYS B 319 -20.53 11.68 8.84
CA LYS B 319 -21.62 10.67 8.76
C LYS B 319 -21.65 10.02 7.37
N ILE B 320 -20.89 10.55 6.40
CA ILE B 320 -20.81 9.93 5.06
C ILE B 320 -20.08 8.60 5.26
N PRO B 321 -20.76 7.47 4.97
CA PRO B 321 -20.26 6.14 5.36
C PRO B 321 -18.82 5.92 4.88
N ALA B 322 -18.56 6.31 3.65
CA ALA B 322 -17.26 6.20 2.96
C ALA B 322 -16.20 7.08 3.65
N VAL B 323 -16.58 8.16 4.34
CA VAL B 323 -15.60 8.98 5.12
C VAL B 323 -15.41 8.32 6.48
N GLN B 324 -16.47 7.71 6.98
CA GLN B 324 -16.46 7.00 8.27
C GLN B 324 -15.35 5.94 8.26
N THR B 325 -15.26 5.13 7.21
CA THR B 325 -14.27 4.03 7.12
C THR B 325 -12.86 4.61 6.99
N ARG B 326 -12.73 5.83 6.46
CA ARG B 326 -11.41 6.47 6.28
C ARG B 326 -10.98 6.99 7.65
N VAL B 327 -11.90 7.51 8.45
CA VAL B 327 -11.56 7.98 9.81
C VAL B 327 -11.19 6.74 10.63
N ALA B 328 -11.83 5.60 10.34
CA ALA B 328 -11.57 4.30 10.99
C ALA B 328 -10.10 3.90 10.90
N LYS B 329 -9.45 4.17 9.76
CA LYS B 329 -8.02 3.84 9.51
C LYS B 329 -7.14 4.58 10.50
N LEU B 330 -7.39 5.87 10.66
CA LEU B 330 -6.61 6.75 11.55
C LEU B 330 -6.89 6.33 12.99
N ILE B 331 -8.15 6.04 13.33
CA ILE B 331 -8.43 5.57 14.71
C ILE B 331 -7.71 4.22 14.91
N GLY B 332 -7.73 3.31 13.94
CA GLY B 332 -7.11 1.96 14.11
C GLY B 332 -5.61 2.08 14.28
N PHE B 333 -5.01 3.01 13.53
CA PHE B 333 -3.56 3.32 13.59
C PHE B 333 -3.18 3.73 15.01
N HIS B 334 -3.99 4.56 15.65
CA HIS B 334 -3.79 4.99 17.05
C HIS B 334 -3.81 3.75 17.94
N GLN B 335 -4.81 2.90 17.75
CA GLN B 335 -5.00 1.73 18.62
C GLN B 335 -3.83 0.76 18.43
N ALA B 336 -3.26 0.72 17.23
CA ALA B 336 -2.12 -0.15 16.90
C ALA B 336 -0.89 0.31 17.70
N MET B 337 -0.71 1.64 17.84
CA MET B 337 0.43 2.22 18.59
C MET B 337 0.18 2.00 20.08
N LEU B 338 -1.03 2.29 20.53
CA LEU B 338 -1.48 1.98 21.91
C LEU B 338 -1.16 0.52 22.24
N ALA B 339 -1.64 -0.43 21.43
CA ALA B 339 -1.45 -1.90 21.63
C ALA B 339 0.03 -2.22 21.82
N HIS B 340 0.88 -1.69 20.95
CA HIS B 340 2.33 -1.98 20.95
C HIS B 340 2.94 -1.43 22.24
N LEU B 341 2.59 -0.18 22.62
CA LEU B 341 3.10 0.43 23.87
C LEU B 341 2.73 -0.48 25.05
N ILE B 342 1.45 -0.81 25.19
CA ILE B 342 0.98 -1.60 26.36
C ILE B 342 1.53 -3.02 26.31
N ALA B 343 1.64 -3.63 25.13
CA ALA B 343 2.19 -5.00 25.00
C ALA B 343 3.67 -5.01 25.40
N SER B 344 4.41 -3.97 25.02
CA SER B 344 5.88 -3.91 25.22
C SER B 344 6.16 -3.83 26.72
N GLU B 345 5.31 -3.13 27.45
CA GLU B 345 5.40 -3.00 28.93
C GLU B 345 5.06 -4.34 29.60
N GLU B 346 4.04 -5.05 29.11
CA GLU B 346 3.55 -6.34 29.69
C GLU B 346 4.64 -7.41 29.61
N LEU B 347 5.29 -7.53 28.45
CA LEU B 347 6.32 -8.56 28.12
C LEU B 347 7.74 -7.99 28.28
N GLY B 348 7.98 -7.19 29.31
CA GLY B 348 9.31 -6.65 29.62
C GLY B 348 10.17 -7.69 30.33
N PHE B 349 11.35 -7.27 30.78
CA PHE B 349 12.33 -8.13 31.47
C PHE B 349 13.27 -7.23 32.29
N HIS B 350 14.00 -7.82 33.22
CA HIS B 350 15.03 -7.13 34.03
C HIS B 350 16.36 -7.19 33.29
N THR B 351 17.12 -6.10 33.34
CA THR B 351 18.51 -5.97 32.83
C THR B 351 19.46 -6.52 33.91
N PRO B 352 20.78 -6.63 33.63
CA PRO B 352 21.73 -7.11 34.63
C PRO B 352 21.67 -6.38 35.98
N GLY B 353 21.47 -5.04 35.98
CA GLY B 353 21.45 -4.20 37.19
C GLY B 353 20.09 -4.17 37.88
N GLY B 354 19.12 -4.95 37.40
CA GLY B 354 17.75 -5.09 37.96
C GLY B 354 16.78 -3.96 37.55
N HIS B 355 17.04 -3.27 36.43
CA HIS B 355 16.11 -2.28 35.80
C HIS B 355 15.07 -3.02 34.96
N TYR B 356 13.82 -2.54 34.95
CA TYR B 356 12.72 -3.15 34.14
C TYR B 356 12.68 -2.50 32.77
N LYS B 357 12.81 -3.32 31.73
CA LYS B 357 12.88 -2.84 30.33
C LYS B 357 11.67 -3.41 29.58
N PRO B 358 11.01 -2.60 28.71
CA PRO B 358 9.95 -3.09 27.85
C PRO B 358 10.48 -3.95 26.71
N ASN B 359 9.63 -4.87 26.22
CA ASN B 359 9.95 -5.86 25.16
C ASN B 359 10.52 -5.13 23.95
N ILE B 360 11.70 -5.54 23.50
CA ILE B 360 12.52 -4.86 22.45
C ILE B 360 11.87 -5.12 21.10
N LEU B 361 11.42 -6.36 20.88
CA LEU B 361 10.85 -6.78 19.58
C LEU B 361 9.62 -5.90 19.30
N ILE B 362 8.71 -5.83 20.26
CA ILE B 362 7.41 -5.12 20.13
C ILE B 362 7.64 -3.60 19.94
N TYR B 363 8.41 -2.94 20.80
CA TYR B 363 8.53 -1.47 20.65
C TYR B 363 9.28 -1.15 19.36
N ASP B 364 10.26 -1.97 18.95
CA ASP B 364 11.06 -1.69 17.73
C ASP B 364 10.22 -1.93 16.46
N PHE B 365 9.44 -3.03 16.39
CA PHE B 365 8.53 -3.34 15.25
C PHE B 365 7.37 -2.33 15.24
N GLY B 366 6.90 -1.91 16.41
CA GLY B 366 5.93 -0.82 16.55
C GLY B 366 6.42 0.46 15.89
N ARG B 367 7.70 0.78 16.06
CA ARG B 367 8.38 1.93 15.41
C ARG B 367 8.39 1.71 13.90
N ALA B 368 8.69 0.48 13.44
CA ALA B 368 8.74 0.21 11.99
C ALA B 368 7.33 0.43 11.41
N LEU B 369 6.30 -0.07 12.10
CA LEU B 369 4.89 0.03 11.65
C LEU B 369 4.50 1.51 11.56
N TYR B 370 4.96 2.33 12.50
CA TYR B 370 4.70 3.79 12.47
C TYR B 370 5.34 4.38 11.21
N LEU B 371 6.65 4.23 11.02
CA LEU B 371 7.38 4.80 9.85
C LEU B 371 6.76 4.33 8.54
N GLU B 372 6.28 3.09 8.48
CA GLU B 372 5.76 2.50 7.22
C GLU B 372 4.48 3.21 6.79
N ASN B 373 3.61 3.57 7.75
CA ASN B 373 2.21 4.05 7.57
C ASN B 373 2.05 5.58 7.76
N PHE B 374 2.99 6.23 8.45
CA PHE B 374 2.85 7.63 8.92
C PHE B 374 2.51 8.58 7.78
N SER B 375 3.24 8.53 6.66
CA SER B 375 3.04 9.51 5.57
C SER B 375 1.69 9.26 4.88
N GLN B 376 1.23 8.01 4.83
CA GLN B 376 -0.11 7.64 4.29
C GLN B 376 -1.19 8.15 5.25
N MET B 377 -0.91 8.22 6.56
CA MET B 377 -1.88 8.67 7.59
C MET B 377 -2.02 10.19 7.51
N ILE B 378 -0.91 10.91 7.34
CA ILE B 378 -0.92 12.38 7.15
C ILE B 378 -1.73 12.66 5.89
N TYR B 379 -1.47 11.90 4.81
CA TYR B 379 -2.18 12.05 3.52
C TYR B 379 -3.68 11.97 3.78
N GLU B 380 -4.14 11.00 4.59
CA GLU B 380 -5.59 10.80 4.83
C GLU B 380 -6.13 12.04 5.55
N LEU B 381 -5.44 12.53 6.58
CA LEU B 381 -5.94 13.65 7.40
C LEU B 381 -6.09 14.86 6.49
N VAL B 382 -5.09 15.13 5.67
CA VAL B 382 -5.10 16.33 4.78
C VAL B 382 -6.20 16.12 3.76
N ASP B 383 -6.21 14.98 3.07
CA ASP B 383 -7.22 14.66 2.04
C ASP B 383 -8.65 14.79 2.62
N LEU B 384 -8.84 14.40 3.88
CA LEU B 384 -10.17 14.42 4.56
C LEU B 384 -10.66 15.84 4.84
N SER B 385 -9.72 16.78 5.01
CA SER B 385 -10.02 18.20 5.34
C SER B 385 -10.54 18.88 4.08
N GLY B 386 -10.07 18.48 2.91
CA GLY B 386 -10.25 19.28 1.69
C GLY B 386 -9.60 20.63 1.87
N ARG B 387 -10.12 21.65 1.22
CA ARG B 387 -9.43 22.94 1.05
C ARG B 387 -9.09 23.53 2.43
N SER B 388 -9.74 23.04 3.49
CA SER B 388 -9.81 23.67 4.83
C SER B 388 -8.48 23.51 5.56
N ALA B 389 -7.62 22.61 5.08
CA ALA B 389 -6.26 22.35 5.60
C ALA B 389 -5.38 23.55 5.25
N LEU B 390 -5.73 24.32 4.22
CA LEU B 390 -4.82 25.35 3.66
C LEU B 390 -5.54 26.65 3.28
N ILE B 391 -6.67 26.60 2.61
CA ILE B 391 -7.38 27.82 2.14
C ILE B 391 -8.33 28.27 3.25
N PHE B 392 -7.89 29.16 4.12
CA PHE B 392 -8.74 29.71 5.21
C PHE B 392 -8.29 31.13 5.56
N ALA B 393 -9.22 31.86 6.17
CA ALA B 393 -9.06 33.29 6.51
C ALA B 393 -7.76 33.45 7.26
N SER B 394 -7.02 34.53 7.00
CA SER B 394 -6.11 35.14 7.99
C SER B 394 -7.01 35.86 9.02
N GLU B 395 -6.49 36.15 10.21
CA GLU B 395 -7.32 36.69 11.31
C GLU B 395 -7.84 38.09 10.94
N ASP B 396 -7.05 38.96 10.30
CA ASP B 396 -7.53 40.30 9.91
C ASP B 396 -8.58 40.16 8.79
N GLN B 397 -8.51 39.12 7.96
CA GLN B 397 -9.58 38.85 6.96
C GLN B 397 -10.84 38.46 7.73
N TRP B 398 -10.75 37.44 8.57
CA TRP B 398 -11.90 36.98 9.38
C TRP B 398 -12.63 38.18 9.99
N ASN B 399 -11.89 39.13 10.55
CA ASN B 399 -12.47 40.16 11.45
C ASN B 399 -12.97 41.35 10.62
N ASP B 400 -12.64 41.45 9.33
CA ASP B 400 -12.97 42.64 8.49
C ASP B 400 -14.49 42.79 8.36
N ASP B 401 -14.98 44.04 8.34
CA ASP B 401 -16.42 44.40 8.30
C ASP B 401 -17.11 43.87 7.03
N LYS B 402 -16.36 43.74 5.92
CA LYS B 402 -16.89 43.26 4.61
C LYS B 402 -16.81 41.73 4.56
N LEU B 403 -15.68 41.13 4.96
CA LEU B 403 -15.41 39.68 4.78
C LEU B 403 -16.04 38.82 5.90
N ASN B 404 -16.27 39.35 7.11
CA ASN B 404 -16.68 38.51 8.26
C ASN B 404 -17.96 37.74 7.92
N GLY B 405 -18.99 38.43 7.44
CA GLY B 405 -20.28 37.79 7.13
C GLY B 405 -20.10 36.63 6.16
N TRP B 406 -19.24 36.80 5.15
CA TRP B 406 -18.98 35.77 4.12
C TRP B 406 -18.28 34.57 4.75
N PHE B 407 -17.20 34.82 5.49
CA PHE B 407 -16.43 33.74 6.16
C PHE B 407 -17.32 33.01 7.16
N GLU B 408 -18.13 33.73 7.93
CA GLU B 408 -19.01 33.14 8.98
C GLU B 408 -19.92 32.13 8.27
N ARG B 409 -20.51 32.52 7.14
CA ARG B 409 -21.48 31.70 6.36
C ARG B 409 -20.78 30.53 5.68
N MET B 410 -19.60 30.74 5.09
CA MET B 410 -18.84 29.69 4.36
C MET B 410 -18.34 28.59 5.32
N ASN B 411 -18.24 28.88 6.61
CA ASN B 411 -17.66 27.95 7.62
C ASN B 411 -18.78 27.42 8.53
N ASN B 412 -20.04 27.61 8.15
CA ASN B 412 -21.16 27.29 9.07
C ASN B 412 -21.65 25.86 8.80
N GLY B 413 -20.98 24.88 9.40
CA GLY B 413 -21.37 23.46 9.28
C GLY B 413 -22.33 23.01 10.38
N PRO B 414 -22.50 21.68 10.55
CA PRO B 414 -23.49 21.11 11.48
C PRO B 414 -23.26 21.45 12.95
N VAL B 415 -22.01 21.60 13.40
CA VAL B 415 -21.66 21.89 14.82
C VAL B 415 -21.37 23.40 14.98
N GLY B 416 -22.10 24.24 14.23
CA GLY B 416 -21.93 25.72 14.14
C GLY B 416 -20.49 26.17 14.29
N ARG B 417 -20.22 27.14 15.19
CA ARG B 417 -18.88 27.62 15.65
C ARG B 417 -17.95 27.86 14.45
N PRO B 418 -18.28 28.79 13.54
CA PRO B 418 -17.58 28.86 12.25
C PRO B 418 -16.05 29.06 12.33
N HIS B 419 -15.61 29.90 13.28
CA HIS B 419 -14.17 30.24 13.48
C HIS B 419 -13.39 29.01 13.96
N ASP B 420 -14.04 28.05 14.61
CA ASP B 420 -13.43 26.77 15.02
C ASP B 420 -12.76 26.08 13.81
N ARG B 421 -13.27 26.21 12.59
CA ARG B 421 -12.63 25.51 11.46
C ARG B 421 -11.29 26.14 11.12
N VAL B 422 -11.13 27.42 11.40
CA VAL B 422 -9.86 28.15 11.14
C VAL B 422 -8.85 27.65 12.17
N LYS B 423 -9.27 27.45 13.42
CA LYS B 423 -8.44 26.89 14.50
C LYS B 423 -7.94 25.50 14.11
N ILE B 424 -8.83 24.62 13.59
CA ILE B 424 -8.43 23.25 13.18
C ILE B 424 -7.46 23.35 11.99
N GLY B 425 -7.81 24.19 11.01
CA GLY B 425 -7.01 24.42 9.81
C GLY B 425 -5.62 24.88 10.19
N ARG B 426 -5.51 25.79 11.17
CA ARG B 426 -4.19 26.37 11.55
C ARG B 426 -3.26 25.28 12.06
N VAL B 427 -3.80 24.24 12.72
CA VAL B 427 -3.00 23.19 13.40
C VAL B 427 -2.61 22.13 12.37
N ILE B 428 -3.53 21.73 11.47
CA ILE B 428 -3.24 20.77 10.38
C ILE B 428 -2.17 21.40 9.48
N ARG B 429 -2.29 22.70 9.19
CA ARG B 429 -1.35 23.47 8.32
C ARG B 429 0.03 23.46 8.98
N ASP B 430 0.12 23.87 10.24
CA ASP B 430 1.40 23.98 10.98
C ASP B 430 2.00 22.57 11.09
N LEU B 431 1.23 21.58 11.53
CA LEU B 431 1.75 20.21 11.79
C LEU B 431 2.33 19.62 10.51
N PHE B 432 1.62 19.77 9.39
CA PHE B 432 1.90 18.95 8.19
C PHE B 432 2.13 19.75 6.90
N LEU B 433 2.03 21.08 6.89
CA LEU B 433 2.19 21.83 5.61
C LEU B 433 3.03 23.09 5.80
N THR B 434 4.02 23.05 6.69
CA THR B 434 5.00 24.13 6.96
C THR B 434 6.43 23.59 6.98
N ASP B 435 7.41 24.47 6.89
CA ASP B 435 8.85 24.18 7.12
C ASP B 435 8.94 23.40 8.44
N TRP B 436 8.33 23.98 9.47
CA TRP B 436 8.36 23.53 10.90
C TRP B 436 7.80 22.11 11.07
N GLY B 437 6.67 21.79 10.46
CA GLY B 437 6.02 20.48 10.62
C GLY B 437 6.75 19.37 9.87
N SER B 438 7.26 19.71 8.68
CA SER B 438 8.06 18.85 7.78
C SER B 438 9.33 18.36 8.50
N ARG B 439 10.07 19.26 9.15
CA ARG B 439 11.21 18.88 10.01
C ARG B 439 10.77 17.84 11.06
N LEU B 440 9.63 18.02 11.69
CA LEU B 440 9.17 16.97 12.64
C LEU B 440 8.99 15.63 11.89
N PHE B 441 8.40 15.63 10.69
CA PHE B 441 8.28 14.40 9.86
C PHE B 441 9.66 13.83 9.54
N VAL B 442 10.64 14.67 9.19
CA VAL B 442 12.03 14.26 8.82
C VAL B 442 12.71 13.67 10.06
N PHE B 443 12.54 14.32 11.21
CA PHE B 443 13.09 13.91 12.53
C PHE B 443 12.54 12.53 12.89
N GLU B 444 11.21 12.34 12.80
CA GLU B 444 10.54 11.06 13.13
C GLU B 444 11.13 9.94 12.28
N ASN B 445 11.39 10.25 11.01
CA ASN B 445 11.74 9.27 9.96
C ASN B 445 13.19 8.80 10.11
N PHE B 446 14.10 9.66 10.58
CA PHE B 446 15.56 9.38 10.59
C PHE B 446 16.14 9.22 12.00
N ASN B 447 15.64 9.91 13.02
CA ASN B 447 16.32 10.06 14.34
C ASN B 447 16.65 8.68 14.90
N GLY B 448 15.71 7.73 14.80
CA GLY B 448 15.88 6.36 15.29
C GLY B 448 16.24 5.39 14.18
N THR B 449 16.99 5.86 13.15
CA THR B 449 17.26 5.15 11.87
C THR B 449 15.95 5.03 11.09
N PRO B 450 15.98 5.12 9.73
CA PRO B 450 14.78 4.88 8.93
C PRO B 450 14.32 3.42 8.92
N LEU B 451 13.15 3.18 8.32
CA LEU B 451 12.42 1.90 8.34
C LEU B 451 13.31 0.74 7.87
N GLN B 452 14.07 0.91 6.79
CA GLN B 452 14.89 -0.18 6.21
C GLN B 452 16.06 -0.44 7.16
N GLY B 453 16.46 0.60 7.91
CA GLY B 453 17.43 0.50 9.02
C GLY B 453 16.88 -0.20 10.26
N ILE B 454 15.67 0.13 10.69
CA ILE B 454 15.04 -0.45 11.92
C ILE B 454 14.86 -1.96 11.68
N ARG B 455 14.46 -2.32 10.47
CA ARG B 455 14.13 -3.72 10.10
C ARG B 455 15.41 -4.55 10.14
N MET B 456 16.48 -4.08 9.47
CA MET B 456 17.73 -4.86 9.34
C MET B 456 18.41 -4.97 10.70
N LEU B 457 18.56 -3.86 11.43
CA LEU B 457 19.19 -3.85 12.78
C LEU B 457 18.41 -4.78 13.71
N THR B 458 17.07 -4.73 13.67
CA THR B 458 16.19 -5.60 14.53
C THR B 458 16.44 -7.09 14.19
N MET B 459 16.58 -7.41 12.91
CA MET B 459 16.88 -8.79 12.43
C MET B 459 18.28 -9.22 12.89
N GLN B 460 19.28 -8.38 12.68
CA GLN B 460 20.71 -8.69 12.98
C GLN B 460 20.90 -8.90 14.49
N ARG B 461 20.19 -8.13 15.32
CA ARG B 461 20.29 -8.17 16.81
C ARG B 461 19.53 -9.39 17.35
N ALA B 462 18.33 -9.64 16.84
CA ALA B 462 17.46 -10.76 17.26
C ALA B 462 18.06 -12.11 16.85
N GLU B 463 18.77 -12.17 15.70
CA GLU B 463 19.46 -13.38 15.17
C GLU B 463 18.45 -14.53 15.04
N PHE B 464 17.41 -14.33 14.21
CA PHE B 464 16.22 -15.20 14.06
C PHE B 464 16.58 -16.44 13.25
N SER B 465 16.24 -17.60 13.79
CA SER B 465 16.76 -18.91 13.30
C SER B 465 15.60 -19.85 13.04
N GLY B 466 15.67 -20.60 11.95
CA GLY B 466 14.75 -21.72 11.68
C GLY B 466 14.66 -22.67 12.85
N SER B 467 15.78 -22.90 13.53
CA SER B 467 15.94 -23.90 14.62
C SER B 467 15.64 -23.27 15.99
N GLY B 468 15.51 -21.94 16.08
CA GLY B 468 15.18 -21.23 17.34
C GLY B 468 13.68 -21.24 17.60
N PRO B 469 13.22 -20.87 18.81
CA PRO B 469 11.79 -20.92 19.12
C PRO B 469 10.92 -19.89 18.37
N TYR B 470 11.21 -19.62 17.09
CA TYR B 470 10.29 -18.88 16.18
C TYR B 470 9.56 -19.87 15.27
N GLY B 471 10.31 -20.46 14.33
CA GLY B 471 9.78 -21.51 13.44
C GLY B 471 9.54 -22.82 14.18
N LYS B 472 9.30 -22.75 15.50
CA LYS B 472 8.87 -23.93 16.30
C LYS B 472 7.59 -24.47 15.66
N LEU B 473 6.60 -23.61 15.47
CA LEU B 473 5.27 -23.98 14.93
C LEU B 473 5.42 -24.46 13.48
N ALA B 474 6.22 -23.75 12.68
CA ALA B 474 6.45 -24.04 11.25
C ALA B 474 7.11 -25.43 11.08
N ARG B 475 8.11 -25.73 11.90
CA ARG B 475 8.76 -27.07 11.88
C ARG B 475 7.71 -28.14 12.16
N GLN B 476 6.87 -27.91 13.18
CA GLN B 476 5.84 -28.87 13.65
C GLN B 476 4.85 -29.12 12.50
N VAL B 477 4.35 -28.04 11.88
CA VAL B 477 3.39 -28.14 10.76
C VAL B 477 4.08 -28.80 9.55
N CYS B 478 5.39 -28.62 9.36
CA CYS B 478 6.10 -29.17 8.17
C CYS B 478 6.51 -30.64 8.33
N GLY B 479 6.49 -31.17 9.55
CA GLY B 479 7.02 -32.51 9.87
C GLY B 479 8.54 -32.53 9.86
N ILE B 480 9.18 -31.43 10.29
CA ILE B 480 10.66 -31.26 10.40
C ILE B 480 11.05 -31.27 11.89
N MET C 1 1.30 -26.25 -45.94
CA MET C 1 0.00 -26.09 -45.20
C MET C 1 0.31 -25.83 -43.72
N ILE C 2 -0.66 -25.26 -43.01
CA ILE C 2 -0.61 -24.99 -41.55
C ILE C 2 -1.02 -26.26 -40.81
N ARG C 3 -0.20 -26.65 -39.83
CA ARG C 3 -0.43 -27.80 -38.91
C ARG C 3 -1.87 -27.74 -38.36
N THR C 4 -2.54 -28.89 -38.25
CA THR C 4 -3.90 -29.04 -37.66
C THR C 4 -3.74 -29.56 -36.22
N GLY C 5 -4.75 -29.32 -35.36
CA GLY C 5 -4.86 -29.94 -34.02
C GLY C 5 -4.63 -31.44 -34.10
N THR C 6 -5.30 -32.12 -35.04
CA THR C 6 -5.19 -33.58 -35.24
C THR C 6 -3.71 -33.96 -35.47
N GLN C 7 -3.01 -33.28 -36.38
CA GLN C 7 -1.59 -33.59 -36.67
C GLN C 7 -0.78 -33.52 -35.37
N TYR C 8 -1.01 -32.46 -34.58
CA TYR C 8 -0.27 -32.16 -33.34
C TYR C 8 -0.52 -33.30 -32.34
N LEU C 9 -1.78 -33.68 -32.11
CA LEU C 9 -2.10 -34.76 -31.14
C LEU C 9 -1.42 -36.06 -31.59
N GLU C 10 -1.42 -36.33 -32.90
CA GLU C 10 -0.70 -37.50 -33.47
C GLU C 10 0.77 -37.42 -33.06
N SER C 11 1.43 -36.27 -33.26
CA SER C 11 2.89 -36.05 -33.07
C SER C 11 3.31 -36.24 -31.60
N LEU C 12 2.40 -36.06 -30.64
CA LEU C 12 2.70 -36.17 -29.18
C LEU C 12 3.07 -37.61 -28.79
N ASN C 13 2.59 -38.61 -29.53
CA ASN C 13 2.82 -40.05 -29.23
C ASN C 13 4.16 -40.50 -29.83
N ASP C 14 5.28 -39.93 -29.35
CA ASP C 14 6.60 -40.04 -30.01
C ASP C 14 7.62 -40.68 -29.05
N GLY C 15 7.16 -41.28 -27.95
CA GLY C 15 8.03 -42.00 -27.00
C GLY C 15 8.76 -41.08 -26.05
N ARG C 16 8.37 -39.80 -25.97
CA ARG C 16 8.90 -38.87 -24.95
C ARG C 16 8.69 -39.47 -23.56
N ASN C 17 9.66 -39.23 -22.68
CA ASN C 17 9.71 -39.76 -21.30
C ASN C 17 9.23 -38.63 -20.39
N VAL C 18 8.02 -38.80 -19.83
CA VAL C 18 7.31 -37.77 -19.03
C VAL C 18 6.82 -38.39 -17.72
N TRP C 19 7.23 -37.77 -16.60
CA TRP C 19 6.54 -37.84 -15.30
C TRP C 19 5.54 -36.68 -15.19
N VAL C 20 4.38 -36.96 -14.61
CA VAL C 20 3.37 -35.96 -14.16
C VAL C 20 3.00 -36.38 -12.73
N GLY C 21 3.56 -35.68 -11.75
CA GLY C 21 3.62 -36.19 -10.38
C GLY C 21 4.13 -37.62 -10.37
N ASN C 22 3.38 -38.53 -9.76
CA ASN C 22 3.84 -39.90 -9.42
C ASN C 22 3.68 -40.84 -10.62
N GLU C 23 3.06 -40.38 -11.71
CA GLU C 23 2.70 -41.24 -12.87
C GLU C 23 3.69 -41.03 -14.02
N LYS C 24 4.00 -42.11 -14.75
CA LYS C 24 4.60 -42.05 -16.11
C LYS C 24 3.47 -41.94 -17.15
N ILE C 25 3.72 -41.19 -18.24
CA ILE C 25 2.71 -40.88 -19.31
C ILE C 25 3.04 -41.63 -20.60
N ASP C 26 2.21 -42.62 -20.97
CA ASP C 26 2.34 -43.41 -22.23
C ASP C 26 2.16 -42.47 -23.43
N ASN C 27 1.12 -41.61 -23.41
CA ASN C 27 0.73 -40.70 -24.51
C ASN C 27 0.10 -39.43 -23.90
N VAL C 28 0.83 -38.32 -23.93
CA VAL C 28 0.34 -37.01 -23.40
C VAL C 28 -0.99 -36.61 -24.05
N ALA C 29 -1.28 -37.05 -25.28
CA ALA C 29 -2.51 -36.67 -26.01
C ALA C 29 -3.75 -37.37 -25.44
N THR C 30 -3.61 -38.52 -24.76
CA THR C 30 -4.78 -39.34 -24.29
C THR C 30 -4.81 -39.54 -22.76
N HIS C 31 -3.70 -39.37 -22.04
CA HIS C 31 -3.64 -39.59 -20.58
C HIS C 31 -4.57 -38.64 -19.82
N PRO C 32 -5.32 -39.11 -18.79
CA PRO C 32 -6.30 -38.25 -18.14
C PRO C 32 -5.75 -36.91 -17.63
N LYS C 33 -4.46 -36.87 -17.29
CA LYS C 33 -3.83 -35.75 -16.54
C LYS C 33 -3.33 -34.68 -17.51
N THR C 34 -3.31 -34.96 -18.83
CA THR C 34 -2.63 -34.13 -19.86
C THR C 34 -3.53 -33.86 -21.08
N ARG C 35 -4.54 -34.68 -21.34
CA ARG C 35 -5.24 -34.66 -22.66
C ARG C 35 -6.00 -33.34 -22.82
N ASP C 36 -6.50 -32.77 -21.73
CA ASP C 36 -7.35 -31.56 -21.81
C ASP C 36 -6.44 -30.40 -22.23
N TYR C 37 -5.23 -30.28 -21.67
CA TYR C 37 -4.28 -29.23 -22.08
C TYR C 37 -3.67 -29.56 -23.46
N ALA C 38 -3.51 -30.83 -23.81
CA ALA C 38 -3.04 -31.20 -25.18
C ALA C 38 -4.07 -30.72 -26.20
N GLN C 39 -5.35 -30.90 -25.89
CA GLN C 39 -6.48 -30.43 -26.74
C GLN C 39 -6.46 -28.89 -26.77
N ARG C 40 -5.90 -28.22 -25.78
CA ARG C 40 -5.89 -26.73 -25.78
C ARG C 40 -4.86 -26.25 -26.82
N HIS C 41 -3.73 -26.94 -26.96
CA HIS C 41 -2.78 -26.66 -28.07
C HIS C 41 -3.42 -27.04 -29.40
N ALA C 42 -4.08 -28.20 -29.47
CA ALA C 42 -4.82 -28.65 -30.67
C ALA C 42 -5.77 -27.54 -31.11
N ASP C 43 -6.58 -27.00 -30.19
CA ASP C 43 -7.46 -25.84 -30.43
C ASP C 43 -6.64 -24.65 -31.00
N PHE C 44 -5.43 -24.42 -30.46
CA PHE C 44 -4.56 -23.29 -30.88
C PHE C 44 -4.25 -23.41 -32.38
N TYR C 45 -3.79 -24.58 -32.81
CA TYR C 45 -3.47 -24.85 -34.23
C TYR C 45 -4.75 -24.66 -35.04
N ASP C 46 -5.88 -25.18 -34.54
CA ASP C 46 -7.16 -25.22 -35.28
C ASP C 46 -7.69 -23.80 -35.48
N LEU C 47 -7.44 -22.87 -34.56
CA LEU C 47 -7.83 -21.43 -34.73
C LEU C 47 -7.33 -20.89 -36.07
N HIS C 48 -6.19 -21.37 -36.54
CA HIS C 48 -5.50 -20.89 -37.76
C HIS C 48 -6.22 -21.36 -39.01
N HIS C 49 -7.27 -22.19 -38.87
CA HIS C 49 -8.06 -22.75 -39.99
C HIS C 49 -9.51 -22.26 -39.96
N ARG C 50 -9.91 -21.50 -38.94
CA ARG C 50 -11.25 -20.86 -38.88
C ARG C 50 -11.30 -19.83 -40.00
N PRO C 51 -12.23 -19.97 -40.99
CA PRO C 51 -12.29 -19.03 -42.11
C PRO C 51 -12.57 -17.58 -41.67
N ASP C 52 -13.28 -17.39 -40.55
CA ASP C 52 -13.73 -16.07 -40.03
C ASP C 52 -12.59 -15.37 -39.29
N LEU C 53 -11.50 -16.09 -38.99
CA LEU C 53 -10.31 -15.56 -38.27
C LEU C 53 -9.06 -15.53 -39.17
N GLN C 54 -9.15 -15.85 -40.46
CA GLN C 54 -7.96 -16.06 -41.33
C GLN C 54 -7.13 -14.77 -41.47
N ASP C 55 -7.75 -13.59 -41.52
CA ASP C 55 -7.03 -12.30 -41.67
C ASP C 55 -6.24 -12.00 -40.38
N VAL C 56 -6.78 -12.41 -39.23
CA VAL C 56 -6.17 -12.15 -37.90
C VAL C 56 -5.11 -13.22 -37.63
N MET C 57 -5.31 -14.46 -38.09
CA MET C 57 -4.57 -15.65 -37.59
C MET C 57 -3.42 -16.01 -38.52
N THR C 58 -3.42 -15.46 -39.75
CA THR C 58 -2.51 -15.89 -40.84
C THR C 58 -2.05 -14.68 -41.66
N TYR C 59 -1.02 -14.87 -42.49
CA TYR C 59 -0.50 -13.86 -43.46
C TYR C 59 0.09 -14.61 -44.64
N ILE C 60 0.34 -13.85 -45.71
CA ILE C 60 0.96 -14.36 -46.97
C ILE C 60 2.41 -13.85 -46.99
N ASP C 61 3.38 -14.77 -46.91
CA ASP C 61 4.84 -14.48 -46.97
C ASP C 61 5.22 -14.13 -48.42
N GLU C 62 6.53 -13.97 -48.69
CA GLU C 62 7.04 -13.43 -49.98
C GLU C 62 6.96 -14.51 -51.07
N GLY C 63 6.82 -15.79 -50.69
CA GLY C 63 6.68 -16.94 -51.60
C GLY C 63 5.24 -17.15 -52.06
N GLY C 64 4.27 -16.55 -51.35
CA GLY C 64 2.83 -16.73 -51.58
C GLY C 64 2.24 -17.83 -50.69
N GLN C 65 3.06 -18.45 -49.82
CA GLN C 65 2.59 -19.51 -48.88
C GLN C 65 1.93 -18.85 -47.64
N ARG C 66 0.74 -19.33 -47.28
CA ARG C 66 -0.02 -18.84 -46.09
C ARG C 66 0.61 -19.45 -44.84
N ARG C 67 0.85 -18.65 -43.80
CA ARG C 67 1.49 -19.13 -42.54
C ARG C 67 0.78 -18.53 -41.33
N ALA C 68 0.76 -19.26 -40.22
CA ALA C 68 0.32 -18.78 -38.89
C ALA C 68 1.13 -17.53 -38.54
N MET C 69 0.46 -16.51 -37.99
CA MET C 69 1.06 -15.21 -37.61
C MET C 69 2.05 -15.41 -36.47
N GLN C 70 2.22 -16.62 -35.95
CA GLN C 70 3.26 -16.82 -34.91
C GLN C 70 4.65 -16.69 -35.55
N TRP C 71 4.76 -16.83 -36.88
CA TRP C 71 6.04 -16.80 -37.65
C TRP C 71 6.23 -15.41 -38.31
N PHE C 72 5.29 -14.50 -38.12
CA PHE C 72 5.26 -13.13 -38.71
C PHE C 72 6.27 -12.23 -37.99
N GLY C 73 7.24 -11.71 -38.74
CA GLY C 73 8.17 -10.65 -38.30
C GLY C 73 7.52 -9.28 -38.46
N HIS C 74 7.72 -8.38 -37.49
CA HIS C 74 7.24 -6.98 -37.53
C HIS C 74 8.41 -6.01 -37.74
N ARG C 75 8.38 -5.26 -38.84
CA ARG C 75 9.44 -4.32 -39.28
C ARG C 75 9.05 -2.87 -39.01
N ASP C 76 7.85 -2.64 -38.48
CA ASP C 76 7.39 -1.28 -38.11
C ASP C 76 6.21 -1.38 -37.16
N LYS C 77 5.78 -0.23 -36.66
CA LYS C 77 4.71 -0.04 -35.66
C LYS C 77 3.48 -0.84 -36.10
N GLU C 78 3.04 -0.67 -37.35
CA GLU C 78 1.75 -1.24 -37.85
C GLU C 78 1.81 -2.77 -37.83
N GLN C 79 2.96 -3.34 -38.18
CA GLN C 79 3.16 -4.82 -38.19
C GLN C 79 3.15 -5.32 -36.74
N LEU C 80 3.75 -4.57 -35.80
CA LEU C 80 3.73 -4.95 -34.36
C LEU C 80 2.29 -5.05 -33.88
N ARG C 81 1.49 -3.98 -34.04
CA ARG C 81 0.08 -3.91 -33.58
C ARG C 81 -0.70 -5.06 -34.23
N ARG C 82 -0.31 -5.44 -35.44
CA ARG C 82 -0.95 -6.56 -36.17
C ARG C 82 -0.57 -7.88 -35.49
N LYS C 83 0.66 -8.00 -35.00
CA LYS C 83 1.16 -9.17 -34.23
C LYS C 83 0.46 -9.20 -32.86
N ARG C 84 0.27 -8.04 -32.24
CA ARG C 84 -0.32 -7.96 -30.87
C ARG C 84 -1.78 -8.38 -30.96
N LYS C 85 -2.48 -7.98 -32.00
CA LYS C 85 -3.91 -8.32 -32.26
C LYS C 85 -4.06 -9.84 -32.35
N TYR C 86 -3.18 -10.50 -33.09
CA TYR C 86 -3.10 -11.99 -33.20
C TYR C 86 -3.02 -12.56 -31.79
N HIS C 87 -1.99 -12.18 -31.02
CA HIS C 87 -1.74 -12.69 -29.66
C HIS C 87 -2.99 -12.43 -28.80
N GLU C 88 -3.51 -11.21 -28.85
CA GLU C 88 -4.72 -10.80 -28.08
C GLU C 88 -5.87 -11.75 -28.43
N THR C 89 -6.10 -12.00 -29.73
CA THR C 89 -7.20 -12.89 -30.21
C THR C 89 -6.97 -14.30 -29.68
N VAL C 90 -5.71 -14.75 -29.68
CA VAL C 90 -5.38 -16.14 -29.26
C VAL C 90 -5.81 -16.31 -27.81
N MET C 91 -5.45 -15.36 -26.94
CA MET C 91 -5.65 -15.53 -25.48
C MET C 91 -7.10 -15.21 -25.10
N ARG C 92 -7.78 -14.32 -25.82
CA ARG C 92 -9.23 -14.10 -25.69
C ARG C 92 -10.00 -15.37 -26.08
N GLU C 93 -9.53 -16.13 -27.08
CA GLU C 93 -10.31 -17.30 -27.58
C GLU C 93 -10.04 -18.50 -26.66
N MET C 94 -9.04 -18.40 -25.78
CA MET C 94 -8.58 -19.50 -24.91
C MET C 94 -8.66 -19.08 -23.44
N ALA C 95 -9.89 -19.08 -22.89
CA ALA C 95 -10.23 -18.94 -21.46
C ALA C 95 -9.68 -17.63 -20.88
N GLY C 96 -9.80 -16.55 -21.66
CA GLY C 96 -9.33 -15.19 -21.29
C GLY C 96 -7.97 -15.24 -20.65
N ALA C 97 -6.97 -15.69 -21.41
CA ALA C 97 -5.53 -15.63 -21.07
C ALA C 97 -5.19 -16.61 -19.95
N SER C 98 -5.97 -17.67 -19.78
CA SER C 98 -5.72 -18.68 -18.72
C SER C 98 -4.56 -19.63 -19.08
N PHE C 99 -4.19 -19.73 -20.37
CA PHE C 99 -3.10 -20.60 -20.88
C PHE C 99 -2.02 -19.75 -21.54
N PRO C 100 -1.11 -19.17 -20.73
CA PRO C 100 -0.19 -18.15 -21.19
C PRO C 100 1.04 -18.60 -22.01
N ARG C 101 1.32 -19.89 -22.09
CA ARG C 101 2.45 -20.38 -22.93
C ARG C 101 1.89 -21.27 -24.05
N THR C 102 0.98 -20.72 -24.84
CA THR C 102 0.61 -21.28 -26.17
C THR C 102 1.81 -21.08 -27.11
N PRO C 103 1.94 -21.90 -28.18
CA PRO C 103 3.16 -21.90 -29.01
C PRO C 103 3.56 -20.55 -29.64
N ASP C 104 2.60 -19.67 -29.89
CA ASP C 104 2.85 -18.30 -30.43
C ASP C 104 3.80 -17.54 -29.49
N VAL C 105 3.65 -17.73 -28.18
CA VAL C 105 4.45 -17.11 -27.10
C VAL C 105 5.83 -17.77 -27.11
N ASN C 106 5.86 -19.09 -26.99
CA ASN C 106 7.09 -19.94 -26.95
C ASN C 106 8.03 -19.54 -28.09
N ASN C 107 7.53 -19.41 -29.33
CA ASN C 107 8.35 -19.26 -30.56
C ASN C 107 8.64 -17.79 -30.89
N TYR C 108 7.93 -16.86 -30.27
CA TYR C 108 8.12 -15.40 -30.43
C TYR C 108 9.63 -15.12 -30.27
N VAL C 109 10.25 -15.78 -29.28
CA VAL C 109 11.62 -15.44 -28.76
C VAL C 109 12.68 -15.79 -29.80
N LEU C 110 12.37 -16.58 -30.83
CA LEU C 110 13.36 -17.05 -31.84
C LEU C 110 13.67 -15.90 -32.82
N THR C 111 12.81 -14.89 -32.90
CA THR C 111 12.96 -13.76 -33.85
C THR C 111 14.24 -13.00 -33.50
N THR C 112 14.68 -13.03 -32.24
CA THR C 112 15.97 -12.42 -31.84
C THR C 112 17.13 -13.08 -32.61
N TYR C 113 17.13 -14.40 -32.74
CA TYR C 113 18.20 -15.15 -33.44
C TYR C 113 18.13 -14.81 -34.93
N ILE C 114 16.95 -14.78 -35.52
CA ILE C 114 16.74 -14.45 -36.96
C ILE C 114 17.24 -13.02 -37.26
N ASP C 115 16.82 -12.06 -36.45
CA ASP C 115 17.22 -10.62 -36.55
C ASP C 115 18.74 -10.44 -36.72
N ASP C 116 19.56 -11.23 -36.00
CA ASP C 116 21.03 -11.01 -35.90
C ASP C 116 21.68 -12.33 -35.49
N PRO C 117 21.78 -13.34 -36.39
CA PRO C 117 22.32 -14.63 -36.01
C PRO C 117 23.82 -14.61 -35.76
N ALA C 118 24.55 -13.68 -36.38
CA ALA C 118 26.03 -13.68 -36.49
C ALA C 118 26.70 -13.67 -35.12
N PRO C 119 26.35 -12.78 -34.16
CA PRO C 119 27.05 -12.77 -32.87
C PRO C 119 26.97 -14.09 -32.09
N TRP C 120 25.92 -14.87 -32.29
CA TRP C 120 25.75 -16.17 -31.60
C TRP C 120 26.90 -17.09 -32.05
N GLU C 121 27.26 -17.04 -33.33
CA GLU C 121 28.42 -17.75 -33.92
C GLU C 121 29.72 -17.07 -33.46
N THR C 122 29.92 -15.81 -33.83
CA THR C 122 31.26 -15.17 -33.78
C THR C 122 31.76 -15.12 -32.34
N GLN C 123 30.86 -15.00 -31.36
CA GLN C 123 31.21 -14.92 -29.92
C GLN C 123 31.37 -16.31 -29.29
N SER C 124 31.08 -17.41 -30.00
CA SER C 124 31.20 -18.79 -29.43
C SER C 124 32.67 -19.10 -29.13
N ILE C 125 32.96 -19.79 -28.01
CA ILE C 125 34.31 -20.21 -27.58
C ILE C 125 34.34 -21.73 -27.41
N GLY C 126 35.36 -22.41 -27.97
CA GLY C 126 35.59 -23.87 -27.85
C GLY C 126 34.82 -24.70 -28.88
N ASP C 127 34.10 -24.10 -29.82
CA ASP C 127 33.30 -24.83 -30.83
C ASP C 127 34.14 -25.21 -32.06
N ASP C 128 35.36 -24.69 -32.20
CA ASP C 128 36.29 -25.07 -33.31
C ASP C 128 35.65 -24.69 -34.65
N GLY C 129 34.85 -23.62 -34.66
CA GLY C 129 34.22 -23.04 -35.87
C GLY C 129 32.97 -23.78 -36.30
N HIS C 130 32.55 -24.79 -35.54
CA HIS C 130 31.46 -25.72 -35.93
C HIS C 130 30.09 -25.03 -35.95
N ILE C 131 29.91 -23.95 -35.18
CA ILE C 131 28.62 -23.21 -35.07
C ILE C 131 28.59 -22.18 -36.18
N LYS C 132 27.51 -22.15 -36.97
CA LYS C 132 27.30 -21.26 -38.15
C LYS C 132 25.99 -20.46 -37.99
N ALA C 133 26.02 -19.15 -38.23
CA ALA C 133 24.81 -18.30 -38.34
C ALA C 133 23.75 -19.02 -39.18
N GLY C 134 24.18 -19.59 -40.31
CA GLY C 134 23.30 -20.19 -41.32
C GLY C 134 22.43 -21.28 -40.72
N LYS C 135 22.99 -22.08 -39.82
CA LYS C 135 22.28 -23.28 -39.30
C LYS C 135 21.28 -22.84 -38.24
N ILE C 136 21.58 -21.76 -37.53
CA ILE C 136 20.66 -21.13 -36.57
C ILE C 136 19.41 -20.71 -37.34
N VAL C 137 19.59 -19.92 -38.41
CA VAL C 137 18.51 -19.49 -39.34
C VAL C 137 17.81 -20.73 -39.91
N ASP C 138 18.56 -21.78 -40.26
CA ASP C 138 17.98 -22.96 -40.92
C ASP C 138 17.06 -23.68 -39.93
N PHE C 139 17.45 -23.79 -38.65
CA PHE C 139 16.59 -24.43 -37.62
C PHE C 139 15.29 -23.63 -37.49
N ILE C 140 15.39 -22.31 -37.38
CA ILE C 140 14.20 -21.48 -37.08
C ILE C 140 13.27 -21.54 -38.29
N ARG C 141 13.83 -21.65 -39.50
CA ARG C 141 13.06 -21.83 -40.76
C ARG C 141 12.38 -23.20 -40.78
N TYR C 142 13.04 -24.21 -40.24
CA TYR C 142 12.53 -25.58 -40.08
C TYR C 142 11.37 -25.56 -39.08
N ALA C 143 11.51 -24.85 -37.96
CA ALA C 143 10.42 -24.68 -36.98
C ALA C 143 9.23 -24.01 -37.69
N ARG C 144 9.48 -22.93 -38.42
CA ARG C 144 8.41 -22.23 -39.17
C ARG C 144 7.68 -23.23 -40.07
N GLU C 145 8.40 -23.91 -40.97
CA GLU C 145 7.83 -24.76 -42.05
C GLU C 145 6.92 -25.84 -41.45
N HIS C 146 7.28 -26.39 -40.28
CA HIS C 146 6.51 -27.49 -39.64
C HIS C 146 5.63 -26.98 -38.49
N ASP C 147 5.58 -25.66 -38.24
CA ASP C 147 4.80 -25.04 -37.12
C ASP C 147 5.20 -25.69 -35.78
N LEU C 148 6.50 -25.83 -35.49
CA LEU C 148 6.97 -26.54 -34.28
C LEU C 148 6.89 -25.63 -33.06
N ASN C 149 6.50 -26.21 -31.92
CA ASN C 149 6.49 -25.51 -30.61
C ASN C 149 7.85 -25.76 -29.97
N CYS C 150 8.69 -24.71 -29.92
CA CYS C 150 10.01 -24.74 -29.23
C CYS C 150 9.88 -24.05 -27.87
N ALA C 151 9.83 -24.83 -26.80
CA ALA C 151 9.61 -24.42 -25.39
C ALA C 151 10.91 -23.93 -24.80
N PRO C 152 10.99 -22.66 -24.35
CA PRO C 152 12.24 -22.13 -23.80
C PRO C 152 12.53 -22.57 -22.37
N GLN C 153 13.70 -23.15 -22.16
CA GLN C 153 14.23 -23.48 -20.81
C GLN C 153 15.57 -22.76 -20.65
N PHE C 154 15.60 -21.68 -19.87
CA PHE C 154 16.83 -20.86 -19.65
C PHE C 154 17.22 -20.80 -18.18
N VAL C 155 16.28 -20.79 -17.24
CA VAL C 155 16.62 -20.36 -15.85
C VAL C 155 17.40 -21.47 -15.14
N ASP C 156 18.29 -21.07 -14.22
CA ASP C 156 19.22 -21.96 -13.47
C ASP C 156 18.43 -22.83 -12.51
N PRO C 157 19.10 -23.75 -11.78
CA PRO C 157 18.53 -24.38 -10.60
C PRO C 157 18.56 -23.39 -9.44
N GLN C 158 17.63 -23.56 -8.49
CA GLN C 158 17.50 -22.75 -7.26
C GLN C 158 18.02 -23.58 -6.10
N MET C 159 19.33 -23.66 -5.97
CA MET C 159 20.02 -24.66 -5.09
C MET C 159 20.48 -23.94 -3.83
N ASP C 160 21.29 -22.90 -3.99
CA ASP C 160 21.90 -22.15 -2.87
C ASP C 160 22.21 -20.72 -3.32
N ARG C 161 21.43 -19.76 -2.83
CA ARG C 161 21.52 -18.33 -3.26
C ARG C 161 22.58 -17.58 -2.45
N SER C 162 23.15 -18.20 -1.41
CA SER C 162 23.95 -17.51 -0.37
C SER C 162 25.31 -17.06 -0.92
N ASN C 163 25.89 -17.82 -1.88
CA ASN C 163 27.26 -17.58 -2.41
C ASN C 163 27.27 -17.69 -3.93
N PRO C 164 28.26 -17.07 -4.62
CA PRO C 164 28.48 -17.29 -6.05
C PRO C 164 29.30 -18.55 -6.42
N ASP C 165 29.92 -19.20 -5.42
CA ASP C 165 30.57 -20.54 -5.53
C ASP C 165 29.57 -21.55 -6.12
N ALA C 166 28.29 -21.18 -6.21
CA ALA C 166 27.12 -22.06 -6.44
C ALA C 166 27.16 -22.73 -7.82
N GLN C 167 27.93 -22.23 -8.79
CA GLN C 167 27.87 -22.67 -10.22
C GLN C 167 28.84 -23.84 -10.51
N GLU C 168 29.66 -24.29 -9.55
CA GLU C 168 30.60 -25.44 -9.72
C GLU C 168 29.95 -26.74 -9.20
N ARG C 169 29.14 -26.65 -8.14
CA ARG C 169 28.37 -27.78 -7.52
C ARG C 169 26.98 -27.90 -8.17
N SER C 170 26.64 -26.98 -9.08
CA SER C 170 25.34 -26.87 -9.79
C SER C 170 25.14 -28.09 -10.69
N PRO C 171 23.98 -28.76 -10.58
CA PRO C 171 23.56 -29.73 -11.58
C PRO C 171 23.01 -29.08 -12.87
N GLY C 172 23.11 -27.76 -12.97
CA GLY C 172 22.84 -27.01 -14.22
C GLY C 172 23.49 -27.69 -15.41
N LEU C 173 22.79 -27.74 -16.53
CA LEU C 173 23.23 -28.46 -17.75
C LEU C 173 24.66 -28.05 -18.07
N ARG C 174 25.55 -29.03 -18.34
CA ARG C 174 26.96 -28.74 -18.73
C ARG C 174 27.32 -29.57 -19.95
N VAL C 175 28.25 -29.06 -20.76
CA VAL C 175 28.92 -29.77 -21.89
C VAL C 175 29.91 -30.76 -21.25
N VAL C 176 29.79 -32.06 -21.53
CA VAL C 176 30.75 -33.07 -20.97
C VAL C 176 31.70 -33.55 -22.07
N GLU C 177 31.31 -33.39 -23.33
CA GLU C 177 32.19 -33.71 -24.48
C GLU C 177 31.86 -32.77 -25.66
N LYS C 178 32.89 -32.45 -26.44
CA LYS C 178 32.81 -31.78 -27.77
C LYS C 178 33.60 -32.65 -28.76
N ASN C 179 32.97 -33.03 -29.87
CA ASN C 179 33.62 -33.80 -30.96
C ASN C 179 33.19 -33.14 -32.29
N GLU C 180 33.47 -33.78 -33.43
CA GLU C 180 33.27 -33.15 -34.75
C GLU C 180 31.81 -33.26 -35.21
N LYS C 181 30.96 -33.98 -34.47
CA LYS C 181 29.52 -34.13 -34.81
C LYS C 181 28.67 -33.20 -33.95
N GLY C 182 29.09 -32.87 -32.73
CA GLY C 182 28.29 -31.98 -31.87
C GLY C 182 28.71 -32.01 -30.42
N ILE C 183 27.76 -31.80 -29.52
CA ILE C 183 28.02 -31.76 -28.05
C ILE C 183 27.22 -32.85 -27.34
N VAL C 184 27.76 -33.35 -26.24
CA VAL C 184 27.04 -34.17 -25.24
C VAL C 184 26.84 -33.28 -24.01
N VAL C 185 25.59 -33.15 -23.58
CA VAL C 185 25.21 -32.34 -22.40
C VAL C 185 24.62 -33.26 -21.34
N ASN C 186 24.92 -32.91 -20.10
CA ASN C 186 24.56 -33.66 -18.89
C ASN C 186 24.17 -32.63 -17.84
N GLY C 187 23.11 -32.93 -17.10
CA GLY C 187 22.59 -32.04 -16.05
C GLY C 187 21.13 -31.71 -16.27
N VAL C 188 20.73 -30.61 -15.68
CA VAL C 188 19.29 -30.23 -15.55
C VAL C 188 19.10 -28.87 -16.20
N LYS C 189 18.03 -28.74 -16.98
CA LYS C 189 17.35 -27.43 -17.21
C LYS C 189 16.18 -27.35 -16.20
N ALA C 190 16.44 -26.65 -15.09
CA ALA C 190 15.72 -26.79 -13.79
C ALA C 190 14.23 -26.50 -13.91
N ILE C 191 13.82 -25.72 -14.91
CA ILE C 191 12.42 -25.19 -14.95
C ILE C 191 12.00 -24.90 -16.39
N GLY C 192 10.81 -25.36 -16.75
CA GLY C 192 10.16 -25.07 -18.04
C GLY C 192 8.65 -25.15 -17.91
N THR C 193 7.93 -24.45 -18.78
CA THR C 193 6.46 -24.51 -18.88
C THR C 193 6.09 -25.23 -20.18
N GLY C 194 5.16 -26.19 -20.12
CA GLY C 194 4.58 -26.87 -21.29
C GLY C 194 5.58 -27.70 -22.09
N VAL C 195 6.74 -28.05 -21.56
CA VAL C 195 7.72 -28.88 -22.33
C VAL C 195 7.04 -30.19 -22.75
N ALA C 196 6.24 -30.83 -21.89
CA ALA C 196 5.63 -32.16 -22.18
C ALA C 196 4.70 -32.06 -23.39
N PHE C 197 4.36 -30.85 -23.81
CA PHE C 197 3.36 -30.59 -24.89
C PHE C 197 4.05 -29.89 -26.06
N ALA C 198 5.38 -29.78 -26.02
CA ALA C 198 6.21 -29.11 -27.04
C ALA C 198 6.78 -30.15 -28.01
N ASP C 199 7.29 -29.71 -29.15
CA ASP C 199 8.01 -30.55 -30.13
C ASP C 199 9.52 -30.50 -29.84
N TRP C 200 10.05 -29.33 -29.49
CA TRP C 200 11.50 -29.12 -29.30
C TRP C 200 11.73 -28.39 -27.99
N ILE C 201 12.89 -28.61 -27.37
CA ILE C 201 13.37 -27.81 -26.22
C ILE C 201 14.34 -26.75 -26.75
N HIS C 202 14.06 -25.47 -26.46
CA HIS C 202 14.96 -24.33 -26.74
C HIS C 202 15.79 -24.09 -25.49
N ILE C 203 17.04 -24.53 -25.51
CA ILE C 203 17.94 -24.47 -24.33
C ILE C 203 18.62 -23.11 -24.37
N GLY C 204 18.65 -22.38 -23.25
CA GLY C 204 19.42 -21.15 -23.11
C GLY C 204 19.96 -21.00 -21.70
N VAL C 205 20.58 -19.86 -21.43
CA VAL C 205 21.04 -19.51 -20.06
C VAL C 205 21.16 -17.99 -19.92
N PHE C 206 20.99 -17.51 -18.71
CA PHE C 206 21.34 -16.13 -18.30
C PHE C 206 22.69 -16.16 -17.59
N PHE C 207 23.45 -15.08 -17.72
CA PHE C 207 24.71 -14.85 -16.97
C PHE C 207 24.38 -14.76 -15.48
N ARG C 208 25.24 -15.35 -14.64
CA ARG C 208 25.38 -15.10 -13.19
C ARG C 208 26.88 -15.07 -12.88
N PRO C 209 27.34 -14.26 -11.89
CA PRO C 209 28.77 -14.27 -11.53
C PRO C 209 29.39 -15.67 -11.45
N GLY C 210 30.49 -15.87 -12.20
CA GLY C 210 31.34 -17.08 -12.12
C GLY C 210 30.79 -18.27 -12.90
N ILE C 211 29.70 -18.08 -13.68
CA ILE C 211 29.14 -19.13 -14.58
C ILE C 211 30.27 -19.65 -15.45
N PRO C 212 30.63 -20.95 -15.34
CA PRO C 212 31.67 -21.50 -16.18
C PRO C 212 31.20 -21.63 -17.63
N GLY C 213 32.16 -21.45 -18.54
CA GLY C 213 32.00 -21.61 -20.00
C GLY C 213 31.28 -22.89 -20.35
N ASP C 214 31.51 -23.98 -19.61
CA ASP C 214 30.94 -25.30 -19.97
C ASP C 214 29.42 -25.33 -19.69
N GLN C 215 28.88 -24.34 -18.97
CA GLN C 215 27.41 -24.25 -18.64
C GLN C 215 26.69 -23.20 -19.50
N VAL C 216 27.45 -22.43 -20.30
CA VAL C 216 26.88 -21.45 -21.29
C VAL C 216 26.50 -22.22 -22.54
N ILE C 217 25.24 -22.65 -22.64
CA ILE C 217 24.75 -23.46 -23.78
C ILE C 217 23.46 -22.83 -24.26
N PHE C 218 23.38 -22.59 -25.57
CA PHE C 218 22.16 -22.24 -26.34
C PHE C 218 22.04 -23.21 -27.52
N ALA C 219 21.00 -24.05 -27.51
CA ALA C 219 20.82 -25.14 -28.50
C ALA C 219 19.35 -25.51 -28.60
N ALA C 220 19.02 -26.49 -29.44
CA ALA C 220 17.64 -27.02 -29.59
C ALA C 220 17.70 -28.54 -29.76
N THR C 221 16.81 -29.26 -29.08
CA THR C 221 16.72 -30.74 -29.20
C THR C 221 15.26 -31.15 -29.08
N PRO C 222 14.82 -32.20 -29.81
CA PRO C 222 13.46 -32.72 -29.65
C PRO C 222 13.15 -33.18 -28.22
N VAL C 223 11.88 -33.10 -27.84
CA VAL C 223 11.41 -33.52 -26.50
C VAL C 223 11.67 -35.02 -26.32
N ASN C 224 11.57 -35.80 -27.40
CA ASN C 224 11.70 -37.28 -27.36
C ASN C 224 13.16 -37.68 -27.58
N THR C 225 14.10 -36.74 -27.40
CA THR C 225 15.54 -36.98 -27.63
C THR C 225 15.98 -38.02 -26.60
N PRO C 226 16.70 -39.08 -27.03
CA PRO C 226 17.18 -40.10 -26.10
C PRO C 226 18.02 -39.46 -25.00
N GLY C 227 17.66 -39.72 -23.74
CA GLY C 227 18.36 -39.21 -22.56
C GLY C 227 17.67 -38.00 -21.95
N VAL C 228 16.69 -37.43 -22.65
CA VAL C 228 15.83 -36.32 -22.13
C VAL C 228 14.68 -36.94 -21.35
N THR C 229 14.53 -36.57 -20.08
CA THR C 229 13.36 -36.93 -19.25
C THR C 229 12.66 -35.66 -18.75
N ILE C 230 11.34 -35.56 -18.96
CA ILE C 230 10.50 -34.40 -18.55
C ILE C 230 9.79 -34.74 -17.25
N VAL C 231 10.03 -33.96 -16.20
CA VAL C 231 9.56 -34.28 -14.82
C VAL C 231 8.67 -33.11 -14.39
N CYS C 232 7.35 -33.36 -14.31
CA CYS C 232 6.30 -32.32 -14.10
C CYS C 232 5.63 -32.46 -12.72
N ARG C 233 5.31 -31.33 -12.12
CA ARG C 233 4.38 -31.22 -10.95
C ARG C 233 3.07 -31.91 -11.29
N GLU C 234 2.29 -32.30 -10.29
CA GLU C 234 1.00 -33.01 -10.47
C GLU C 234 0.02 -32.10 -11.22
N SER C 235 -0.92 -32.73 -11.92
CA SER C 235 -1.84 -32.05 -12.86
C SER C 235 -3.04 -31.58 -12.03
N LEU C 236 -3.44 -30.32 -12.21
CA LEU C 236 -4.49 -29.67 -11.39
C LEU C 236 -5.79 -29.67 -12.17
N VAL C 237 -5.85 -30.38 -13.30
CA VAL C 237 -7.08 -30.43 -14.15
C VAL C 237 -8.21 -30.95 -13.27
N LYS C 238 -9.39 -30.36 -13.39
CA LYS C 238 -10.61 -30.74 -12.63
C LYS C 238 -11.54 -31.59 -13.53
N ASP C 239 -12.30 -32.52 -12.94
CA ASP C 239 -13.11 -33.55 -13.66
C ASP C 239 -14.45 -32.99 -14.17
N ASP C 240 -15.12 -32.12 -13.40
CA ASP C 240 -16.50 -31.63 -13.69
C ASP C 240 -16.46 -30.24 -14.35
N LYS C 241 -16.68 -30.19 -15.66
CA LYS C 241 -16.61 -28.96 -16.50
C LYS C 241 -17.77 -28.01 -16.20
N VAL C 242 -18.87 -28.49 -15.61
CA VAL C 242 -20.01 -27.62 -15.19
C VAL C 242 -19.54 -26.81 -13.98
N GLU C 243 -19.08 -27.46 -12.91
CA GLU C 243 -18.60 -26.84 -11.65
C GLU C 243 -17.31 -26.04 -11.86
N HIS C 244 -16.47 -26.45 -12.83
CA HIS C 244 -15.12 -25.87 -13.05
C HIS C 244 -14.95 -25.57 -14.53
N PRO C 245 -15.73 -24.61 -15.08
CA PRO C 245 -15.77 -24.41 -16.53
C PRO C 245 -14.38 -24.10 -17.09
N LEU C 246 -13.46 -23.59 -16.27
CA LEU C 246 -12.06 -23.27 -16.68
C LEU C 246 -11.08 -24.36 -16.21
N ALA C 247 -11.15 -24.80 -14.96
CA ALA C 247 -10.14 -25.76 -14.42
C ALA C 247 -10.27 -27.12 -15.13
N ALA C 248 -11.42 -27.45 -15.73
CA ALA C 248 -11.61 -28.70 -16.52
C ALA C 248 -11.02 -28.58 -17.93
N GLN C 249 -10.50 -27.42 -18.31
CA GLN C 249 -9.98 -27.21 -19.69
C GLN C 249 -8.53 -27.72 -19.80
N GLY C 250 -7.82 -27.92 -18.69
CA GLY C 250 -6.51 -28.57 -18.66
C GLY C 250 -5.49 -27.74 -17.90
N ASP C 251 -4.39 -28.35 -17.49
CA ASP C 251 -3.35 -27.74 -16.61
C ASP C 251 -2.07 -27.59 -17.43
N GLU C 252 -1.62 -26.35 -17.62
CA GLU C 252 -0.37 -26.04 -18.34
C GLU C 252 0.79 -26.43 -17.40
N LEU C 253 1.32 -27.64 -17.57
CA LEU C 253 2.24 -28.23 -16.57
C LEU C 253 3.53 -27.42 -16.55
N ASP C 254 4.18 -27.38 -15.40
CA ASP C 254 5.54 -26.82 -15.24
C ASP C 254 6.39 -27.92 -14.61
N GLY C 255 7.70 -27.80 -14.73
CA GLY C 255 8.65 -28.77 -14.18
C GLY C 255 9.98 -28.66 -14.87
N MET C 256 10.82 -29.67 -14.65
CA MET C 256 12.26 -29.66 -14.97
C MET C 256 12.55 -30.73 -16.04
N THR C 257 13.65 -30.56 -16.76
CA THR C 257 14.15 -31.48 -17.80
C THR C 257 15.53 -32.00 -17.35
N VAL C 258 15.64 -33.31 -17.21
CA VAL C 258 16.89 -34.07 -16.95
C VAL C 258 17.49 -34.42 -18.31
N PHE C 259 18.73 -34.02 -18.56
CA PHE C 259 19.56 -34.48 -19.70
C PHE C 259 20.66 -35.42 -19.17
N GLU C 260 20.65 -36.69 -19.62
CA GLU C 260 21.72 -37.70 -19.34
C GLU C 260 22.48 -37.99 -20.64
N ASN C 261 23.70 -37.44 -20.73
CA ASN C 261 24.58 -37.60 -21.90
C ASN C 261 23.76 -37.42 -23.18
N VAL C 262 23.11 -36.27 -23.34
CA VAL C 262 22.27 -35.99 -24.53
C VAL C 262 23.17 -35.41 -25.63
N PHE C 263 23.11 -36.01 -26.81
CA PHE C 263 23.86 -35.57 -28.01
C PHE C 263 23.02 -34.54 -28.76
N ILE C 264 23.62 -33.38 -29.04
CA ILE C 264 23.02 -32.36 -29.94
C ILE C 264 24.01 -32.10 -31.05
N PRO C 265 23.66 -32.31 -32.33
CA PRO C 265 24.60 -32.03 -33.41
C PRO C 265 24.88 -30.52 -33.45
N TRP C 266 26.01 -30.14 -34.02
CA TRP C 266 26.43 -28.73 -34.20
C TRP C 266 25.34 -27.96 -34.95
N SER C 267 24.69 -28.64 -35.89
CA SER C 267 23.56 -28.09 -36.69
C SER C 267 22.51 -27.46 -35.77
N HIS C 268 22.40 -27.88 -34.48
CA HIS C 268 21.27 -27.45 -33.61
C HIS C 268 21.79 -26.72 -32.35
N VAL C 269 23.07 -26.31 -32.37
CA VAL C 269 23.74 -25.57 -31.28
C VAL C 269 23.88 -24.13 -31.79
N PHE C 270 23.45 -23.13 -31.01
CA PHE C 270 23.41 -21.71 -31.45
C PHE C 270 24.61 -20.94 -30.89
N HIS C 271 25.08 -21.33 -29.71
CA HIS C 271 26.25 -20.71 -29.03
C HIS C 271 26.71 -21.58 -27.86
N ILE C 272 28.01 -21.56 -27.58
CA ILE C 272 28.61 -22.15 -26.35
C ILE C 272 29.80 -21.28 -25.91
N GLY C 273 30.15 -21.32 -24.63
CA GLY C 273 31.52 -21.07 -24.14
C GLY C 273 31.78 -19.66 -23.64
N ASN C 274 30.90 -18.70 -23.87
CA ASN C 274 31.21 -17.28 -23.57
C ASN C 274 30.22 -16.70 -22.55
N PRO C 275 30.63 -16.57 -21.26
CA PRO C 275 29.82 -15.92 -20.23
C PRO C 275 29.39 -14.49 -20.57
N ASN C 276 30.30 -13.70 -21.16
CA ASN C 276 30.04 -12.30 -21.55
C ASN C 276 28.88 -12.27 -22.56
N HIS C 277 28.83 -13.19 -23.52
CA HIS C 277 27.72 -13.24 -24.51
C HIS C 277 26.38 -13.42 -23.80
N ALA C 278 26.38 -14.16 -22.69
CA ALA C 278 25.17 -14.50 -21.91
C ALA C 278 24.68 -13.29 -21.11
N LYS C 279 25.39 -12.16 -21.10
CA LYS C 279 24.98 -10.95 -20.34
C LYS C 279 23.79 -10.29 -21.04
N LEU C 280 23.98 -9.71 -22.23
CA LEU C 280 22.92 -8.93 -22.94
C LEU C 280 22.08 -9.82 -23.87
N TYR C 281 22.65 -10.81 -24.58
CA TYR C 281 21.96 -11.50 -25.70
C TYR C 281 20.77 -12.30 -25.18
N PRO C 282 20.84 -13.04 -24.05
CA PRO C 282 19.66 -13.76 -23.56
C PRO C 282 18.49 -12.81 -23.22
N GLN C 283 18.80 -11.64 -22.68
CA GLN C 283 17.78 -10.61 -22.32
C GLN C 283 17.06 -10.22 -23.62
N ARG C 284 17.80 -10.12 -24.72
CA ARG C 284 17.27 -9.79 -26.06
C ARG C 284 16.32 -10.91 -26.53
N VAL C 285 16.60 -12.17 -26.19
CA VAL C 285 15.75 -13.32 -26.59
C VAL C 285 14.39 -13.18 -25.90
N PHE C 286 14.36 -12.72 -24.65
CA PHE C 286 13.19 -12.81 -23.73
C PHE C 286 12.44 -11.47 -23.71
N ASP C 287 13.06 -10.39 -24.20
CA ASP C 287 12.35 -9.11 -24.47
C ASP C 287 10.97 -9.45 -25.05
N TRP C 288 10.93 -10.30 -26.06
CA TRP C 288 9.68 -10.61 -26.80
C TRP C 288 8.62 -11.22 -25.88
N LEU C 289 9.07 -12.02 -24.93
CA LEU C 289 8.20 -12.61 -23.88
C LEU C 289 7.68 -11.52 -22.95
N HIS C 290 8.55 -10.59 -22.54
CA HIS C 290 8.22 -9.50 -21.60
C HIS C 290 7.16 -8.60 -22.27
N TYR C 291 7.32 -8.27 -23.55
CA TYR C 291 6.31 -7.52 -24.35
C TYR C 291 5.00 -8.31 -24.32
N HIS C 292 5.06 -9.61 -24.59
CA HIS C 292 3.83 -10.45 -24.69
C HIS C 292 3.10 -10.45 -23.34
N ALA C 293 3.85 -10.55 -22.24
CA ALA C 293 3.41 -10.44 -20.83
C ALA C 293 2.48 -9.23 -20.69
N LEU C 294 2.87 -8.11 -21.28
CA LEU C 294 2.10 -6.86 -21.17
C LEU C 294 0.71 -7.06 -21.77
N ILE C 295 0.62 -7.78 -22.88
CA ILE C 295 -0.64 -8.09 -23.63
C ILE C 295 -1.53 -8.92 -22.71
N ARG C 296 -0.99 -10.00 -22.13
CA ARG C 296 -1.72 -10.85 -21.16
C ARG C 296 -2.20 -9.99 -19.97
N GLN C 297 -1.31 -9.16 -19.46
CA GLN C 297 -1.58 -8.31 -18.29
C GLN C 297 -2.82 -7.45 -18.59
N MET C 298 -2.94 -6.93 -19.79
CA MET C 298 -4.09 -6.10 -20.19
C MET C 298 -5.37 -6.97 -20.19
N VAL C 299 -5.30 -8.15 -20.80
CA VAL C 299 -6.50 -9.03 -21.00
C VAL C 299 -6.91 -9.55 -19.61
N ARG C 300 -5.96 -9.95 -18.77
CA ARG C 300 -6.23 -10.42 -17.39
C ARG C 300 -6.93 -9.32 -16.58
N ALA C 301 -6.39 -8.10 -16.60
CA ALA C 301 -6.94 -6.94 -15.90
C ALA C 301 -8.36 -6.64 -16.42
N GLU C 302 -8.60 -6.78 -17.72
CA GLU C 302 -9.92 -6.52 -18.33
C GLU C 302 -10.92 -7.59 -17.84
N LEU C 303 -10.46 -8.83 -17.64
CA LEU C 303 -11.34 -9.91 -17.12
C LEU C 303 -11.64 -9.64 -15.64
N VAL C 304 -10.64 -9.27 -14.85
CA VAL C 304 -10.83 -8.94 -13.41
C VAL C 304 -11.83 -7.79 -13.25
N ALA C 305 -11.62 -6.64 -13.91
CA ALA C 305 -12.55 -5.50 -13.84
C ALA C 305 -13.97 -5.89 -14.28
N GLY C 306 -14.12 -6.76 -15.29
CA GLY C 306 -15.42 -7.21 -15.85
C GLY C 306 -16.18 -8.11 -14.88
N LEU C 307 -15.49 -9.04 -14.26
CA LEU C 307 -16.05 -9.84 -13.17
C LEU C 307 -16.46 -8.94 -12.00
N ALA C 308 -15.70 -7.92 -11.63
CA ALA C 308 -16.09 -6.95 -10.58
C ALA C 308 -17.39 -6.27 -10.99
N VAL C 309 -17.47 -5.70 -12.19
CA VAL C 309 -18.72 -5.06 -12.69
C VAL C 309 -19.86 -6.08 -12.64
N LEU C 310 -19.63 -7.32 -13.11
CA LEU C 310 -20.70 -8.33 -13.27
C LEU C 310 -21.26 -8.70 -11.90
N ILE C 311 -20.39 -9.07 -10.97
CA ILE C 311 -20.79 -9.61 -9.65
C ILE C 311 -21.43 -8.48 -8.82
N THR C 312 -20.93 -7.23 -8.89
CA THR C 312 -21.46 -6.09 -8.09
C THR C 312 -22.81 -5.68 -8.63
N GLU C 313 -23.02 -5.85 -9.94
CA GLU C 313 -24.36 -5.62 -10.55
C GLU C 313 -25.30 -6.69 -10.03
N HIS C 314 -24.83 -7.93 -10.01
CA HIS C 314 -25.71 -9.10 -9.72
C HIS C 314 -26.18 -9.08 -8.28
N ILE C 315 -25.31 -8.77 -7.30
CA ILE C 315 -25.67 -8.73 -5.86
C ILE C 315 -26.23 -7.35 -5.53
N GLY C 316 -26.18 -6.43 -6.47
CA GLY C 316 -26.81 -5.12 -6.33
C GLY C 316 -26.01 -4.18 -5.47
N THR C 317 -24.67 -4.24 -5.46
CA THR C 317 -23.81 -3.27 -4.73
C THR C 317 -23.22 -2.22 -5.66
N ASN C 318 -23.57 -2.24 -6.95
CA ASN C 318 -22.82 -1.50 -7.99
C ASN C 318 -23.06 0.00 -7.84
N LYS C 319 -24.19 0.44 -7.26
CA LYS C 319 -24.52 1.89 -7.12
C LYS C 319 -24.14 2.40 -5.73
N ILE C 320 -23.66 1.52 -4.85
CA ILE C 320 -23.24 1.96 -3.49
C ILE C 320 -21.97 2.78 -3.69
N PRO C 321 -21.95 4.09 -3.34
CA PRO C 321 -20.83 4.97 -3.68
C PRO C 321 -19.47 4.35 -3.34
N ALA C 322 -19.34 3.87 -2.11
CA ALA C 322 -18.10 3.29 -1.53
C ALA C 322 -17.64 2.06 -2.35
N VAL C 323 -18.57 1.28 -2.91
CA VAL C 323 -18.23 0.12 -3.79
C VAL C 323 -17.84 0.63 -5.18
N GLN C 324 -18.55 1.64 -5.68
CA GLN C 324 -18.28 2.24 -7.01
C GLN C 324 -16.81 2.62 -7.13
N THR C 325 -16.25 3.28 -6.10
CA THR C 325 -14.82 3.73 -6.08
C THR C 325 -13.86 2.52 -5.88
N ARG C 326 -14.30 1.43 -5.28
CA ARG C 326 -13.49 0.20 -5.20
C ARG C 326 -13.43 -0.41 -6.61
N VAL C 327 -14.53 -0.34 -7.37
CA VAL C 327 -14.60 -0.89 -8.76
C VAL C 327 -13.78 0.03 -9.68
N ALA C 328 -13.74 1.32 -9.40
CA ALA C 328 -12.83 2.26 -10.11
C ALA C 328 -11.38 1.77 -10.03
N LYS C 329 -10.95 1.21 -8.89
CA LYS C 329 -9.56 0.70 -8.74
C LYS C 329 -9.27 -0.35 -9.81
N LEU C 330 -10.17 -1.33 -10.01
CA LEU C 330 -9.89 -2.49 -10.88
C LEU C 330 -9.95 -2.04 -12.34
N ILE C 331 -10.90 -1.16 -12.67
CA ILE C 331 -11.01 -0.57 -14.04
C ILE C 331 -9.77 0.27 -14.29
N GLY C 332 -9.36 1.07 -13.31
CA GLY C 332 -8.13 1.89 -13.37
C GLY C 332 -6.90 1.06 -13.67
N PHE C 333 -6.84 -0.16 -13.15
CA PHE C 333 -5.67 -1.06 -13.28
C PHE C 333 -5.56 -1.50 -14.74
N HIS C 334 -6.70 -1.92 -15.32
CA HIS C 334 -6.85 -2.30 -16.76
C HIS C 334 -6.40 -1.17 -17.68
N GLN C 335 -6.91 0.04 -17.46
CA GLN C 335 -6.53 1.25 -18.26
C GLN C 335 -5.02 1.49 -18.12
N ALA C 336 -4.42 1.26 -16.95
CA ALA C 336 -2.95 1.43 -16.79
C ALA C 336 -2.23 0.39 -17.68
N MET C 337 -2.72 -0.84 -17.69
CA MET C 337 -2.11 -1.90 -18.53
C MET C 337 -2.35 -1.59 -20.01
N LEU C 338 -3.48 -1.01 -20.36
CA LEU C 338 -3.72 -0.61 -21.77
C LEU C 338 -2.74 0.50 -22.14
N ALA C 339 -2.52 1.48 -21.27
CA ALA C 339 -1.65 2.65 -21.53
C ALA C 339 -0.20 2.21 -21.79
N HIS C 340 0.33 1.29 -20.97
CA HIS C 340 1.74 0.81 -21.07
C HIS C 340 1.93 0.06 -22.39
N LEU C 341 0.98 -0.84 -22.70
CA LEU C 341 0.99 -1.63 -23.95
C LEU C 341 1.02 -0.64 -25.12
N ILE C 342 0.05 0.27 -25.23
CA ILE C 342 -0.03 1.15 -26.42
C ILE C 342 1.22 2.02 -26.46
N ALA C 343 1.66 2.56 -25.31
CA ALA C 343 2.81 3.49 -25.22
C ALA C 343 4.09 2.78 -25.66
N SER C 344 4.29 1.52 -25.26
CA SER C 344 5.47 0.71 -25.65
C SER C 344 5.50 0.57 -27.18
N GLU C 345 4.34 0.24 -27.77
CA GLU C 345 4.14 0.15 -29.25
C GLU C 345 4.48 1.50 -29.87
N GLU C 346 4.03 2.58 -29.24
CA GLU C 346 4.17 3.94 -29.80
C GLU C 346 5.65 4.36 -29.77
N LEU C 347 6.40 3.99 -28.73
CA LEU C 347 7.75 4.54 -28.43
C LEU C 347 8.87 3.49 -28.66
N GLY C 348 8.71 2.61 -29.65
CA GLY C 348 9.67 1.55 -30.00
C GLY C 348 10.80 2.03 -30.91
N PHE C 349 11.69 1.11 -31.30
CA PHE C 349 12.94 1.38 -32.07
C PHE C 349 13.23 0.20 -33.00
N HIS C 350 14.10 0.40 -34.00
CA HIS C 350 14.53 -0.67 -34.95
C HIS C 350 15.77 -1.37 -34.39
N THR C 351 15.75 -2.71 -34.38
CA THR C 351 16.85 -3.58 -33.89
C THR C 351 17.93 -3.65 -34.98
N PRO C 352 19.08 -4.31 -34.72
CA PRO C 352 20.15 -4.42 -35.72
C PRO C 352 19.72 -4.93 -37.12
N GLY C 353 18.83 -5.94 -37.19
CA GLY C 353 18.31 -6.51 -38.45
C GLY C 353 17.02 -5.84 -38.93
N GLY C 354 16.68 -4.68 -38.36
CA GLY C 354 15.56 -3.83 -38.82
C GLY C 354 14.19 -4.35 -38.41
N HIS C 355 14.09 -5.21 -37.38
CA HIS C 355 12.79 -5.53 -36.70
C HIS C 355 12.44 -4.35 -35.77
N TYR C 356 11.16 -4.01 -35.68
CA TYR C 356 10.58 -2.99 -34.75
C TYR C 356 10.32 -3.67 -33.41
N LYS C 357 10.97 -3.20 -32.34
CA LYS C 357 10.80 -3.69 -30.95
C LYS C 357 10.15 -2.57 -30.15
N PRO C 358 9.13 -2.89 -29.31
CA PRO C 358 8.52 -1.91 -28.41
C PRO C 358 9.46 -1.46 -27.30
N ASN C 359 9.14 -0.30 -26.70
CA ASN C 359 9.93 0.42 -25.68
C ASN C 359 10.18 -0.48 -24.48
N ILE C 360 11.44 -0.81 -24.21
CA ILE C 360 11.83 -1.80 -23.18
C ILE C 360 11.47 -1.26 -21.79
N LEU C 361 11.73 0.03 -21.53
CA LEU C 361 11.48 0.63 -20.20
C LEU C 361 9.98 0.51 -19.85
N ILE C 362 9.12 0.86 -20.82
CA ILE C 362 7.65 0.95 -20.61
C ILE C 362 7.09 -0.46 -20.39
N TYR C 363 7.44 -1.45 -21.21
CA TYR C 363 6.90 -2.83 -21.07
C TYR C 363 7.49 -3.46 -19.82
N ASP C 364 8.76 -3.19 -19.48
CA ASP C 364 9.39 -3.83 -18.28
C ASP C 364 8.85 -3.19 -16.99
N PHE C 365 8.62 -1.87 -16.96
CA PHE C 365 8.02 -1.19 -15.78
C PHE C 365 6.49 -1.46 -15.71
N GLY C 366 5.81 -1.65 -16.85
CA GLY C 366 4.44 -2.22 -16.93
C GLY C 366 4.32 -3.56 -16.21
N ARG C 367 5.28 -4.47 -16.41
CA ARG C 367 5.29 -5.79 -15.73
C ARG C 367 5.51 -5.63 -14.22
N ALA C 368 6.46 -4.77 -13.84
CA ALA C 368 6.72 -4.39 -12.44
C ALA C 368 5.39 -3.90 -11.84
N LEU C 369 4.71 -2.96 -12.50
CA LEU C 369 3.50 -2.32 -11.95
C LEU C 369 2.39 -3.38 -11.78
N TYR C 370 2.27 -4.32 -12.73
CA TYR C 370 1.29 -5.44 -12.65
C TYR C 370 1.62 -6.37 -11.47
N LEU C 371 2.88 -6.80 -11.31
CA LEU C 371 3.29 -7.73 -10.22
C LEU C 371 3.14 -7.06 -8.84
N GLU C 372 3.37 -5.75 -8.75
CA GLU C 372 3.31 -5.01 -7.48
C GLU C 372 1.85 -4.93 -7.01
N ASN C 373 0.90 -4.83 -7.95
CA ASN C 373 -0.52 -4.51 -7.68
C ASN C 373 -1.42 -5.74 -7.80
N PHE C 374 -0.99 -6.83 -8.41
CA PHE C 374 -1.88 -7.95 -8.84
C PHE C 374 -2.65 -8.55 -7.65
N SER C 375 -1.95 -8.94 -6.58
CA SER C 375 -2.57 -9.61 -5.42
C SER C 375 -3.60 -8.67 -4.79
N GLN C 376 -3.30 -7.39 -4.64
CA GLN C 376 -4.27 -6.40 -4.10
C GLN C 376 -5.54 -6.43 -4.96
N MET C 377 -5.40 -6.56 -6.28
CA MET C 377 -6.54 -6.48 -7.23
C MET C 377 -7.40 -7.73 -7.16
N ILE C 378 -6.77 -8.90 -7.04
CA ILE C 378 -7.50 -10.16 -6.82
C ILE C 378 -8.28 -10.01 -5.52
N TYR C 379 -7.63 -9.52 -4.47
CA TYR C 379 -8.26 -9.38 -3.12
C TYR C 379 -9.49 -8.48 -3.25
N GLU C 380 -9.43 -7.37 -4.00
CA GLU C 380 -10.60 -6.46 -4.15
C GLU C 380 -11.68 -7.20 -4.93
N LEU C 381 -11.35 -7.94 -6.00
CA LEU C 381 -12.38 -8.71 -6.73
C LEU C 381 -13.03 -9.70 -5.77
N VAL C 382 -12.25 -10.42 -4.96
CA VAL C 382 -12.86 -11.46 -4.08
C VAL C 382 -13.65 -10.75 -2.97
N ASP C 383 -13.16 -9.60 -2.51
CA ASP C 383 -13.75 -8.93 -1.33
C ASP C 383 -15.07 -8.32 -1.76
N LEU C 384 -15.14 -7.79 -2.99
CA LEU C 384 -16.37 -7.19 -3.56
C LEU C 384 -17.44 -8.25 -3.85
N SER C 385 -17.06 -9.50 -4.05
CA SER C 385 -18.03 -10.58 -4.35
C SER C 385 -18.84 -10.93 -3.10
N GLY C 386 -18.26 -10.80 -1.90
CA GLY C 386 -18.74 -11.49 -0.69
C GLY C 386 -18.72 -12.99 -0.89
N ARG C 387 -19.61 -13.70 -0.21
CA ARG C 387 -19.64 -15.19 -0.19
C ARG C 387 -19.81 -15.77 -1.60
N SER C 388 -20.38 -15.01 -2.54
CA SER C 388 -20.76 -15.41 -3.93
C SER C 388 -19.55 -15.87 -4.75
N ALA C 389 -18.34 -15.53 -4.32
CA ALA C 389 -17.10 -15.98 -4.99
C ALA C 389 -16.84 -17.47 -4.69
N LEU C 390 -17.45 -18.05 -3.66
CA LEU C 390 -17.06 -19.38 -3.13
C LEU C 390 -18.28 -20.21 -2.75
N ILE C 391 -19.18 -19.67 -1.93
CA ILE C 391 -20.37 -20.37 -1.37
C ILE C 391 -21.54 -20.22 -2.34
N PHE C 392 -21.65 -21.13 -3.31
CA PHE C 392 -22.78 -21.14 -4.28
C PHE C 392 -23.25 -22.57 -4.55
N ALA C 393 -24.40 -22.70 -5.17
CA ALA C 393 -25.04 -24.00 -5.47
C ALA C 393 -24.16 -24.81 -6.43
N SER C 394 -23.98 -26.11 -6.17
CA SER C 394 -23.57 -27.08 -7.21
C SER C 394 -24.77 -27.23 -8.15
N GLU C 395 -24.53 -27.69 -9.38
CA GLU C 395 -25.58 -27.71 -10.43
C GLU C 395 -26.70 -28.66 -9.98
N ASP C 396 -26.42 -29.78 -9.30
CA ASP C 396 -27.49 -30.73 -8.86
C ASP C 396 -28.23 -30.12 -7.67
N GLN C 397 -27.58 -29.28 -6.89
CA GLN C 397 -28.20 -28.53 -5.77
C GLN C 397 -29.18 -27.52 -6.37
N TRP C 398 -28.72 -26.70 -7.30
CA TRP C 398 -29.56 -25.70 -8.03
C TRP C 398 -30.84 -26.34 -8.55
N ASN C 399 -30.76 -27.53 -9.16
CA ASN C 399 -31.85 -28.14 -9.96
C ASN C 399 -32.72 -29.08 -9.11
N ASP C 400 -32.44 -29.24 -7.82
CA ASP C 400 -33.26 -30.13 -6.95
C ASP C 400 -34.63 -29.46 -6.80
N ASP C 401 -35.72 -30.24 -6.89
CA ASP C 401 -37.13 -29.76 -6.78
C ASP C 401 -37.32 -28.96 -5.48
N LYS C 402 -36.77 -29.46 -4.39
CA LYS C 402 -36.86 -28.85 -3.04
C LYS C 402 -35.95 -27.62 -2.94
N LEU C 403 -34.70 -27.69 -3.37
CA LEU C 403 -33.73 -26.59 -3.13
C LEU C 403 -33.86 -25.47 -4.17
N ASN C 404 -34.38 -25.73 -5.38
CA ASN C 404 -34.32 -24.78 -6.53
C ASN C 404 -34.94 -23.42 -6.19
N GLY C 405 -36.19 -23.42 -5.70
CA GLY C 405 -36.95 -22.21 -5.33
C GLY C 405 -36.21 -21.36 -4.30
N TRP C 406 -35.41 -21.98 -3.42
CA TRP C 406 -34.68 -21.25 -2.34
C TRP C 406 -33.49 -20.56 -2.97
N PHE C 407 -32.76 -21.26 -3.85
CA PHE C 407 -31.56 -20.73 -4.55
C PHE C 407 -31.99 -19.62 -5.52
N GLU C 408 -33.08 -19.81 -6.26
CA GLU C 408 -33.61 -18.78 -7.18
C GLU C 408 -33.83 -17.48 -6.39
N ARG C 409 -34.51 -17.54 -5.24
CA ARG C 409 -34.82 -16.33 -4.43
C ARG C 409 -33.53 -15.74 -3.86
N MET C 410 -32.58 -16.59 -3.43
CA MET C 410 -31.29 -16.16 -2.82
C MET C 410 -30.44 -15.41 -3.85
N ASN C 411 -30.58 -15.72 -5.13
CA ASN C 411 -29.73 -15.12 -6.19
C ASN C 411 -30.54 -14.10 -7.03
N ASN C 412 -31.72 -13.71 -6.57
CA ASN C 412 -32.63 -12.78 -7.30
C ASN C 412 -32.29 -11.35 -6.91
N GLY C 413 -31.17 -10.83 -7.44
CA GLY C 413 -30.70 -9.46 -7.23
C GLY C 413 -31.36 -8.49 -8.20
N PRO C 414 -30.86 -7.26 -8.36
CA PRO C 414 -31.56 -6.25 -9.18
C PRO C 414 -31.67 -6.54 -10.69
N VAL C 415 -30.81 -7.36 -11.29
CA VAL C 415 -30.81 -7.70 -12.76
C VAL C 415 -31.33 -9.13 -13.01
N GLY C 416 -32.11 -9.69 -12.08
CA GLY C 416 -32.67 -11.06 -12.17
C GLY C 416 -31.64 -12.12 -12.53
N ARG C 417 -31.95 -12.97 -13.52
CA ARG C 417 -31.15 -14.12 -14.02
C ARG C 417 -30.39 -14.74 -12.86
N PRO C 418 -31.10 -15.34 -11.90
CA PRO C 418 -30.47 -15.80 -10.66
C PRO C 418 -29.31 -16.80 -10.88
N HIS C 419 -29.45 -17.78 -11.78
CA HIS C 419 -28.37 -18.79 -12.05
C HIS C 419 -27.10 -18.08 -12.56
N ASP C 420 -27.20 -16.91 -13.18
CA ASP C 420 -26.03 -16.15 -13.69
C ASP C 420 -25.06 -15.83 -12.55
N ARG C 421 -25.52 -15.60 -11.31
CA ARG C 421 -24.56 -15.41 -10.20
C ARG C 421 -23.72 -16.69 -9.98
N VAL C 422 -24.25 -17.87 -10.28
CA VAL C 422 -23.48 -19.13 -10.12
C VAL C 422 -22.48 -19.16 -11.28
N LYS C 423 -22.88 -18.70 -12.45
CA LYS C 423 -22.00 -18.68 -13.63
C LYS C 423 -20.79 -17.80 -13.32
N ILE C 424 -20.98 -16.68 -12.64
CA ILE C 424 -19.88 -15.71 -12.36
C ILE C 424 -18.99 -16.26 -11.25
N GLY C 425 -19.60 -16.71 -10.15
CA GLY C 425 -18.89 -17.35 -9.04
C GLY C 425 -17.99 -18.44 -9.56
N ARG C 426 -18.44 -19.28 -10.50
CA ARG C 426 -17.62 -20.45 -10.92
C ARG C 426 -16.30 -19.93 -11.51
N VAL C 427 -16.38 -18.82 -12.25
CA VAL C 427 -15.22 -18.28 -13.01
C VAL C 427 -14.27 -17.64 -12.00
N ILE C 428 -14.81 -16.86 -11.07
CA ILE C 428 -14.01 -16.23 -9.98
C ILE C 428 -13.31 -17.34 -9.19
N ARG C 429 -14.06 -18.35 -8.75
CA ARG C 429 -13.55 -19.49 -7.97
C ARG C 429 -12.40 -20.15 -8.73
N ASP C 430 -12.61 -20.59 -9.99
CA ASP C 430 -11.54 -21.26 -10.80
C ASP C 430 -10.32 -20.33 -10.91
N LEU C 431 -10.47 -19.03 -11.19
CA LEU C 431 -9.30 -18.14 -11.47
C LEU C 431 -8.50 -17.86 -10.21
N PHE C 432 -9.18 -17.71 -9.05
CA PHE C 432 -8.55 -17.06 -7.88
C PHE C 432 -8.69 -17.91 -6.61
N LEU C 433 -9.36 -19.06 -6.66
CA LEU C 433 -9.56 -19.84 -5.41
C LEU C 433 -9.41 -21.34 -5.63
N THR C 434 -8.71 -21.79 -6.68
CA THR C 434 -8.35 -23.22 -6.85
C THR C 434 -6.83 -23.37 -7.01
N ASP C 435 -6.33 -24.59 -6.87
CA ASP C 435 -4.90 -24.92 -7.11
C ASP C 435 -4.56 -24.47 -8.55
N TRP C 436 -5.45 -24.76 -9.50
CA TRP C 436 -5.36 -24.43 -10.94
C TRP C 436 -5.13 -22.94 -11.18
N GLY C 437 -5.80 -22.05 -10.44
CA GLY C 437 -5.75 -20.59 -10.64
C GLY C 437 -4.56 -20.00 -9.92
N SER C 438 -4.19 -20.63 -8.79
CA SER C 438 -3.00 -20.33 -7.95
C SER C 438 -1.74 -20.56 -8.76
N ARG C 439 -1.73 -21.64 -9.53
CA ARG C 439 -0.56 -21.94 -10.40
C ARG C 439 -0.37 -20.76 -11.36
N LEU C 440 -1.44 -20.23 -11.95
CA LEU C 440 -1.37 -19.13 -12.96
C LEU C 440 -0.83 -17.84 -12.32
N PHE C 441 -1.22 -17.55 -11.07
CA PHE C 441 -0.72 -16.38 -10.29
C PHE C 441 0.78 -16.57 -10.10
N VAL C 442 1.18 -17.80 -9.71
CA VAL C 442 2.59 -18.17 -9.41
C VAL C 442 3.41 -18.08 -10.71
N PHE C 443 2.87 -18.59 -11.82
CA PHE C 443 3.51 -18.45 -13.16
C PHE C 443 3.72 -16.97 -13.43
N GLU C 444 2.68 -16.19 -13.20
CA GLU C 444 2.63 -14.77 -13.62
C GLU C 444 3.68 -14.01 -12.83
N ASN C 445 3.79 -14.38 -11.55
CA ASN C 445 4.74 -13.82 -10.56
C ASN C 445 6.19 -14.19 -10.89
N PHE C 446 6.50 -15.41 -11.38
CA PHE C 446 7.91 -15.86 -11.47
C PHE C 446 8.42 -15.97 -12.92
N ASN C 447 7.58 -16.28 -13.90
CA ASN C 447 8.05 -16.72 -15.25
C ASN C 447 9.06 -15.70 -15.82
N GLY C 448 8.76 -14.40 -15.75
CA GLY C 448 9.64 -13.31 -16.22
C GLY C 448 10.48 -12.71 -15.09
N THR C 449 10.89 -13.51 -14.10
CA THR C 449 11.54 -13.09 -12.81
C THR C 449 10.57 -12.25 -11.98
N PRO C 450 10.60 -12.36 -10.64
CA PRO C 450 9.67 -11.60 -9.81
C PRO C 450 10.00 -10.08 -9.73
N LEU C 451 9.21 -9.36 -8.94
CA LEU C 451 9.17 -7.88 -8.88
C LEU C 451 10.58 -7.36 -8.61
N GLN C 452 11.27 -7.85 -7.59
CA GLN C 452 12.59 -7.28 -7.19
C GLN C 452 13.61 -7.62 -8.28
N GLY C 453 13.37 -8.70 -9.05
CA GLY C 453 14.21 -9.11 -10.19
C GLY C 453 14.04 -8.20 -11.38
N ILE C 454 12.80 -7.89 -11.75
CA ILE C 454 12.49 -6.97 -12.88
C ILE C 454 13.18 -5.63 -12.58
N ARG C 455 13.02 -5.11 -11.36
CA ARG C 455 13.55 -3.78 -10.94
C ARG C 455 15.07 -3.78 -11.01
N MET C 456 15.70 -4.82 -10.48
CA MET C 456 17.17 -4.96 -10.48
C MET C 456 17.69 -4.99 -11.92
N LEU C 457 17.19 -5.93 -12.74
CA LEU C 457 17.71 -6.19 -14.10
C LEU C 457 17.55 -4.95 -14.97
N THR C 458 16.36 -4.34 -14.94
CA THR C 458 15.97 -3.14 -15.71
C THR C 458 16.95 -2.00 -15.40
N MET C 459 17.37 -1.86 -14.13
CA MET C 459 18.27 -0.77 -13.66
C MET C 459 19.68 -1.08 -14.16
N GLN C 460 20.15 -2.32 -13.96
CA GLN C 460 21.49 -2.80 -14.39
C GLN C 460 21.64 -2.61 -15.91
N ARG C 461 20.58 -2.92 -16.66
CA ARG C 461 20.57 -2.90 -18.14
C ARG C 461 20.58 -1.47 -18.69
N ALA C 462 19.93 -0.53 -18.00
CA ALA C 462 19.62 0.82 -18.52
C ALA C 462 20.79 1.78 -18.24
N GLU C 463 21.70 1.41 -17.33
CA GLU C 463 22.88 2.22 -16.91
C GLU C 463 22.44 3.68 -16.69
N PHE C 464 21.31 3.87 -15.99
CA PHE C 464 20.75 5.18 -15.62
C PHE C 464 21.82 5.95 -14.84
N SER C 465 22.06 7.21 -15.21
CA SER C 465 23.04 8.08 -14.53
C SER C 465 22.52 9.52 -14.44
N GLY C 466 22.90 10.20 -13.37
CA GLY C 466 22.60 11.62 -13.13
C GLY C 466 23.15 12.51 -14.22
N SER C 467 24.23 12.09 -14.89
CA SER C 467 24.85 12.80 -16.04
C SER C 467 24.02 12.58 -17.31
N GLY C 468 23.29 11.45 -17.39
CA GLY C 468 22.55 10.99 -18.59
C GLY C 468 21.33 11.86 -18.89
N PRO C 469 20.66 11.64 -20.05
CA PRO C 469 19.43 12.36 -20.39
C PRO C 469 18.31 12.25 -19.36
N TYR C 470 18.31 11.20 -18.53
CA TYR C 470 17.29 11.00 -17.46
C TYR C 470 17.34 12.15 -16.46
N GLY C 471 18.51 12.42 -15.89
CA GLY C 471 18.70 13.45 -14.85
C GLY C 471 18.81 14.88 -15.41
N LYS C 472 18.46 15.11 -16.69
CA LYS C 472 18.60 16.45 -17.32
C LYS C 472 17.75 17.46 -16.54
N LEU C 473 16.45 17.22 -16.38
CA LEU C 473 15.52 18.18 -15.73
C LEU C 473 15.99 18.45 -14.29
N ALA C 474 16.23 17.41 -13.50
CA ALA C 474 16.64 17.56 -12.09
C ALA C 474 17.91 18.41 -11.99
N ARG C 475 18.90 18.16 -12.85
CA ARG C 475 20.19 18.92 -12.91
C ARG C 475 19.91 20.41 -13.13
N GLN C 476 19.04 20.73 -14.09
CA GLN C 476 18.67 22.13 -14.46
C GLN C 476 18.05 22.83 -13.25
N VAL C 477 17.15 22.13 -12.55
CA VAL C 477 16.41 22.71 -11.39
C VAL C 477 17.42 22.95 -10.25
N CYS C 478 18.39 22.05 -10.11
CA CYS C 478 19.38 22.08 -9.01
C CYS C 478 20.51 23.08 -9.29
N GLY C 479 20.67 23.54 -10.54
CA GLY C 479 21.78 24.43 -10.95
C GLY C 479 23.12 23.73 -10.95
N ILE C 480 23.13 22.41 -11.17
CA ILE C 480 24.35 21.58 -11.31
C ILE C 480 24.89 21.74 -12.74
N ASP C 481 26.20 21.99 -12.88
CA ASP C 481 26.89 22.18 -14.19
C ASP C 481 27.03 20.83 -14.90
N MET D 1 -18.40 -38.67 32.15
CA MET D 1 -17.11 -38.12 31.64
C MET D 1 -17.38 -36.95 30.69
N ILE D 2 -16.31 -36.26 30.29
CA ILE D 2 -16.22 -35.41 29.07
C ILE D 2 -16.45 -36.31 27.84
N ARG D 3 -17.23 -35.83 26.88
CA ARG D 3 -17.59 -36.57 25.63
C ARG D 3 -16.30 -36.97 24.91
N THR D 4 -16.22 -38.19 24.40
CA THR D 4 -15.08 -38.71 23.59
C THR D 4 -15.31 -38.44 22.10
N GLY D 5 -14.21 -38.47 21.33
CA GLY D 5 -14.19 -38.48 19.86
C GLY D 5 -15.12 -39.52 19.24
N THR D 6 -15.03 -40.77 19.67
CA THR D 6 -15.81 -41.93 19.14
C THR D 6 -17.31 -41.71 19.37
N GLN D 7 -17.68 -41.28 20.58
CA GLN D 7 -19.10 -40.93 20.93
C GLN D 7 -19.58 -39.90 19.89
N TYR D 8 -18.80 -38.84 19.65
CA TYR D 8 -19.12 -37.79 18.64
C TYR D 8 -19.34 -38.49 17.30
N LEU D 9 -18.41 -39.35 16.87
CA LEU D 9 -18.54 -39.98 15.53
C LEU D 9 -19.88 -40.71 15.45
N GLU D 10 -20.28 -41.43 16.51
CA GLU D 10 -21.58 -42.18 16.58
C GLU D 10 -22.75 -41.19 16.49
N SER D 11 -22.68 -40.02 17.11
CA SER D 11 -23.83 -39.07 17.16
C SER D 11 -24.14 -38.50 15.77
N LEU D 12 -23.17 -38.48 14.86
CA LEU D 12 -23.35 -37.92 13.48
C LEU D 12 -24.35 -38.77 12.68
N ASN D 13 -24.48 -40.07 12.99
CA ASN D 13 -25.38 -41.00 12.23
C ASN D 13 -26.80 -40.96 12.83
N ASP D 14 -27.46 -39.80 12.73
CA ASP D 14 -28.72 -39.44 13.44
C ASP D 14 -29.78 -38.98 12.44
N GLY D 15 -29.56 -39.25 11.15
CA GLY D 15 -30.58 -39.02 10.10
C GLY D 15 -30.59 -37.58 9.57
N ARG D 16 -29.61 -36.74 9.95
CA ARG D 16 -29.50 -35.36 9.42
C ARG D 16 -29.49 -35.44 7.90
N ASN D 17 -30.11 -34.46 7.26
CA ASN D 17 -30.29 -34.37 5.80
C ASN D 17 -29.20 -33.40 5.32
N VAL D 18 -28.23 -33.90 4.56
CA VAL D 18 -26.96 -33.19 4.27
C VAL D 18 -26.61 -33.43 2.81
N TRP D 19 -26.48 -32.33 2.05
CA TRP D 19 -25.84 -32.28 0.69
C TRP D 19 -24.38 -31.83 0.86
N VAL D 20 -23.45 -32.44 0.12
CA VAL D 20 -22.07 -31.93 -0.10
C VAL D 20 -21.82 -31.95 -1.60
N GLY D 21 -21.85 -30.77 -2.23
CA GLY D 21 -22.00 -30.64 -3.68
C GLY D 21 -23.22 -31.41 -4.15
N ASN D 22 -23.04 -32.22 -5.22
CA ASN D 22 -24.08 -32.98 -5.96
C ASN D 22 -24.45 -34.26 -5.20
N GLU D 23 -23.81 -34.52 -4.05
CA GLU D 23 -23.97 -35.81 -3.31
C GLU D 23 -24.76 -35.60 -2.03
N LYS D 24 -25.63 -36.55 -1.74
CA LYS D 24 -26.33 -36.68 -0.44
C LYS D 24 -25.41 -37.47 0.49
N ILE D 25 -25.42 -37.21 1.81
CA ILE D 25 -24.50 -37.85 2.80
C ILE D 25 -25.30 -38.75 3.75
N ASP D 26 -24.97 -40.05 3.75
CA ASP D 26 -25.65 -41.08 4.57
C ASP D 26 -25.21 -40.97 6.04
N ASN D 27 -23.90 -40.80 6.24
CA ASN D 27 -23.26 -40.66 7.58
C ASN D 27 -22.04 -39.73 7.47
N VAL D 28 -22.11 -38.55 8.09
CA VAL D 28 -21.02 -37.56 8.00
C VAL D 28 -19.73 -38.15 8.61
N ALA D 29 -19.86 -38.94 9.67
CA ALA D 29 -18.75 -39.69 10.30
C ALA D 29 -17.93 -40.47 9.26
N THR D 30 -18.54 -41.10 8.24
CA THR D 30 -17.84 -42.14 7.44
C THR D 30 -17.71 -41.80 5.95
N HIS D 31 -18.55 -40.94 5.39
CA HIS D 31 -18.53 -40.56 3.94
C HIS D 31 -17.16 -40.03 3.52
N PRO D 32 -16.62 -40.45 2.37
CA PRO D 32 -15.34 -39.95 1.89
C PRO D 32 -15.18 -38.43 1.94
N LYS D 33 -16.23 -37.67 1.61
CA LYS D 33 -16.10 -36.19 1.46
C LYS D 33 -16.09 -35.50 2.84
N THR D 34 -16.45 -36.19 3.94
CA THR D 34 -16.66 -35.55 5.27
C THR D 34 -15.86 -36.21 6.41
N ARG D 35 -15.43 -37.46 6.26
CA ARG D 35 -14.94 -38.31 7.39
C ARG D 35 -13.69 -37.70 8.01
N ASP D 36 -12.87 -37.01 7.23
CA ASP D 36 -11.59 -36.44 7.72
C ASP D 36 -11.92 -35.27 8.65
N TYR D 37 -12.78 -34.36 8.23
CA TYR D 37 -13.14 -33.21 9.10
C TYR D 37 -13.93 -33.70 10.30
N ALA D 38 -14.68 -34.78 10.12
CA ALA D 38 -15.38 -35.42 11.26
C ALA D 38 -14.32 -35.92 12.25
N GLN D 39 -13.18 -36.44 11.76
CA GLN D 39 -12.10 -37.00 12.64
C GLN D 39 -11.36 -35.83 13.31
N ARG D 40 -11.35 -34.63 12.71
CA ARG D 40 -10.68 -33.46 13.35
C ARG D 40 -11.50 -33.02 14.57
N HIS D 41 -12.84 -33.07 14.51
CA HIS D 41 -13.70 -32.80 15.69
C HIS D 41 -13.51 -33.93 16.70
N ALA D 42 -13.40 -35.18 16.28
CA ALA D 42 -13.19 -36.31 17.23
C ALA D 42 -11.86 -36.07 17.96
N ASP D 43 -10.80 -35.72 17.22
CA ASP D 43 -9.50 -35.28 17.79
C ASP D 43 -9.76 -34.16 18.79
N PHE D 44 -10.56 -33.16 18.44
CA PHE D 44 -10.87 -32.07 19.41
C PHE D 44 -11.38 -32.68 20.71
N TYR D 45 -12.37 -33.57 20.65
CA TYR D 45 -12.99 -34.13 21.88
C TYR D 45 -11.92 -34.93 22.64
N ASP D 46 -11.03 -35.65 21.95
CA ASP D 46 -10.01 -36.54 22.60
C ASP D 46 -8.88 -35.72 23.25
N LEU D 47 -8.68 -34.44 22.89
CA LEU D 47 -7.66 -33.57 23.52
C LEU D 47 -7.99 -33.39 25.00
N HIS D 48 -9.27 -33.49 25.36
CA HIS D 48 -9.79 -33.29 26.73
C HIS D 48 -9.63 -34.59 27.54
N HIS D 49 -9.07 -35.64 26.94
CA HIS D 49 -8.78 -36.93 27.63
C HIS D 49 -7.28 -37.22 27.69
N ARG D 50 -6.44 -36.45 26.99
CA ARG D 50 -4.96 -36.55 27.07
C ARG D 50 -4.51 -36.10 28.46
N PRO D 51 -3.95 -37.00 29.30
CA PRO D 51 -3.49 -36.63 30.64
C PRO D 51 -2.35 -35.58 30.67
N ASP D 52 -1.48 -35.56 29.65
CA ASP D 52 -0.41 -34.53 29.53
C ASP D 52 -1.00 -33.12 29.32
N LEU D 53 -2.26 -32.99 28.90
CA LEU D 53 -2.90 -31.68 28.62
C LEU D 53 -4.03 -31.36 29.61
N GLN D 54 -4.26 -32.20 30.62
CA GLN D 54 -5.41 -32.09 31.55
C GLN D 54 -5.54 -30.67 32.13
N ASP D 55 -4.42 -30.03 32.46
CA ASP D 55 -4.36 -28.71 33.15
C ASP D 55 -4.90 -27.62 32.21
N VAL D 56 -4.52 -27.71 30.93
CA VAL D 56 -4.82 -26.70 29.87
C VAL D 56 -6.24 -26.92 29.33
N MET D 57 -6.68 -28.18 29.22
CA MET D 57 -7.87 -28.55 28.40
C MET D 57 -9.12 -28.65 29.28
N THR D 58 -8.99 -28.84 30.59
CA THR D 58 -10.15 -29.08 31.50
C THR D 58 -10.00 -28.23 32.77
N TYR D 59 -11.11 -27.99 33.46
CA TYR D 59 -11.16 -27.32 34.78
C TYR D 59 -12.06 -28.14 35.70
N ILE D 60 -12.04 -27.87 37.00
CA ILE D 60 -13.01 -28.42 38.00
C ILE D 60 -14.02 -27.30 38.32
N ASP D 61 -15.32 -27.57 38.18
CA ASP D 61 -16.41 -26.58 38.44
C ASP D 61 -16.75 -26.58 39.94
N GLU D 62 -17.75 -25.79 40.33
CA GLU D 62 -18.07 -25.53 41.76
C GLU D 62 -18.64 -26.79 42.42
N GLY D 63 -18.98 -27.82 41.64
CA GLY D 63 -19.54 -29.10 42.11
C GLY D 63 -18.54 -30.24 42.07
N GLY D 64 -17.27 -29.96 41.78
CA GLY D 64 -16.18 -30.95 41.68
C GLY D 64 -16.20 -31.77 40.38
N GLN D 65 -17.03 -31.40 39.39
CA GLN D 65 -17.05 -32.06 38.05
C GLN D 65 -15.90 -31.51 37.19
N ARG D 66 -15.08 -32.40 36.62
CA ARG D 66 -14.06 -32.05 35.59
C ARG D 66 -14.77 -31.77 34.25
N ARG D 67 -14.51 -30.63 33.63
CA ARG D 67 -15.25 -30.18 32.42
C ARG D 67 -14.28 -29.57 31.42
N ALA D 68 -14.61 -29.72 30.15
CA ALA D 68 -13.88 -29.13 29.01
C ALA D 68 -13.82 -27.61 29.19
N MET D 69 -12.64 -27.04 28.97
CA MET D 69 -12.37 -25.59 29.11
C MET D 69 -13.20 -24.81 28.10
N GLN D 70 -13.91 -25.43 27.16
CA GLN D 70 -14.79 -24.66 26.24
C GLN D 70 -15.98 -24.10 27.03
N TRP D 71 -16.30 -24.63 28.21
CA TRP D 71 -17.43 -24.15 29.05
C TRP D 71 -16.96 -23.24 30.20
N PHE D 72 -15.66 -23.04 30.36
CA PHE D 72 -15.05 -22.18 31.42
C PHE D 72 -15.46 -20.71 31.26
N GLY D 73 -16.08 -20.12 32.29
CA GLY D 73 -16.40 -18.67 32.34
C GLY D 73 -15.24 -17.87 32.92
N HIS D 74 -14.86 -16.75 32.30
CA HIS D 74 -13.73 -15.92 32.83
C HIS D 74 -14.24 -14.60 33.45
N ARG D 75 -13.93 -14.39 34.74
CA ARG D 75 -14.44 -13.26 35.57
C ARG D 75 -13.32 -12.25 35.86
N ASP D 76 -12.08 -12.53 35.48
CA ASP D 76 -10.95 -11.57 35.55
C ASP D 76 -9.96 -11.91 34.42
N LYS D 77 -8.79 -11.29 34.46
CA LYS D 77 -7.77 -11.30 33.37
C LYS D 77 -7.00 -12.63 33.42
N GLU D 78 -6.70 -13.14 34.62
CA GLU D 78 -6.03 -14.45 34.83
C GLU D 78 -6.89 -15.55 34.19
N GLN D 79 -8.20 -15.50 34.41
CA GLN D 79 -9.16 -16.48 33.82
C GLN D 79 -9.23 -16.30 32.29
N LEU D 80 -9.22 -15.07 31.79
CA LEU D 80 -9.28 -14.83 30.35
C LEU D 80 -8.04 -15.42 29.68
N ARG D 81 -6.86 -15.24 30.29
CA ARG D 81 -5.56 -15.72 29.77
C ARG D 81 -5.53 -17.25 29.83
N ARG D 82 -6.20 -17.85 30.82
CA ARG D 82 -6.33 -19.33 30.91
C ARG D 82 -7.21 -19.81 29.76
N LYS D 83 -8.34 -19.13 29.51
CA LYS D 83 -9.22 -19.47 28.35
C LYS D 83 -8.45 -19.26 27.05
N ARG D 84 -7.65 -18.19 26.93
CA ARG D 84 -6.94 -17.90 25.66
C ARG D 84 -5.87 -18.97 25.42
N LYS D 85 -5.19 -19.41 26.47
CA LYS D 85 -4.12 -20.44 26.39
C LYS D 85 -4.77 -21.76 25.93
N TYR D 86 -6.02 -22.02 26.33
CA TYR D 86 -6.82 -23.21 25.91
C TYR D 86 -7.07 -23.15 24.41
N HIS D 87 -7.63 -22.02 23.94
CA HIS D 87 -7.95 -21.81 22.52
C HIS D 87 -6.66 -21.90 21.69
N GLU D 88 -5.59 -21.27 22.16
CA GLU D 88 -4.27 -21.29 21.47
C GLU D 88 -3.79 -22.75 21.34
N THR D 89 -3.83 -23.51 22.43
CA THR D 89 -3.36 -24.92 22.45
C THR D 89 -4.20 -25.71 21.44
N VAL D 90 -5.49 -25.46 21.36
CA VAL D 90 -6.37 -26.28 20.47
C VAL D 90 -5.95 -26.04 19.01
N MET D 91 -5.70 -24.78 18.63
CA MET D 91 -5.40 -24.47 17.21
C MET D 91 -3.97 -24.93 16.86
N ARG D 92 -3.00 -24.84 17.77
CA ARG D 92 -1.61 -25.36 17.58
C ARG D 92 -1.61 -26.89 17.35
N GLU D 93 -2.38 -27.66 18.11
CA GLU D 93 -2.39 -29.15 17.97
C GLU D 93 -3.12 -29.55 16.68
N MET D 94 -3.96 -28.65 16.14
CA MET D 94 -4.84 -28.95 15.00
C MET D 94 -4.40 -28.19 13.75
N ALA D 95 -3.30 -28.66 13.14
CA ALA D 95 -2.78 -28.26 11.81
C ALA D 95 -2.47 -26.76 11.75
N GLY D 96 -1.94 -26.19 12.84
CA GLY D 96 -1.47 -24.78 12.92
C GLY D 96 -2.56 -23.79 12.58
N ALA D 97 -3.68 -23.87 13.30
CA ALA D 97 -4.85 -22.95 13.21
C ALA D 97 -5.60 -23.11 11.87
N SER D 98 -5.53 -24.27 11.24
CA SER D 98 -6.16 -24.52 9.90
C SER D 98 -7.66 -24.88 9.99
N PHE D 99 -8.23 -25.05 11.20
CA PHE D 99 -9.65 -25.44 11.41
C PHE D 99 -10.27 -24.48 12.41
N PRO D 100 -10.65 -23.28 11.91
CA PRO D 100 -10.98 -22.16 12.77
C PRO D 100 -12.31 -22.28 13.53
N ARG D 101 -13.17 -23.24 13.19
CA ARG D 101 -14.52 -23.39 13.80
C ARG D 101 -14.67 -24.78 14.44
N THR D 102 -13.73 -25.07 15.34
CA THR D 102 -13.85 -26.16 16.35
C THR D 102 -14.92 -25.72 17.35
N PRO D 103 -15.51 -26.70 18.06
CA PRO D 103 -16.62 -26.43 18.98
C PRO D 103 -16.32 -25.34 20.01
N ASP D 104 -15.10 -25.29 20.55
CA ASP D 104 -14.66 -24.21 21.46
C ASP D 104 -15.02 -22.83 20.88
N VAL D 105 -14.86 -22.62 19.57
CA VAL D 105 -15.16 -21.31 18.92
C VAL D 105 -16.68 -21.10 18.90
N ASN D 106 -17.40 -22.09 18.35
CA ASN D 106 -18.87 -22.06 18.17
C ASN D 106 -19.52 -21.76 19.53
N ASN D 107 -19.12 -22.48 20.58
CA ASN D 107 -19.84 -22.49 21.87
C ASN D 107 -19.49 -21.22 22.66
N TYR D 108 -18.40 -20.55 22.29
CA TYR D 108 -17.85 -19.39 23.02
C TYR D 108 -18.88 -18.27 23.02
N VAL D 109 -19.62 -18.09 21.92
CA VAL D 109 -20.60 -16.96 21.79
C VAL D 109 -21.71 -17.10 22.86
N LEU D 110 -21.97 -18.30 23.40
CA LEU D 110 -23.15 -18.54 24.27
C LEU D 110 -22.96 -17.83 25.63
N THR D 111 -21.74 -17.44 25.98
CA THR D 111 -21.43 -16.79 27.28
C THR D 111 -22.13 -15.42 27.41
N THR D 112 -22.48 -14.77 26.30
CA THR D 112 -23.22 -13.48 26.31
C THR D 112 -24.61 -13.69 26.90
N TYR D 113 -25.29 -14.79 26.52
CA TYR D 113 -26.62 -15.15 27.04
C TYR D 113 -26.54 -15.41 28.54
N ILE D 114 -25.60 -16.27 28.96
CA ILE D 114 -25.33 -16.66 30.38
C ILE D 114 -25.08 -15.39 31.20
N ASP D 115 -24.34 -14.44 30.64
CA ASP D 115 -23.92 -13.19 31.34
C ASP D 115 -25.14 -12.35 31.70
N ASP D 116 -26.13 -12.25 30.81
CA ASP D 116 -27.21 -11.25 30.88
C ASP D 116 -28.39 -11.73 30.05
N PRO D 117 -29.18 -12.72 30.52
CA PRO D 117 -30.27 -13.27 29.73
C PRO D 117 -31.55 -12.43 29.65
N ALA D 118 -31.83 -11.63 30.68
CA ALA D 118 -33.13 -10.96 30.88
C ALA D 118 -33.51 -10.20 29.62
N PRO D 119 -32.63 -9.34 29.05
CA PRO D 119 -33.02 -8.52 27.91
C PRO D 119 -33.46 -9.33 26.68
N TRP D 120 -33.01 -10.57 26.50
CA TRP D 120 -33.53 -11.39 25.37
C TRP D 120 -35.04 -11.64 25.56
N GLU D 121 -35.50 -11.82 26.79
CA GLU D 121 -36.93 -12.04 27.12
C GLU D 121 -37.70 -10.71 27.02
N THR D 122 -37.26 -9.70 27.79
CA THR D 122 -38.00 -8.44 28.05
C THR D 122 -38.19 -7.65 26.74
N GLN D 123 -37.24 -7.76 25.81
CA GLN D 123 -37.27 -6.98 24.56
C GLN D 123 -38.02 -7.74 23.47
N SER D 124 -38.42 -8.99 23.72
CA SER D 124 -39.11 -9.82 22.70
C SER D 124 -40.49 -9.20 22.44
N ILE D 125 -40.91 -9.19 21.18
CA ILE D 125 -42.22 -8.65 20.75
C ILE D 125 -43.07 -9.79 20.21
N GLY D 126 -44.31 -9.91 20.71
CA GLY D 126 -45.35 -10.79 20.15
C GLY D 126 -45.25 -12.23 20.63
N ASP D 127 -44.52 -12.48 21.72
CA ASP D 127 -44.31 -13.83 22.28
C ASP D 127 -45.36 -14.15 23.34
N ASP D 128 -46.07 -13.14 23.85
CA ASP D 128 -47.24 -13.30 24.77
C ASP D 128 -46.74 -13.96 26.07
N GLY D 129 -45.55 -13.58 26.56
CA GLY D 129 -44.96 -14.00 27.85
C GLY D 129 -44.43 -15.43 27.88
N HIS D 130 -44.21 -16.06 26.73
CA HIS D 130 -43.80 -17.50 26.60
C HIS D 130 -42.27 -17.65 26.65
N ILE D 131 -41.53 -16.62 26.23
CA ILE D 131 -40.03 -16.66 26.22
C ILE D 131 -39.57 -16.35 27.65
N LYS D 132 -38.74 -17.21 28.22
CA LYS D 132 -38.27 -17.12 29.64
C LYS D 132 -36.74 -17.14 29.65
N ALA D 133 -36.11 -16.18 30.33
CA ALA D 133 -34.64 -16.05 30.46
C ALA D 133 -34.07 -17.35 31.03
N GLY D 134 -34.66 -17.86 32.12
CA GLY D 134 -34.27 -19.14 32.75
C GLY D 134 -34.12 -20.27 31.75
N LYS D 135 -34.84 -20.24 30.64
CA LYS D 135 -34.83 -21.34 29.62
C LYS D 135 -33.63 -21.16 28.67
N ILE D 136 -33.27 -19.94 28.31
CA ILE D 136 -32.00 -19.68 27.56
C ILE D 136 -30.85 -20.27 28.40
N VAL D 137 -30.84 -19.93 29.70
CA VAL D 137 -29.78 -20.41 30.61
C VAL D 137 -29.88 -21.94 30.69
N ASP D 138 -31.08 -22.53 30.75
CA ASP D 138 -31.24 -24.00 30.83
C ASP D 138 -30.74 -24.68 29.53
N PHE D 139 -30.86 -24.04 28.37
CA PHE D 139 -30.37 -24.66 27.12
C PHE D 139 -28.84 -24.73 27.15
N ILE D 140 -28.21 -23.62 27.53
CA ILE D 140 -26.72 -23.51 27.54
C ILE D 140 -26.15 -24.48 28.59
N ARG D 141 -26.79 -24.63 29.75
CA ARG D 141 -26.43 -25.67 30.78
C ARG D 141 -26.49 -27.08 30.16
N TYR D 142 -27.52 -27.36 29.36
CA TYR D 142 -27.74 -28.67 28.69
C TYR D 142 -26.65 -28.87 27.64
N ALA D 143 -26.32 -27.87 26.83
CA ALA D 143 -25.18 -27.88 25.88
C ALA D 143 -23.89 -28.25 26.62
N ARG D 144 -23.63 -27.56 27.72
CA ARG D 144 -22.41 -27.75 28.55
C ARG D 144 -22.39 -29.17 29.14
N GLU D 145 -23.53 -29.69 29.62
CA GLU D 145 -23.60 -31.02 30.28
C GLU D 145 -23.31 -32.12 29.24
N HIS D 146 -23.70 -31.95 27.96
CA HIS D 146 -23.53 -32.98 26.90
C HIS D 146 -22.40 -32.60 25.94
N ASP D 147 -21.66 -31.53 26.23
CA ASP D 147 -20.51 -31.11 25.40
C ASP D 147 -20.94 -30.93 23.95
N LEU D 148 -22.15 -30.41 23.75
CA LEU D 148 -22.80 -30.28 22.40
C LEU D 148 -22.21 -29.09 21.65
N ASN D 149 -22.07 -29.24 20.33
CA ASN D 149 -21.49 -28.20 19.44
C ASN D 149 -22.68 -27.41 18.88
N CYS D 150 -22.88 -26.17 19.29
CA CYS D 150 -23.95 -25.30 18.75
C CYS D 150 -23.37 -24.38 17.67
N ALA D 151 -23.61 -24.68 16.39
CA ALA D 151 -23.01 -23.96 15.25
C ALA D 151 -23.80 -22.68 15.03
N PRO D 152 -23.18 -21.49 14.93
CA PRO D 152 -23.94 -20.24 14.82
C PRO D 152 -24.20 -19.77 13.38
N GLN D 153 -25.49 -19.67 13.05
CA GLN D 153 -26.05 -19.19 11.75
C GLN D 153 -26.83 -17.89 12.03
N PHE D 154 -26.19 -16.76 11.76
CA PHE D 154 -26.75 -15.41 11.99
C PHE D 154 -26.98 -14.68 10.66
N VAL D 155 -25.99 -14.67 9.77
CA VAL D 155 -25.95 -13.67 8.67
C VAL D 155 -27.10 -13.93 7.70
N ASP D 156 -27.53 -12.89 6.98
CA ASP D 156 -28.71 -12.87 6.08
C ASP D 156 -28.38 -13.52 4.73
N PRO D 157 -29.38 -13.73 3.86
CA PRO D 157 -29.15 -14.07 2.47
C PRO D 157 -28.46 -12.90 1.75
N GLN D 158 -27.48 -13.16 0.90
CA GLN D 158 -26.85 -12.14 0.03
C GLN D 158 -27.72 -12.08 -1.23
N MET D 159 -28.84 -11.40 -1.13
CA MET D 159 -29.85 -11.38 -2.22
C MET D 159 -29.69 -10.13 -3.06
N ASP D 160 -29.98 -8.96 -2.50
CA ASP D 160 -29.98 -7.68 -3.26
C ASP D 160 -29.63 -6.54 -2.31
N ARG D 161 -28.46 -5.95 -2.51
CA ARG D 161 -27.95 -4.87 -1.63
C ARG D 161 -28.36 -3.48 -2.13
N SER D 162 -29.19 -3.37 -3.17
CA SER D 162 -29.42 -2.07 -3.89
C SER D 162 -30.31 -1.14 -3.07
N ASN D 163 -31.38 -1.69 -2.47
CA ASN D 163 -32.36 -0.95 -1.63
C ASN D 163 -32.66 -1.81 -0.42
N PRO D 164 -32.70 -1.24 0.82
CA PRO D 164 -33.28 -1.93 1.98
C PRO D 164 -34.69 -2.51 1.81
N ASP D 165 -35.52 -1.90 0.95
CA ASP D 165 -36.93 -2.33 0.66
C ASP D 165 -36.97 -3.75 0.08
N ALA D 166 -35.89 -4.21 -0.55
CA ALA D 166 -35.76 -5.52 -1.23
C ALA D 166 -35.90 -6.67 -0.22
N GLN D 167 -35.57 -6.42 1.05
CA GLN D 167 -35.74 -7.37 2.18
C GLN D 167 -37.20 -7.85 2.28
N GLU D 168 -38.13 -7.20 1.58
CA GLU D 168 -39.54 -7.63 1.35
C GLU D 168 -39.59 -9.05 0.75
N ARG D 169 -38.72 -9.34 -0.23
CA ARG D 169 -38.78 -10.61 -1.02
C ARG D 169 -37.75 -11.63 -0.51
N SER D 170 -37.07 -11.36 0.62
CA SER D 170 -35.91 -12.13 1.15
C SER D 170 -36.34 -13.48 1.71
N PRO D 171 -35.64 -14.59 1.38
CA PRO D 171 -36.02 -15.92 1.85
C PRO D 171 -35.37 -16.25 3.20
N GLY D 172 -34.77 -15.26 3.84
CA GLY D 172 -34.29 -15.39 5.23
C GLY D 172 -35.35 -16.01 6.14
N LEU D 173 -34.92 -16.83 7.09
CA LEU D 173 -35.81 -17.50 8.07
C LEU D 173 -36.81 -16.48 8.64
N ARG D 174 -38.12 -16.77 8.49
CA ARG D 174 -39.20 -15.97 9.13
C ARG D 174 -40.09 -16.85 10.01
N VAL D 175 -40.66 -16.21 11.04
CA VAL D 175 -41.75 -16.80 11.87
C VAL D 175 -42.99 -16.85 10.98
N VAL D 176 -43.56 -18.04 10.78
CA VAL D 176 -44.80 -18.24 9.97
C VAL D 176 -45.97 -18.72 10.86
N GLU D 177 -45.72 -18.96 12.14
CA GLU D 177 -46.79 -19.31 13.10
C GLU D 177 -46.26 -19.12 14.52
N LYS D 178 -47.07 -18.52 15.38
CA LYS D 178 -46.90 -18.53 16.84
C LYS D 178 -48.17 -19.12 17.45
N ASN D 179 -47.99 -20.11 18.32
CA ASN D 179 -49.05 -20.87 19.00
C ASN D 179 -48.61 -20.99 20.46
N GLU D 180 -49.26 -21.83 21.26
CA GLU D 180 -49.03 -21.96 22.73
C GLU D 180 -47.79 -22.83 22.99
N LYS D 181 -47.43 -23.71 22.05
CA LYS D 181 -46.33 -24.71 22.22
C LYS D 181 -45.03 -24.11 21.71
N GLY D 182 -45.08 -23.29 20.65
CA GLY D 182 -43.90 -22.55 20.18
C GLY D 182 -44.14 -21.76 18.90
N ILE D 183 -43.12 -21.73 18.05
CA ILE D 183 -43.17 -21.06 16.73
C ILE D 183 -42.89 -22.06 15.61
N VAL D 184 -43.36 -21.74 14.42
CA VAL D 184 -42.94 -22.40 13.16
C VAL D 184 -42.14 -21.38 12.35
N VAL D 185 -40.96 -21.80 11.88
CA VAL D 185 -40.05 -20.97 11.05
C VAL D 185 -39.95 -21.61 9.67
N ASN D 186 -39.88 -20.75 8.65
CA ASN D 186 -39.76 -21.17 7.24
C ASN D 186 -38.75 -20.26 6.53
N GLY D 187 -37.84 -20.89 5.80
CA GLY D 187 -36.83 -20.25 4.96
C GLY D 187 -35.42 -20.68 5.30
N VAL D 188 -34.48 -19.77 5.14
CA VAL D 188 -33.05 -20.12 5.02
C VAL D 188 -32.25 -19.37 6.10
N LYS D 189 -31.38 -20.08 6.81
CA LYS D 189 -30.15 -19.48 7.38
C LYS D 189 -29.05 -19.67 6.32
N ALA D 190 -28.77 -18.59 5.61
CA ALA D 190 -28.14 -18.58 4.26
C ALA D 190 -26.69 -19.06 4.30
N ILE D 191 -26.04 -18.96 5.48
CA ILE D 191 -24.58 -19.22 5.60
C ILE D 191 -24.21 -19.70 7.01
N GLY D 192 -23.37 -20.72 7.05
CA GLY D 192 -22.86 -21.29 8.31
C GLY D 192 -21.71 -22.22 8.01
N THR D 193 -20.82 -22.37 8.98
CA THR D 193 -19.60 -23.19 8.91
C THR D 193 -19.79 -24.40 9.80
N GLY D 194 -19.47 -25.58 9.28
CA GLY D 194 -19.39 -26.83 10.06
C GLY D 194 -20.72 -27.28 10.64
N VAL D 195 -21.84 -26.84 10.07
CA VAL D 195 -23.19 -27.21 10.60
C VAL D 195 -23.39 -28.72 10.42
N ALA D 196 -22.89 -29.29 9.33
CA ALA D 196 -22.97 -30.75 9.05
C ALA D 196 -22.30 -31.54 10.18
N PHE D 197 -21.42 -30.90 10.97
CA PHE D 197 -20.57 -31.58 11.97
C PHE D 197 -20.97 -31.19 13.39
N ALA D 198 -21.98 -30.33 13.54
CA ALA D 198 -22.44 -29.82 14.85
C ALA D 198 -23.56 -30.70 15.36
N ASP D 199 -23.96 -30.51 16.61
CA ASP D 199 -25.12 -31.16 17.25
C ASP D 199 -26.37 -30.28 17.10
N TRP D 200 -26.26 -28.98 17.38
CA TRP D 200 -27.38 -27.99 17.34
C TRP D 200 -26.96 -26.80 16.47
N ILE D 201 -27.95 -26.18 15.83
CA ILE D 201 -27.86 -24.89 15.10
C ILE D 201 -28.25 -23.79 16.09
N HIS D 202 -27.35 -22.81 16.32
CA HIS D 202 -27.62 -21.55 17.07
C HIS D 202 -28.12 -20.49 16.06
N ILE D 203 -29.39 -20.12 16.09
CA ILE D 203 -30.01 -19.21 15.08
C ILE D 203 -30.00 -17.79 15.62
N GLY D 204 -29.66 -16.81 14.78
CA GLY D 204 -29.76 -15.37 15.13
C GLY D 204 -29.79 -14.47 13.91
N VAL D 205 -29.75 -13.16 14.12
CA VAL D 205 -29.65 -12.16 13.02
C VAL D 205 -28.82 -10.98 13.52
N PHE D 206 -28.23 -10.24 12.60
CA PHE D 206 -27.72 -8.87 12.82
C PHE D 206 -28.70 -7.91 12.16
N PHE D 207 -28.92 -6.76 12.79
CA PHE D 207 -29.66 -5.65 12.17
C PHE D 207 -28.95 -5.27 10.86
N ARG D 208 -29.69 -5.21 9.76
CA ARG D 208 -29.42 -4.35 8.57
C ARG D 208 -30.59 -3.37 8.51
N PRO D 209 -30.46 -2.16 7.92
CA PRO D 209 -31.64 -1.28 7.84
C PRO D 209 -32.76 -2.01 7.05
N GLY D 210 -34.00 -1.93 7.55
CA GLY D 210 -35.20 -2.52 6.93
C GLY D 210 -35.39 -4.00 7.21
N ILE D 211 -34.61 -4.61 8.10
CA ILE D 211 -34.81 -6.06 8.43
C ILE D 211 -36.23 -6.23 8.94
N PRO D 212 -37.07 -7.08 8.32
CA PRO D 212 -38.42 -7.31 8.84
C PRO D 212 -38.43 -8.01 10.21
N GLY D 213 -39.20 -7.46 11.16
CA GLY D 213 -39.46 -8.07 12.47
C GLY D 213 -39.66 -9.58 12.43
N ASP D 214 -40.30 -10.13 11.38
CA ASP D 214 -40.61 -11.59 11.34
C ASP D 214 -39.33 -12.39 11.05
N GLN D 215 -38.22 -11.72 10.73
CA GLN D 215 -36.91 -12.39 10.51
C GLN D 215 -36.05 -12.31 11.78
N VAL D 216 -36.49 -11.55 12.79
CA VAL D 216 -35.72 -11.40 14.04
C VAL D 216 -36.04 -12.60 14.94
N ILE D 217 -35.24 -13.66 14.80
CA ILE D 217 -35.37 -14.98 15.51
C ILE D 217 -34.00 -15.32 16.08
N PHE D 218 -33.89 -15.46 17.40
CA PHE D 218 -32.73 -16.07 18.09
C PHE D 218 -33.23 -17.35 18.76
N ALA D 219 -32.69 -18.50 18.39
CA ALA D 219 -33.20 -19.79 18.86
C ALA D 219 -32.14 -20.87 18.66
N ALA D 220 -32.50 -22.10 19.01
CA ALA D 220 -31.66 -23.30 18.85
C ALA D 220 -32.59 -24.46 18.52
N THR D 221 -32.13 -25.34 17.62
CA THR D 221 -32.80 -26.58 17.21
C THR D 221 -31.69 -27.54 16.82
N PRO D 222 -31.90 -28.86 17.00
CA PRO D 222 -30.96 -29.88 16.53
C PRO D 222 -30.66 -29.81 15.02
N VAL D 223 -29.53 -30.39 14.61
CA VAL D 223 -29.12 -30.47 13.18
C VAL D 223 -30.03 -31.45 12.42
N ASN D 224 -30.56 -32.49 13.09
CA ASN D 224 -31.48 -33.50 12.51
C ASN D 224 -32.94 -33.14 12.79
N THR D 225 -33.24 -31.87 13.12
CA THR D 225 -34.66 -31.44 13.29
C THR D 225 -35.39 -31.76 11.99
N PRO D 226 -36.60 -32.36 12.03
CA PRO D 226 -37.39 -32.56 10.82
C PRO D 226 -37.74 -31.23 10.12
N GLY D 227 -37.48 -31.16 8.80
CA GLY D 227 -37.67 -29.93 7.99
C GLY D 227 -36.36 -29.15 7.82
N VAL D 228 -35.27 -29.57 8.47
CA VAL D 228 -33.91 -29.00 8.26
C VAL D 228 -33.14 -29.82 7.20
N THR D 229 -32.63 -29.15 6.19
CA THR D 229 -31.65 -29.65 5.20
C THR D 229 -30.39 -28.76 5.30
N ILE D 230 -29.23 -29.38 5.42
CA ILE D 230 -27.91 -28.73 5.36
C ILE D 230 -27.45 -28.79 3.89
N VAL D 231 -27.00 -27.70 3.30
CA VAL D 231 -26.55 -27.68 1.87
C VAL D 231 -25.18 -27.01 1.80
N CYS D 232 -24.14 -27.83 1.68
CA CYS D 232 -22.71 -27.42 1.77
C CYS D 232 -22.12 -27.41 0.37
N ARG D 233 -21.17 -26.52 0.14
CA ARG D 233 -20.27 -26.53 -1.04
C ARG D 233 -19.52 -27.87 -1.15
N GLU D 234 -18.84 -28.09 -2.28
CA GLU D 234 -18.11 -29.35 -2.56
C GLU D 234 -16.88 -29.43 -1.64
N SER D 235 -16.56 -30.63 -1.21
CA SER D 235 -15.47 -30.90 -0.24
C SER D 235 -14.15 -30.78 -0.96
N LEU D 236 -13.17 -30.12 -0.35
CA LEU D 236 -11.84 -29.87 -0.94
C LEU D 236 -10.80 -30.79 -0.31
N VAL D 237 -11.21 -31.79 0.48
CA VAL D 237 -10.25 -32.75 1.08
C VAL D 237 -9.44 -33.41 -0.04
N LYS D 238 -8.16 -33.72 0.22
CA LYS D 238 -7.23 -34.31 -0.78
C LYS D 238 -6.96 -35.77 -0.43
N ASP D 239 -6.72 -36.61 -1.43
CA ASP D 239 -6.55 -38.08 -1.29
C ASP D 239 -5.18 -38.39 -0.66
N ASP D 240 -4.11 -37.85 -1.25
CA ASP D 240 -2.70 -38.17 -0.92
C ASP D 240 -2.22 -37.23 0.20
N LYS D 241 -2.16 -37.76 1.42
CA LYS D 241 -1.69 -37.08 2.65
C LYS D 241 -0.18 -36.83 2.59
N VAL D 242 0.60 -37.59 1.81
CA VAL D 242 2.08 -37.36 1.67
C VAL D 242 2.27 -36.01 0.93
N GLU D 243 1.55 -35.82 -0.18
CA GLU D 243 1.60 -34.63 -1.07
C GLU D 243 0.84 -33.43 -0.46
N HIS D 244 -0.30 -33.68 0.20
CA HIS D 244 -1.12 -32.64 0.88
C HIS D 244 -1.26 -32.99 2.36
N PRO D 245 -0.25 -32.73 3.19
CA PRO D 245 -0.28 -33.19 4.57
C PRO D 245 -1.28 -32.37 5.38
N LEU D 246 -1.75 -31.22 4.87
CA LEU D 246 -2.79 -30.45 5.61
C LEU D 246 -4.17 -30.67 4.98
N ALA D 247 -4.33 -30.48 3.67
CA ALA D 247 -5.62 -30.58 2.96
C ALA D 247 -6.14 -32.01 2.94
N ALA D 248 -5.34 -33.01 3.34
CA ALA D 248 -5.81 -34.41 3.40
C ALA D 248 -6.42 -34.66 4.78
N GLN D 249 -6.28 -33.71 5.69
CA GLN D 249 -6.82 -33.80 7.07
C GLN D 249 -8.29 -33.39 7.10
N GLY D 250 -8.81 -32.78 6.04
CA GLY D 250 -10.25 -32.64 5.80
C GLY D 250 -10.66 -31.21 5.55
N ASP D 251 -11.91 -31.01 5.15
CA ASP D 251 -12.46 -29.69 4.70
C ASP D 251 -13.62 -29.26 5.60
N GLU D 252 -13.39 -28.26 6.45
CA GLU D 252 -14.42 -27.54 7.25
C GLU D 252 -15.46 -26.94 6.32
N LEU D 253 -16.49 -27.73 5.97
CA LEU D 253 -17.51 -27.35 4.95
C LEU D 253 -18.26 -26.11 5.41
N ASP D 254 -18.60 -25.22 4.48
CA ASP D 254 -19.51 -24.08 4.69
C ASP D 254 -20.75 -24.29 3.82
N GLY D 255 -21.84 -23.59 4.12
CA GLY D 255 -23.09 -23.80 3.36
C GLY D 255 -24.23 -23.10 4.05
N MET D 256 -25.45 -23.47 3.63
CA MET D 256 -26.73 -22.92 4.09
C MET D 256 -27.60 -24.05 4.65
N THR D 257 -28.58 -23.63 5.45
CA THR D 257 -29.58 -24.48 6.07
C THR D 257 -30.97 -24.01 5.64
N VAL D 258 -31.78 -24.96 5.16
CA VAL D 258 -33.19 -24.79 4.74
C VAL D 258 -34.07 -25.30 5.89
N PHE D 259 -34.96 -24.44 6.37
CA PHE D 259 -36.06 -24.74 7.31
C PHE D 259 -37.38 -24.74 6.52
N GLU D 260 -38.02 -25.90 6.36
CA GLU D 260 -39.41 -26.04 5.82
C GLU D 260 -40.38 -26.27 6.98
N ASN D 261 -41.15 -25.25 7.33
CA ASN D 261 -42.12 -25.25 8.45
C ASN D 261 -41.51 -26.02 9.63
N VAL D 262 -40.37 -25.53 10.14
CA VAL D 262 -39.65 -26.22 11.26
C VAL D 262 -40.20 -25.66 12.57
N PHE D 263 -40.61 -26.58 13.46
CA PHE D 263 -41.20 -26.28 14.78
C PHE D 263 -40.07 -26.15 15.79
N ILE D 264 -40.06 -25.02 16.50
CA ILE D 264 -39.17 -24.73 17.65
C ILE D 264 -40.03 -24.40 18.86
N PRO D 265 -39.87 -25.15 19.97
CA PRO D 265 -40.68 -24.90 21.15
C PRO D 265 -40.20 -23.62 21.82
N TRP D 266 -41.09 -22.96 22.57
CA TRP D 266 -40.80 -21.71 23.31
C TRP D 266 -39.56 -21.93 24.17
N SER D 267 -39.40 -23.14 24.73
CA SER D 267 -38.24 -23.53 25.58
C SER D 267 -36.93 -23.23 24.83
N HIS D 268 -36.91 -23.32 23.50
CA HIS D 268 -35.66 -23.18 22.70
C HIS D 268 -35.69 -21.92 21.84
N VAL D 269 -36.54 -20.97 22.21
CA VAL D 269 -36.65 -19.64 21.57
C VAL D 269 -36.09 -18.62 22.57
N PHE D 270 -35.07 -17.87 22.20
CA PHE D 270 -34.34 -16.94 23.10
C PHE D 270 -34.97 -15.55 22.98
N HIS D 271 -35.38 -15.18 21.76
CA HIS D 271 -35.90 -13.83 21.43
C HIS D 271 -36.58 -13.86 20.06
N ILE D 272 -37.69 -13.12 19.89
CA ILE D 272 -38.29 -12.82 18.56
C ILE D 272 -38.75 -11.36 18.54
N GLY D 273 -38.81 -10.77 17.34
CA GLY D 273 -39.78 -9.70 17.02
C GLY D 273 -39.18 -8.30 16.96
N ASN D 274 -38.04 -8.03 17.61
CA ASN D 274 -37.58 -6.66 17.95
C ASN D 274 -36.30 -6.32 17.18
N PRO D 275 -36.39 -5.66 15.99
CA PRO D 275 -35.20 -5.21 15.27
C PRO D 275 -34.26 -4.33 16.12
N ASN D 276 -34.80 -3.53 17.04
CA ASN D 276 -34.02 -2.64 17.94
C ASN D 276 -33.12 -3.49 18.85
N HIS D 277 -33.60 -4.64 19.30
CA HIS D 277 -32.79 -5.56 20.14
C HIS D 277 -31.63 -6.09 19.31
N ALA D 278 -31.87 -6.34 18.03
CA ALA D 278 -30.88 -6.95 17.12
C ALA D 278 -29.75 -5.98 16.76
N LYS D 279 -29.79 -4.71 17.17
CA LYS D 279 -28.70 -3.73 16.86
C LYS D 279 -27.46 -4.03 17.72
N LEU D 280 -27.57 -3.97 19.05
CA LEU D 280 -26.40 -4.07 19.95
C LEU D 280 -26.14 -5.52 20.38
N TYR D 281 -27.19 -6.25 20.79
CA TYR D 281 -27.00 -7.53 21.51
C TYR D 281 -26.35 -8.58 20.62
N PRO D 282 -26.68 -8.73 19.31
CA PRO D 282 -26.03 -9.72 18.46
C PRO D 282 -24.52 -9.48 18.35
N GLN D 283 -24.10 -8.20 18.27
CA GLN D 283 -22.66 -7.83 18.27
C GLN D 283 -22.01 -8.31 19.58
N ARG D 284 -22.70 -8.21 20.72
CA ARG D 284 -22.16 -8.71 22.03
C ARG D 284 -22.00 -10.24 21.98
N VAL D 285 -22.90 -10.92 21.27
CA VAL D 285 -22.82 -12.39 21.09
C VAL D 285 -21.53 -12.68 20.33
N PHE D 286 -21.32 -11.99 19.20
CA PHE D 286 -20.21 -12.31 18.27
C PHE D 286 -18.88 -11.70 18.77
N ASP D 287 -18.87 -10.84 19.78
CA ASP D 287 -17.63 -10.28 20.37
C ASP D 287 -16.63 -11.43 20.66
N TRP D 288 -17.07 -12.48 21.36
CA TRP D 288 -16.18 -13.56 21.85
C TRP D 288 -15.46 -14.24 20.67
N LEU D 289 -16.08 -14.28 19.51
CA LEU D 289 -15.55 -14.91 18.28
C LEU D 289 -14.61 -13.94 17.54
N HIS D 290 -14.74 -12.64 17.80
CA HIS D 290 -13.84 -11.60 17.25
C HIS D 290 -12.54 -11.62 18.06
N TYR D 291 -12.64 -11.70 19.40
CA TYR D 291 -11.47 -11.96 20.30
C TYR D 291 -10.78 -13.25 19.84
N HIS D 292 -11.47 -14.40 19.83
CA HIS D 292 -10.86 -15.69 19.39
C HIS D 292 -10.13 -15.48 18.05
N ALA D 293 -10.71 -14.74 17.11
CA ALA D 293 -10.17 -14.52 15.76
C ALA D 293 -8.80 -13.86 15.85
N LEU D 294 -8.57 -13.05 16.89
CA LEU D 294 -7.26 -12.39 17.13
C LEU D 294 -6.25 -13.46 17.57
N ILE D 295 -6.65 -14.42 18.40
CA ILE D 295 -5.72 -15.50 18.85
C ILE D 295 -5.27 -16.26 17.60
N ARG D 296 -6.21 -16.60 16.71
CA ARG D 296 -5.96 -17.31 15.42
C ARG D 296 -5.03 -16.50 14.53
N GLN D 297 -5.23 -15.18 14.48
CA GLN D 297 -4.43 -14.24 13.65
C GLN D 297 -2.99 -14.23 14.13
N MET D 298 -2.77 -14.24 15.42
CA MET D 298 -1.38 -14.33 15.95
C MET D 298 -0.77 -15.69 15.56
N VAL D 299 -1.48 -16.80 15.73
CA VAL D 299 -0.89 -18.14 15.48
C VAL D 299 -0.61 -18.26 13.98
N ARG D 300 -1.54 -17.81 13.13
CA ARG D 300 -1.38 -17.76 11.66
C ARG D 300 -0.22 -16.85 11.24
N ALA D 301 -0.10 -15.64 11.80
CA ALA D 301 1.06 -14.76 11.49
C ALA D 301 2.37 -15.44 11.93
N GLU D 302 2.37 -16.12 13.07
CA GLU D 302 3.52 -16.90 13.60
C GLU D 302 3.94 -17.97 12.58
N LEU D 303 2.96 -18.69 12.02
CA LEU D 303 3.15 -19.75 11.01
C LEU D 303 3.76 -19.20 9.71
N VAL D 304 3.15 -18.15 9.13
CA VAL D 304 3.69 -17.46 7.92
C VAL D 304 5.15 -17.04 8.21
N ALA D 305 5.40 -16.25 9.25
CA ALA D 305 6.76 -15.73 9.49
C ALA D 305 7.73 -16.90 9.68
N GLY D 306 7.32 -17.94 10.38
CA GLY D 306 8.12 -19.17 10.51
C GLY D 306 8.40 -19.76 9.14
N LEU D 307 7.38 -19.90 8.27
CA LEU D 307 7.58 -20.54 6.95
C LEU D 307 8.57 -19.67 6.16
N ALA D 308 8.54 -18.35 6.33
CA ALA D 308 9.43 -17.43 5.62
C ALA D 308 10.87 -17.63 6.10
N VAL D 309 11.07 -17.78 7.41
CA VAL D 309 12.42 -18.07 7.96
C VAL D 309 12.90 -19.41 7.37
N LEU D 310 12.09 -20.48 7.53
CA LEU D 310 12.45 -21.85 7.12
C LEU D 310 12.84 -21.88 5.64
N ILE D 311 12.08 -21.22 4.76
CA ILE D 311 12.30 -21.40 3.30
C ILE D 311 13.55 -20.59 2.86
N THR D 312 13.67 -19.31 3.28
CA THR D 312 14.82 -18.44 2.91
C THR D 312 16.13 -19.05 3.44
N GLU D 313 16.07 -19.68 4.62
CA GLU D 313 17.22 -20.43 5.18
C GLU D 313 17.60 -21.57 4.23
N HIS D 314 16.63 -22.35 3.75
CA HIS D 314 16.85 -23.58 2.95
C HIS D 314 17.38 -23.28 1.54
N ILE D 315 16.80 -22.32 0.80
CA ILE D 315 17.30 -21.91 -0.54
C ILE D 315 18.54 -21.05 -0.36
N GLY D 316 18.78 -20.51 0.83
CA GLY D 316 19.98 -19.72 1.14
C GLY D 316 19.86 -18.25 0.79
N THR D 317 18.69 -17.62 0.93
CA THR D 317 18.52 -16.16 0.68
C THR D 317 18.52 -15.40 2.00
N ASN D 318 18.56 -16.09 3.12
CA ASN D 318 18.19 -15.55 4.45
C ASN D 318 19.20 -14.46 4.92
N LYS D 319 20.47 -14.48 4.47
CA LYS D 319 21.46 -13.41 4.81
C LYS D 319 21.53 -12.30 3.74
N ILE D 320 20.85 -12.47 2.59
CA ILE D 320 20.76 -11.38 1.57
C ILE D 320 20.03 -10.20 2.19
N PRO D 321 20.72 -9.07 2.45
CA PRO D 321 20.13 -7.93 3.17
C PRO D 321 18.68 -7.60 2.76
N ALA D 322 18.40 -7.56 1.45
CA ALA D 322 17.10 -7.16 0.87
C ALA D 322 16.00 -8.14 1.27
N VAL D 323 16.32 -9.45 1.32
CA VAL D 323 15.43 -10.55 1.77
C VAL D 323 15.24 -10.44 3.29
N GLN D 324 16.31 -10.10 4.02
CA GLN D 324 16.31 -9.95 5.49
C GLN D 324 15.18 -8.97 5.89
N THR D 325 15.09 -7.79 5.25
CA THR D 325 14.11 -6.74 5.62
C THR D 325 12.70 -7.17 5.19
N ARG D 326 12.57 -8.00 4.16
CA ARG D 326 11.26 -8.53 3.75
C ARG D 326 10.77 -9.53 4.81
N VAL D 327 11.66 -10.35 5.40
CA VAL D 327 11.26 -11.32 6.47
C VAL D 327 10.91 -10.56 7.75
N ALA D 328 11.59 -9.44 8.02
CA ALA D 328 11.22 -8.50 9.12
C ALA D 328 9.75 -8.04 8.98
N LYS D 329 9.27 -7.78 7.78
CA LYS D 329 7.84 -7.47 7.50
C LYS D 329 6.94 -8.58 8.08
N LEU D 330 7.25 -9.83 7.76
CA LEU D 330 6.39 -10.97 8.15
C LEU D 330 6.45 -11.13 9.67
N ILE D 331 7.63 -10.95 10.26
CA ILE D 331 7.83 -11.04 11.73
C ILE D 331 7.11 -9.88 12.42
N GLY D 332 7.20 -8.68 11.88
CA GLY D 332 6.56 -7.48 12.47
C GLY D 332 5.04 -7.65 12.55
N PHE D 333 4.45 -8.31 11.56
CA PHE D 333 3.00 -8.61 11.50
C PHE D 333 2.64 -9.52 12.69
N HIS D 334 3.36 -10.63 12.81
CA HIS D 334 3.20 -11.53 13.98
C HIS D 334 3.31 -10.68 15.24
N GLN D 335 4.35 -9.85 15.35
CA GLN D 335 4.55 -9.03 16.56
C GLN D 335 3.30 -8.16 16.77
N ALA D 336 2.75 -7.59 15.70
CA ALA D 336 1.58 -6.68 15.76
C ALA D 336 0.38 -7.47 16.28
N MET D 337 0.16 -8.68 15.76
CA MET D 337 -0.98 -9.52 16.22
C MET D 337 -0.77 -9.86 17.69
N LEU D 338 0.44 -10.24 18.07
CA LEU D 338 0.75 -10.47 19.50
C LEU D 338 0.36 -9.23 20.32
N ALA D 339 0.89 -8.07 19.94
CA ALA D 339 0.71 -6.79 20.66
C ALA D 339 -0.79 -6.53 20.89
N HIS D 340 -1.62 -6.71 19.86
CA HIS D 340 -3.08 -6.48 19.93
C HIS D 340 -3.70 -7.46 20.93
N LEU D 341 -3.33 -8.75 20.85
CA LEU D 341 -3.94 -9.79 21.72
C LEU D 341 -3.67 -9.44 23.18
N ILE D 342 -2.41 -9.15 23.48
CA ILE D 342 -1.97 -8.88 24.88
C ILE D 342 -2.54 -7.54 25.37
N ALA D 343 -2.54 -6.49 24.55
CA ALA D 343 -3.14 -5.19 24.95
C ALA D 343 -4.65 -5.36 25.22
N SER D 344 -5.36 -6.14 24.41
CA SER D 344 -6.84 -6.26 24.55
C SER D 344 -7.15 -6.92 25.91
N GLU D 345 -6.34 -7.89 26.32
CA GLU D 345 -6.48 -8.57 27.62
C GLU D 345 -6.18 -7.56 28.74
N GLU D 346 -5.08 -6.80 28.63
CA GLU D 346 -4.67 -5.88 29.72
C GLU D 346 -5.77 -4.83 29.94
N LEU D 347 -6.44 -4.36 28.87
CA LEU D 347 -7.36 -3.18 28.91
C LEU D 347 -8.82 -3.62 28.84
N GLY D 348 -9.16 -4.76 29.45
CA GLY D 348 -10.53 -5.30 29.48
C GLY D 348 -11.38 -4.69 30.59
N PHE D 349 -12.67 -5.01 30.57
CA PHE D 349 -13.70 -4.46 31.50
C PHE D 349 -14.64 -5.59 31.90
N HIS D 350 -15.39 -5.38 32.98
CA HIS D 350 -16.42 -6.31 33.49
C HIS D 350 -17.75 -5.99 32.80
N THR D 351 -18.44 -7.04 32.31
CA THR D 351 -19.81 -7.04 31.75
C THR D 351 -20.84 -6.96 32.89
N PRO D 352 -22.14 -6.75 32.57
CA PRO D 352 -23.17 -6.62 33.60
C PRO D 352 -23.26 -7.86 34.51
N GLY D 353 -23.03 -9.04 33.93
CA GLY D 353 -23.07 -10.33 34.63
C GLY D 353 -21.77 -10.65 35.34
N GLY D 354 -20.74 -9.81 35.19
CA GLY D 354 -19.48 -9.92 35.94
C GLY D 354 -18.38 -10.68 35.20
N HIS D 355 -18.62 -11.09 33.94
CA HIS D 355 -17.59 -11.70 33.05
C HIS D 355 -16.60 -10.61 32.64
N TYR D 356 -15.31 -10.96 32.54
CA TYR D 356 -14.22 -10.06 32.06
C TYR D 356 -14.16 -10.18 30.53
N LYS D 357 -14.37 -9.06 29.82
CA LYS D 357 -14.25 -9.02 28.34
C LYS D 357 -13.00 -8.23 27.96
N PRO D 358 -12.20 -8.69 26.97
CA PRO D 358 -11.06 -7.92 26.48
C PRO D 358 -11.48 -6.68 25.66
N ASN D 359 -10.55 -5.77 25.45
CA ASN D 359 -10.86 -4.42 24.95
C ASN D 359 -11.39 -4.53 23.52
N ILE D 360 -12.58 -4.00 23.29
CA ILE D 360 -13.33 -4.16 22.01
C ILE D 360 -12.55 -3.42 20.92
N LEU D 361 -12.19 -2.17 21.18
CA LEU D 361 -11.50 -1.33 20.17
C LEU D 361 -10.25 -2.06 19.70
N ILE D 362 -9.52 -2.74 20.58
CA ILE D 362 -8.20 -3.30 20.22
C ILE D 362 -8.38 -4.63 19.47
N TYR D 363 -9.22 -5.56 19.92
CA TYR D 363 -9.37 -6.82 19.14
C TYR D 363 -9.98 -6.46 17.77
N ASP D 364 -10.96 -5.58 17.70
CA ASP D 364 -11.64 -5.35 16.39
C ASP D 364 -10.72 -4.58 15.44
N PHE D 365 -9.91 -3.61 15.90
CA PHE D 365 -8.97 -2.86 15.01
C PHE D 365 -7.78 -3.76 14.63
N GLY D 366 -7.31 -4.61 15.53
CA GLY D 366 -6.36 -5.70 15.21
C GLY D 366 -6.85 -6.63 14.12
N ARG D 367 -8.15 -6.94 14.09
CA ARG D 367 -8.79 -7.75 13.01
C ARG D 367 -8.77 -6.99 11.69
N ALA D 368 -9.11 -5.72 11.75
CA ALA D 368 -9.12 -4.81 10.58
C ALA D 368 -7.70 -4.79 10.01
N LEU D 369 -6.70 -4.65 10.88
CA LEU D 369 -5.26 -4.57 10.54
C LEU D 369 -4.83 -5.86 9.81
N TYR D 370 -5.35 -7.01 10.22
CA TYR D 370 -5.03 -8.34 9.63
C TYR D 370 -5.68 -8.47 8.25
N LEU D 371 -6.93 -8.05 8.08
CA LEU D 371 -7.63 -8.18 6.79
C LEU D 371 -6.97 -7.24 5.78
N GLU D 372 -6.58 -6.04 6.21
CA GLU D 372 -5.86 -5.07 5.35
C GLU D 372 -4.54 -5.64 4.82
N ASN D 373 -3.80 -6.44 5.60
CA ASN D 373 -2.36 -6.78 5.34
C ASN D 373 -2.18 -8.23 4.88
N PHE D 374 -3.13 -9.12 5.20
CA PHE D 374 -3.03 -10.60 5.05
C PHE D 374 -2.64 -11.00 3.62
N SER D 375 -3.37 -10.51 2.62
CA SER D 375 -3.14 -10.80 1.17
C SER D 375 -1.67 -10.48 0.82
N GLN D 376 -1.18 -9.33 1.26
CA GLN D 376 0.19 -8.89 0.97
C GLN D 376 1.19 -9.78 1.72
N MET D 377 0.86 -10.22 2.94
CA MET D 377 1.79 -11.06 3.75
C MET D 377 1.93 -12.42 3.05
N ILE D 378 0.88 -12.95 2.45
CA ILE D 378 0.90 -14.28 1.77
C ILE D 378 1.68 -14.15 0.44
N TYR D 379 1.44 -13.06 -0.29
CA TYR D 379 2.25 -12.69 -1.47
C TYR D 379 3.73 -12.72 -1.07
N GLU D 380 4.11 -11.98 -0.03
CA GLU D 380 5.54 -11.92 0.44
C GLU D 380 6.08 -13.34 0.71
N LEU D 381 5.36 -14.18 1.46
CA LEU D 381 5.86 -15.56 1.76
C LEU D 381 6.07 -16.33 0.45
N VAL D 382 5.05 -16.28 -0.41
CA VAL D 382 5.07 -17.02 -1.69
C VAL D 382 6.17 -16.44 -2.58
N ASP D 383 6.32 -15.12 -2.58
CA ASP D 383 7.29 -14.43 -3.47
C ASP D 383 8.72 -14.75 -3.02
N LEU D 384 8.90 -14.86 -1.70
CA LEU D 384 10.22 -15.17 -1.04
C LEU D 384 10.67 -16.61 -1.32
N SER D 385 9.73 -17.54 -1.46
CA SER D 385 9.99 -18.98 -1.70
C SER D 385 10.67 -19.18 -3.04
N GLY D 386 10.40 -18.28 -3.99
CA GLY D 386 10.63 -18.53 -5.42
C GLY D 386 9.76 -19.67 -5.88
N ARG D 387 10.31 -20.56 -6.71
CA ARG D 387 9.57 -21.68 -7.33
C ARG D 387 9.36 -22.80 -6.33
N SER D 388 10.09 -22.82 -5.20
CA SER D 388 10.05 -23.87 -4.16
C SER D 388 8.64 -23.98 -3.55
N ALA D 389 7.80 -22.96 -3.80
CA ALA D 389 6.43 -22.87 -3.26
C ALA D 389 5.49 -23.82 -4.01
N LEU D 390 5.81 -24.19 -5.26
CA LEU D 390 4.90 -24.95 -6.16
C LEU D 390 5.61 -26.03 -6.97
N ILE D 391 6.75 -25.72 -7.59
CA ILE D 391 7.48 -26.64 -8.51
C ILE D 391 8.49 -27.44 -7.66
N PHE D 392 8.06 -28.58 -7.11
CA PHE D 392 8.92 -29.45 -6.30
C PHE D 392 8.58 -30.90 -6.66
N ALA D 393 9.45 -31.85 -6.29
CA ALA D 393 9.23 -33.27 -6.63
C ALA D 393 7.97 -33.74 -5.91
N SER D 394 7.14 -34.55 -6.58
CA SER D 394 6.21 -35.47 -5.89
C SER D 394 7.07 -36.54 -5.22
N GLU D 395 6.57 -37.28 -4.24
CA GLU D 395 7.39 -38.20 -3.39
C GLU D 395 7.98 -39.34 -4.24
N ASP D 396 7.24 -39.83 -5.25
CA ASP D 396 7.73 -40.94 -6.10
C ASP D 396 8.80 -40.41 -7.09
N GLN D 397 8.76 -39.13 -7.44
CA GLN D 397 9.82 -38.51 -8.28
C GLN D 397 11.09 -38.43 -7.45
N TRP D 398 10.94 -38.03 -6.19
CA TRP D 398 12.09 -37.88 -5.27
C TRP D 398 12.83 -39.22 -5.14
N ASN D 399 12.09 -40.32 -5.00
CA ASN D 399 12.61 -41.64 -4.55
C ASN D 399 12.99 -42.49 -5.76
N ASP D 400 12.75 -42.01 -6.98
CA ASP D 400 13.16 -42.69 -8.24
C ASP D 400 14.69 -42.82 -8.32
N ASP D 401 15.17 -44.02 -8.69
CA ASP D 401 16.61 -44.36 -8.89
C ASP D 401 17.32 -43.24 -9.67
N LYS D 402 16.66 -42.71 -10.72
CA LYS D 402 17.27 -41.82 -11.75
C LYS D 402 17.16 -40.34 -11.33
N LEU D 403 16.05 -39.91 -10.71
CA LEU D 403 15.78 -38.47 -10.42
C LEU D 403 16.26 -38.07 -9.02
N ASN D 404 16.38 -39.02 -8.09
CA ASN D 404 16.80 -38.74 -6.70
C ASN D 404 18.09 -37.89 -6.66
N GLY D 405 19.12 -38.31 -7.37
CA GLY D 405 20.45 -37.66 -7.36
C GLY D 405 20.36 -36.22 -7.81
N TRP D 406 19.51 -35.95 -8.81
CA TRP D 406 19.30 -34.59 -9.36
C TRP D 406 18.53 -33.79 -8.32
N PHE D 407 17.44 -34.35 -7.81
CA PHE D 407 16.58 -33.68 -6.79
C PHE D 407 17.40 -33.36 -5.55
N GLU D 408 18.15 -34.33 -5.01
CA GLU D 408 19.01 -34.10 -3.81
C GLU D 408 20.00 -32.94 -4.09
N ARG D 409 20.70 -32.94 -5.21
CA ARG D 409 21.63 -31.84 -5.57
C ARG D 409 20.88 -30.51 -5.73
N MET D 410 19.68 -30.53 -6.30
CA MET D 410 18.92 -29.29 -6.62
C MET D 410 18.37 -28.64 -5.34
N ASN D 411 18.30 -29.40 -4.25
CA ASN D 411 17.68 -28.91 -2.99
C ASN D 411 18.76 -28.75 -1.92
N ASN D 412 20.04 -28.83 -2.31
CA ASN D 412 21.20 -28.91 -1.39
C ASN D 412 21.67 -27.48 -1.09
N GLY D 413 20.93 -26.77 -0.25
CA GLY D 413 21.25 -25.40 0.19
C GLY D 413 22.13 -25.39 1.43
N PRO D 414 22.33 -24.22 2.08
CA PRO D 414 23.26 -24.11 3.20
C PRO D 414 22.92 -24.92 4.45
N VAL D 415 21.68 -25.40 4.59
CA VAL D 415 21.25 -26.18 5.79
C VAL D 415 21.00 -27.66 5.40
N GLY D 416 21.77 -28.19 4.44
CA GLY D 416 21.65 -29.56 3.92
C GLY D 416 20.20 -30.02 3.77
N ARG D 417 19.84 -31.11 4.45
CA ARG D 417 18.49 -31.73 4.52
C ARG D 417 17.70 -31.43 3.25
N PRO D 418 18.13 -31.95 2.07
CA PRO D 418 17.48 -31.59 0.81
C PRO D 418 15.95 -31.79 0.78
N HIS D 419 15.45 -32.91 1.32
CA HIS D 419 14.02 -33.28 1.25
C HIS D 419 13.18 -32.31 2.11
N ASP D 420 13.77 -31.62 3.08
CA ASP D 420 13.03 -30.65 3.93
C ASP D 420 12.44 -29.51 3.06
N ARG D 421 13.05 -29.13 1.94
CA ARG D 421 12.51 -27.99 1.13
C ARG D 421 11.17 -28.41 0.51
N VAL D 422 11.06 -29.67 0.10
CA VAL D 422 9.79 -30.26 -0.38
C VAL D 422 8.80 -30.22 0.78
N LYS D 423 9.25 -30.51 2.00
CA LYS D 423 8.35 -30.54 3.17
C LYS D 423 7.81 -29.12 3.38
N ILE D 424 8.63 -28.08 3.20
CA ILE D 424 8.20 -26.69 3.47
C ILE D 424 7.24 -26.27 2.36
N GLY D 425 7.58 -26.59 1.10
CA GLY D 425 6.76 -26.37 -0.09
C GLY D 425 5.37 -26.94 0.06
N ARG D 426 5.27 -28.19 0.54
CA ARG D 426 3.99 -28.91 0.72
C ARG D 426 3.07 -28.06 1.60
N VAL D 427 3.63 -27.47 2.64
CA VAL D 427 2.86 -26.70 3.66
C VAL D 427 2.51 -25.37 2.99
N ILE D 428 3.47 -24.75 2.32
CA ILE D 428 3.25 -23.43 1.65
C ILE D 428 2.18 -23.63 0.55
N ARG D 429 2.33 -24.67 -0.26
CA ARG D 429 1.36 -24.99 -1.32
C ARG D 429 -0.03 -25.18 -0.71
N ASP D 430 -0.17 -26.05 0.28
CA ASP D 430 -1.49 -26.37 0.88
C ASP D 430 -2.15 -25.13 1.44
N LEU D 431 -1.44 -24.31 2.19
CA LEU D 431 -2.02 -23.14 2.89
C LEU D 431 -2.48 -22.07 1.90
N PHE D 432 -1.75 -21.86 0.81
CA PHE D 432 -1.88 -20.64 -0.02
C PHE D 432 -2.03 -20.95 -1.50
N LEU D 433 -1.93 -22.20 -1.95
CA LEU D 433 -1.96 -22.49 -3.41
C LEU D 433 -2.90 -23.66 -3.79
N THR D 434 -3.82 -24.05 -2.91
CA THR D 434 -4.86 -25.08 -3.16
C THR D 434 -6.23 -24.48 -2.92
N ASP D 435 -7.29 -25.20 -3.29
CA ASP D 435 -8.69 -24.77 -3.07
C ASP D 435 -8.95 -24.79 -1.56
N TRP D 436 -8.47 -25.83 -0.90
CA TRP D 436 -8.56 -26.02 0.57
C TRP D 436 -7.96 -24.81 1.27
N GLY D 437 -6.80 -24.32 0.80
CA GLY D 437 -6.15 -23.12 1.35
C GLY D 437 -6.93 -21.86 1.04
N SER D 438 -7.40 -21.73 -0.20
CA SER D 438 -8.14 -20.54 -0.64
C SER D 438 -9.41 -20.36 0.20
N ARG D 439 -10.05 -21.46 0.59
CA ARG D 439 -11.29 -21.42 1.40
C ARG D 439 -11.02 -20.79 2.77
N LEU D 440 -9.88 -21.09 3.39
CA LEU D 440 -9.47 -20.54 4.71
C LEU D 440 -9.34 -19.00 4.62
N PHE D 441 -8.59 -18.52 3.62
CA PHE D 441 -8.45 -17.07 3.32
C PHE D 441 -9.85 -16.46 3.19
N VAL D 442 -10.74 -17.10 2.44
CA VAL D 442 -12.11 -16.58 2.16
C VAL D 442 -12.91 -16.57 3.47
N PHE D 443 -12.80 -17.65 4.23
CA PHE D 443 -13.30 -17.73 5.60
C PHE D 443 -12.73 -16.55 6.38
N GLU D 444 -11.41 -16.39 6.50
CA GLU D 444 -10.89 -15.32 7.39
C GLU D 444 -11.41 -13.96 6.90
N ASN D 445 -11.43 -13.75 5.61
CA ASN D 445 -11.85 -12.45 5.03
C ASN D 445 -13.33 -12.10 5.36
N PHE D 446 -14.29 -13.05 5.46
CA PHE D 446 -15.74 -12.72 5.51
C PHE D 446 -16.43 -13.15 6.82
N ASN D 447 -15.91 -14.15 7.52
CA ASN D 447 -16.67 -14.83 8.60
C ASN D 447 -17.06 -13.82 9.68
N GLY D 448 -16.14 -12.92 10.06
CA GLY D 448 -16.36 -11.85 11.07
C GLY D 448 -16.69 -10.52 10.40
N THR D 449 -17.36 -10.55 9.24
CA THR D 449 -17.56 -9.43 8.28
C THR D 449 -16.22 -8.99 7.68
N PRO D 450 -16.24 -8.44 6.45
CA PRO D 450 -15.02 -7.94 5.82
C PRO D 450 -14.59 -6.55 6.31
N LEU D 451 -13.41 -6.15 5.85
CA LEU D 451 -12.63 -4.98 6.32
C LEU D 451 -13.53 -3.75 6.45
N GLN D 452 -14.22 -3.38 5.37
CA GLN D 452 -15.04 -2.16 5.30
C GLN D 452 -16.21 -2.30 6.29
N GLY D 453 -16.78 -3.50 6.40
CA GLY D 453 -17.78 -3.83 7.44
C GLY D 453 -17.21 -3.72 8.83
N ILE D 454 -16.02 -4.27 9.11
CA ILE D 454 -15.46 -4.20 10.49
C ILE D 454 -15.35 -2.72 10.85
N ARG D 455 -14.73 -1.92 9.99
CA ARG D 455 -14.47 -0.48 10.21
C ARG D 455 -15.79 0.26 10.41
N MET D 456 -16.80 -0.02 9.57
CA MET D 456 -18.11 0.69 9.57
C MET D 456 -18.82 0.40 10.88
N LEU D 457 -18.79 -0.86 11.33
CA LEU D 457 -19.50 -1.34 12.55
C LEU D 457 -18.78 -0.83 13.80
N THR D 458 -17.45 -0.86 13.83
CA THR D 458 -16.70 -0.38 15.01
C THR D 458 -16.99 1.12 15.22
N MET D 459 -17.13 1.91 14.15
CA MET D 459 -17.36 3.39 14.25
C MET D 459 -18.80 3.66 14.71
N GLN D 460 -19.78 2.93 14.17
CA GLN D 460 -21.23 3.05 14.52
C GLN D 460 -21.44 2.72 16.01
N ARG D 461 -20.68 1.75 16.56
CA ARG D 461 -20.94 1.18 17.90
C ARG D 461 -20.21 2.00 18.97
N ALA D 462 -19.04 2.55 18.65
CA ALA D 462 -18.24 3.41 19.55
C ALA D 462 -18.66 4.89 19.47
N GLU D 463 -19.34 5.33 18.40
CA GLU D 463 -19.82 6.73 18.22
C GLU D 463 -18.79 7.76 18.74
N PHE D 464 -17.61 7.86 18.10
CA PHE D 464 -16.49 8.76 18.48
C PHE D 464 -16.82 10.18 18.03
N SER D 465 -17.08 11.09 18.97
CA SER D 465 -17.45 12.49 18.65
C SER D 465 -16.27 13.41 18.97
N GLY D 466 -16.25 14.58 18.34
CA GLY D 466 -15.28 15.65 18.60
C GLY D 466 -15.30 16.11 20.05
N SER D 467 -16.41 15.90 20.80
CA SER D 467 -16.54 16.30 22.24
C SER D 467 -16.34 15.10 23.18
N GLY D 468 -16.09 13.89 22.67
CA GLY D 468 -15.77 12.68 23.46
C GLY D 468 -14.27 12.61 23.78
N PRO D 469 -13.83 11.60 24.55
CA PRO D 469 -12.39 11.38 24.80
C PRO D 469 -11.45 11.45 23.58
N TYR D 470 -11.88 11.01 22.40
CA TYR D 470 -10.99 10.88 21.20
C TYR D 470 -10.66 12.23 20.56
N GLY D 471 -11.30 13.32 21.00
CA GLY D 471 -11.03 14.67 20.48
C GLY D 471 -10.43 15.55 21.54
N LYS D 472 -10.03 14.99 22.69
CA LYS D 472 -9.64 15.75 23.90
C LYS D 472 -8.32 16.47 23.63
N LEU D 473 -7.31 15.74 23.13
CA LEU D 473 -5.98 16.28 22.82
C LEU D 473 -6.07 17.29 21.68
N ALA D 474 -6.85 17.02 20.64
CA ALA D 474 -6.87 17.84 19.40
C ALA D 474 -7.52 19.18 19.74
N ARG D 475 -8.66 19.15 20.43
CA ARG D 475 -9.36 20.33 21.00
C ARG D 475 -8.37 21.20 21.78
N GLN D 476 -7.63 20.60 22.70
CA GLN D 476 -6.61 21.30 23.54
C GLN D 476 -5.59 22.01 22.62
N VAL D 477 -4.99 21.29 21.67
CA VAL D 477 -3.98 21.80 20.70
C VAL D 477 -4.59 22.91 19.82
N CYS D 478 -5.85 22.78 19.37
CA CYS D 478 -6.55 23.75 18.49
C CYS D 478 -7.16 24.91 19.31
N GLY D 479 -7.20 24.79 20.64
CA GLY D 479 -7.88 25.78 21.50
C GLY D 479 -9.39 25.80 21.28
N ILE D 480 -10.00 24.65 21.05
CA ILE D 480 -11.49 24.50 20.92
C ILE D 480 -12.09 24.12 22.28
N ASP D 481 -13.26 24.66 22.59
CA ASP D 481 -13.96 24.50 23.89
C ASP D 481 -14.40 23.05 24.10
N SER D 482 -14.50 22.62 25.38
CA SER D 482 -14.99 21.28 25.82
C SER D 482 -16.10 21.41 26.88
PA FDA E . -14.83 18.28 0.09
O1A FDA E . -15.70 18.04 -1.08
O2A FDA E . -15.56 18.72 1.36
O5B FDA E . -13.99 16.96 0.40
C5B FDA E . -13.69 16.54 1.69
C4B FDA E . -12.98 15.19 1.80
O4B FDA E . -14.06 14.27 2.13
C3B FDA E . -12.39 14.64 0.57
O3B FDA E . -11.46 13.61 0.94
C2B FDA E . -13.54 14.05 -0.13
O2B FDA E . -13.07 13.00 -0.99
C1B FDA E . -14.31 13.45 1.03
N9A FDA E . -15.73 13.39 0.60
C8A FDA E . -16.50 14.48 0.49
N7A FDA E . -17.71 14.16 0.04
C5A FDA E . -17.65 12.79 -0.14
C6A FDA E . -18.61 11.84 -0.61
N6A FDA E . -19.84 12.21 -0.95
N1A FDA E . -18.28 10.52 -0.68
C2A FDA E . -17.02 10.21 -0.31
N3A FDA E . -16.06 11.01 0.16
C4A FDA E . -16.38 12.33 0.24
N1 FDA E . -11.54 25.12 -7.76
C2 FDA E . -11.76 25.90 -8.88
O2 FDA E . -12.87 25.95 -9.43
N3 FDA E . -10.76 26.62 -9.49
C4 FDA E . -9.57 26.58 -8.89
O4 FDA E . -8.66 27.20 -9.45
C4X FDA E . -9.32 25.83 -7.73
N5 FDA E . -8.08 25.86 -7.22
C5X FDA E . -7.86 25.19 -6.06
C6 FDA E . -6.60 25.23 -5.47
C7 FDA E . -6.34 24.52 -4.29
C7M FDA E . -4.96 24.59 -3.67
C8 FDA E . -7.34 23.80 -3.68
C8M FDA E . -7.08 23.06 -2.42
C9 FDA E . -8.60 23.76 -4.25
C9A FDA E . -8.89 24.44 -5.45
N10 FDA E . -10.12 24.41 -6.05
C10 FDA E . -10.34 25.10 -7.16
C1' FDA E . -11.21 23.64 -5.43
C2' FDA E . -10.94 22.08 -5.48
O2' FDA E . -11.47 21.45 -6.66
C3' FDA E . -11.64 21.46 -4.27
O3' FDA E . -10.94 21.71 -3.10
C4' FDA E . -11.80 19.93 -4.43
O4' FDA E . -12.76 19.71 -5.47
C5' FDA E . -12.25 19.28 -3.15
O5' FDA E . -13.40 19.99 -2.67
P FDA E . -13.51 20.39 -1.15
O1P FDA E . -12.32 21.24 -0.76
O2P FDA E . -14.84 21.14 -0.95
O3P FDA E . -13.66 19.08 -0.32
C1 NPO F . -15.24 19.09 -9.95
C2 NPO F . -15.07 18.21 -11.02
C3 NPO F . -13.88 18.26 -11.73
C4 NPO F . -12.89 19.17 -11.38
C5 NPO F . -13.06 20.03 -10.29
C6 NPO F . -14.23 19.99 -9.57
OH NPO F . -11.72 19.26 -12.08
N1 NPO F . -16.48 19.04 -9.18
O2 NPO F . -16.58 19.76 -8.17
O3 NPO F . -17.41 18.35 -9.58
PA FDA G . 21.90 6.94 5.19
O1A FDA G . 22.48 5.93 6.12
O2A FDA G . 22.85 7.40 4.09
O5B FDA G . 20.58 6.34 4.53
C5B FDA G . 19.89 7.01 3.44
C4B FDA G . 18.92 6.05 2.70
O4B FDA G . 19.59 4.99 1.99
C3B FDA G . 17.94 5.35 3.66
O3B FDA G . 16.69 5.16 2.98
C2B FDA G . 18.62 4.03 3.93
O2B FDA G . 17.69 2.99 4.29
C1B FDA G . 19.22 3.74 2.55
N9A FDA G . 20.38 2.84 2.76
C8A FDA G . 21.60 3.28 3.15
N7A FDA G . 22.42 2.25 3.29
C5A FDA G . 21.67 1.12 3.00
C6A FDA G . 21.98 -0.27 2.96
N6A FDA G . 23.22 -0.70 3.24
N1A FDA G . 21.05 -1.18 2.62
C2A FDA G . 19.85 -0.70 2.33
N3A FDA G . 19.44 0.56 2.32
C4A FDA G . 20.37 1.51 2.65
N1 FDA G . 21.58 11.18 15.35
C2 FDA G . 21.98 11.18 16.68
O2 FDA G . 22.86 10.41 17.05
N3 FDA G . 21.40 11.99 17.62
C4 FDA G . 20.43 12.81 17.17
O4 FDA G . 19.93 13.52 18.03
C4X FDA G . 20.02 12.83 15.82
N5 FDA G . 19.03 13.68 15.48
C5X FDA G . 18.65 13.71 14.17
C6 FDA G . 17.67 14.61 13.71
C7 FDA G . 17.25 14.65 12.36
C7M FDA G . 16.17 15.61 11.92
C8 FDA G . 17.85 13.80 11.43
C8M FDA G . 17.48 13.80 9.97
C9 FDA G . 18.83 12.94 11.89
C9A FDA G . 19.26 12.86 13.21
N10 FDA G . 20.23 11.99 13.65
C10 FDA G . 20.62 11.99 14.90
C1' FDA G . 20.91 11.12 12.68
C2' FDA G . 19.98 10.00 12.10
O2' FDA G . 19.96 8.89 13.00
C3' FDA G . 20.39 9.54 10.69
O3' FDA G . 19.96 10.50 9.70
C4' FDA G . 19.78 8.16 10.32
O4' FDA G . 20.53 7.14 10.98
C5' FDA G . 19.83 7.90 8.83
O5' FDA G . 21.20 8.02 8.42
P FDA G . 21.67 8.89 7.22
O1P FDA G . 23.16 8.98 7.15
O2P FDA G . 20.99 10.24 7.32
O3P FDA G . 21.22 7.96 5.95
PA FDA H . 15.13 -17.08 -6.51
O1A FDA H . 16.03 -16.40 -7.46
O2A FDA H . 15.85 -18.00 -5.53
O5B FDA H . 14.31 -15.98 -5.71
C5B FDA H . 13.60 -16.22 -4.48
C4B FDA H . 13.13 -14.90 -3.84
O4B FDA H . 14.21 -14.21 -3.16
C3B FDA H . 12.57 -13.85 -4.86
O3B FDA H . 11.56 -13.05 -4.23
C2B FDA H . 13.78 -13.07 -5.18
O2B FDA H . 13.50 -11.73 -5.59
C1B FDA H . 14.47 -13.00 -3.82
N9A FDA H . 15.90 -12.81 -4.06
C8A FDA H . 16.75 -13.79 -4.43
N7A FDA H . 17.98 -13.29 -4.56
C5A FDA H . 17.88 -11.94 -4.28
C6A FDA H . 18.82 -10.87 -4.29
N6A FDA H . 20.10 -11.07 -4.59
N1A FDA H . 18.43 -9.62 -3.98
C2A FDA H . 17.13 -9.47 -3.69
N3A FDA H . 16.18 -10.39 -3.65
C4A FDA H . 16.55 -11.65 -3.96
N1 FDA H . 11.93 -20.46 -16.58
C2 FDA H . 12.11 -20.71 -17.93
O2 FDA H . 13.20 -20.55 -18.44
N3 FDA H . 11.11 -21.10 -18.76
C4 FDA H . 9.92 -21.24 -18.19
O4 FDA H . 9.02 -21.61 -18.96
C4X FDA H . 9.69 -21.02 -16.80
N5 FDA H . 8.44 -21.20 -16.33
C5X FDA H . 8.24 -21.03 -14.99
C6 FDA H . 6.96 -21.26 -14.47
C7 FDA H . 6.72 -21.08 -13.11
C7M FDA H . 5.33 -21.32 -12.60
C8 FDA H . 7.73 -20.66 -12.27
C8M FDA H . 7.45 -20.43 -10.79
C9 FDA H . 9.00 -20.42 -12.78
C9A FDA H . 9.30 -20.59 -14.13
N10 FDA H . 10.53 -20.36 -14.70
C10 FDA H . 10.75 -20.61 -15.99
C1' FDA H . 11.66 -19.94 -13.83
C2' FDA H . 11.47 -18.47 -13.20
O2' FDA H . 11.98 -17.42 -14.02
C3' FDA H . 12.16 -18.32 -11.86
O3' FDA H . 11.39 -18.98 -10.86
C4' FDA H . 12.19 -16.84 -11.43
O4' FDA H . 13.07 -16.10 -12.28
C5' FDA H . 12.61 -16.68 -9.99
O5' FDA H . 13.69 -17.59 -9.74
P FDA H . 13.76 -18.51 -8.49
O1P FDA H . 15.03 -19.29 -8.37
O2P FDA H . 12.50 -19.36 -8.47
O3P FDA H . 13.95 -17.57 -7.22
C1 NPO I . -3.79 -16.31 -5.53
C2 NPO I . -3.65 -14.92 -5.64
C3 NPO I . -2.83 -14.27 -4.75
C4 NPO I . -2.16 -14.97 -3.75
C5 NPO I . -2.31 -16.35 -3.65
C6 NPO I . -3.13 -17.03 -4.53
OH NPO I . -1.37 -14.27 -2.88
N1 NPO I . -4.63 -17.01 -6.48
O2 NPO I . -4.95 -16.43 -7.52
O3 NPO I . -4.96 -18.16 -6.23
PA FDA J . -21.91 -8.28 1.24
O1A FDA J . -22.38 -7.70 2.51
O2A FDA J . -22.93 -8.35 0.14
O5B FDA J . -20.65 -7.47 0.74
C5B FDA J . -20.00 -7.63 -0.51
C4B FDA J . -18.95 -6.53 -0.67
O4B FDA J . -19.65 -5.26 -0.80
C3B FDA J . -18.03 -6.39 0.55
O3B FDA J . -16.72 -5.94 0.17
C2B FDA J . -18.73 -5.36 1.36
O2B FDA J . -17.88 -4.66 2.25
C1B FDA J . -19.25 -4.43 0.26
N9A FDA J . -20.43 -3.72 0.73
C8A FDA J . -21.60 -4.31 0.84
N7A FDA J . -22.51 -3.46 1.30
C5A FDA J . -21.81 -2.27 1.49
C6A FDA J . -22.21 -0.97 1.93
N6A FDA J . -23.48 -0.73 2.29
N1A FDA J . -21.32 0.03 1.97
C2A FDA J . -20.09 -0.26 1.59
N3A FDA J . -19.61 -1.41 1.17
C4A FDA J . -20.48 -2.45 1.11
N1 FDA J . -21.93 -16.16 8.77
C2 FDA J . -22.41 -16.69 9.94
O2 FDA J . -23.35 -16.11 10.51
N3 FDA J . -21.89 -17.84 10.52
C4 FDA J . -20.88 -18.42 9.86
O4 FDA J . -20.38 -19.46 10.36
C4X FDA J . -20.38 -17.92 8.65
N5 FDA J . -19.39 -18.58 8.06
C5X FDA J . -18.96 -18.10 6.85
C6 FDA J . -17.94 -18.80 6.17
C7 FDA J . -17.48 -18.33 4.98
C7M FDA J . -16.35 -19.06 4.29
C8 FDA J . -18.04 -17.20 4.42
C8M FDA J . -17.51 -16.71 3.10
C9 FDA J . -19.03 -16.52 5.05
C9A FDA J . -19.50 -16.93 6.28
N10 FDA J . -20.51 -16.31 6.97
C10 FDA J . -20.96 -16.77 8.11
C1' FDA J . -21.13 -15.09 6.40
C2' FDA J . -20.19 -13.84 6.49
O2' FDA J . -20.29 -13.22 7.78
C3' FDA J . -20.53 -12.84 5.34
O3' FDA J . -19.94 -13.35 4.16
C4' FDA J . -19.94 -11.43 5.47
O4' FDA J . -20.58 -10.75 6.54
C5' FDA J . -20.09 -10.60 4.21
O5' FDA J . -21.44 -10.63 3.76
P FDA J . -21.85 -10.89 2.32
O1P FDA J . -23.31 -10.92 2.11
O2P FDA J . -21.15 -12.15 1.85
O3P FDA J . -21.32 -9.57 1.51
C1 NPO K . -5.40 -16.94 -1.51
C2 NPO K . -6.36 -16.80 -2.50
C3 NPO K . -6.66 -15.53 -2.96
C4 NPO K . -6.01 -14.43 -2.43
C5 NPO K . -5.05 -14.58 -1.44
C6 NPO K . -4.74 -15.84 -0.96
OH NPO K . -6.31 -13.17 -2.90
N1 NPO K . -5.08 -18.27 -1.00
O2 NPO K . -4.98 -18.44 0.23
O3 NPO K . -5.00 -19.19 -1.81
#